data_9ENJ
#
_entry.id   9ENJ
#
_cell.length_a   84.760
_cell.length_b   130.790
_cell.length_c   107.300
_cell.angle_alpha   90.000
_cell.angle_beta   95.655
_cell.angle_gamma   90.000
#
_symmetry.space_group_name_H-M   'P 1 21 1'
#
loop_
_entity.id
_entity.type
_entity.pdbx_description
1 polymer 'L-amino acid oxidase 4'
2 non-polymer 'DIHYDROFLAVINE-ADENINE DINUCLEOTIDE'
3 non-polymer 'GLUTAMIC ACID'
4 non-polymer 'SULFATE ION'
5 non-polymer R-1,2-PROPANEDIOL
6 non-polymer S-1,2-PROPANEDIOL
7 water water
#
_entity_poly.entity_id   1
_entity_poly.type   'polypeptide(L)'
_entity_poly.pdbx_seq_one_letter_code
;NISVPSSPPGGERVGILGAGIGGLYSALILQSLDVPFEIIEASNRVGGRLFTHKFPNGGKYDYYDVGAMRYPLPKSDDKG
NYQPGVMQRVGQLFTYLGMHKQLIPYYFKSNKSPGFQYFNGVRARIGEGSSFDAPALGINSSLIDIGVTKIVNDAVGPFA
QALFDDLQKHTTTGWDDMMKNDAYSTRSYFSFKYLPSPSFGLPSEHFSTRVINWLETFDKSTGWYDRGLTETVLEAIAFG
EVGDGEVDWRCIDGGSHVLPDTIAAFLHKKGGNAFVMNASVTAIGLENPNKEDSPMVVVAGGQKRKYSHVISTLPLPVLR
TVDLKNSKLDIVQSNALRKLQYGPSIKIGILFKEPWWTTGQDKNGEKFDLVGGQSYTDLPIRTVVYPSYGVNTNAPSNTL
IASYCWTNDAERMGSLIGTGAATYEEQLEHLVLSNLAAVHNTDYQYLKDRLVDVHSWDWNHNPLTMGAFAFFGPGDFQDL
YTSLNRPAANGKLHFAGEALSVRHAWVVGALDSAWRAVYNYLYVTDPAKLPKFFELWGKNAEWFEQPGDGKEPNSDNSLL
EK
;
_entity_poly.pdbx_strand_id   A,B,C,D
#
# COMPACT_ATOMS: atom_id res chain seq x y z
N GLY A 11 -16.23 47.75 13.84
CA GLY A 11 -16.20 46.89 12.67
C GLY A 11 -16.50 45.45 13.00
N GLU A 12 -17.67 44.98 12.56
CA GLU A 12 -18.12 43.62 12.81
C GLU A 12 -17.81 42.75 11.61
N ARG A 13 -17.24 41.57 11.87
CA ARG A 13 -17.04 40.56 10.84
C ARG A 13 -17.07 39.20 11.53
N VAL A 14 -18.02 38.35 11.14
CA VAL A 14 -18.24 37.07 11.78
C VAL A 14 -17.50 35.98 11.01
N GLY A 15 -16.68 35.21 11.74
CA GLY A 15 -16.05 34.05 11.16
C GLY A 15 -16.91 32.81 11.30
N ILE A 16 -17.38 32.28 10.18
CA ILE A 16 -18.20 31.06 10.17
C ILE A 16 -17.29 29.88 9.84
N LEU A 17 -17.23 28.92 10.75
CA LEU A 17 -16.38 27.75 10.59
C LEU A 17 -17.21 26.60 10.03
N GLY A 18 -16.89 26.16 8.82
CA GLY A 18 -17.59 25.05 8.19
C GLY A 18 -18.57 25.50 7.12
N ALA A 19 -18.37 25.00 5.90
CA ALA A 19 -19.25 25.31 4.77
C ALA A 19 -20.32 24.22 4.56
N GLY A 20 -20.75 23.57 5.64
CA GLY A 20 -21.91 22.71 5.58
C GLY A 20 -23.18 23.54 5.52
N ILE A 21 -24.32 22.83 5.60
CA ILE A 21 -25.59 23.52 5.49
C ILE A 21 -25.79 24.48 6.66
N GLY A 22 -25.24 24.14 7.84
CA GLY A 22 -25.35 25.04 8.98
C GLY A 22 -24.59 26.33 8.79
N GLY A 23 -23.36 26.25 8.29
CA GLY A 23 -22.58 27.46 8.06
C GLY A 23 -23.10 28.26 6.89
N LEU A 24 -23.53 27.59 5.82
CA LEU A 24 -24.11 28.30 4.68
C LEU A 24 -25.40 29.01 5.08
N TYR A 25 -26.22 28.36 5.90
CA TYR A 25 -27.45 28.99 6.38
C TYR A 25 -27.12 30.20 7.26
N SER A 26 -26.17 30.04 8.18
CA SER A 26 -25.71 31.19 8.95
C SER A 26 -25.30 32.33 8.03
N ALA A 27 -24.60 32.01 6.93
CA ALA A 27 -24.15 33.05 6.00
C ALA A 27 -25.34 33.71 5.30
N LEU A 28 -26.34 32.92 4.91
CA LEU A 28 -27.54 33.50 4.29
C LEU A 28 -28.19 34.50 5.24
N ILE A 29 -28.33 34.13 6.51
CA ILE A 29 -28.95 35.03 7.48
C ILE A 29 -28.14 36.31 7.59
N LEU A 30 -26.83 36.19 7.85
CA LEU A 30 -26.00 37.37 8.03
C LEU A 30 -26.03 38.25 6.78
N GLN A 31 -26.01 37.63 5.60
CA GLN A 31 -26.05 38.42 4.36
CA GLN A 31 -26.05 38.42 4.37
C GLN A 31 -27.36 39.18 4.24
N SER A 32 -28.47 38.56 4.65
CA SER A 32 -29.76 39.24 4.59
C SER A 32 -29.83 40.38 5.59
N LEU A 33 -28.96 40.39 6.60
CA LEU A 33 -28.92 41.43 7.61
C LEU A 33 -27.74 42.38 7.44
N ASP A 34 -26.99 42.26 6.34
CA ASP A 34 -25.88 43.15 6.03
C ASP A 34 -24.79 43.10 7.10
N VAL A 35 -24.46 41.90 7.54
CA VAL A 35 -23.38 41.66 8.49
C VAL A 35 -22.22 41.01 7.73
N PRO A 36 -21.03 41.63 7.71
CA PRO A 36 -19.90 40.99 7.02
C PRO A 36 -19.53 39.66 7.67
N PHE A 37 -19.08 38.71 6.84
CA PHE A 37 -18.71 37.39 7.33
C PHE A 37 -17.70 36.77 6.40
N GLU A 38 -17.03 35.74 6.90
CA GLU A 38 -16.20 34.85 6.10
C GLU A 38 -16.48 33.41 6.50
N ILE A 39 -16.46 32.52 5.52
CA ILE A 39 -16.67 31.09 5.75
C ILE A 39 -15.33 30.39 5.57
N ILE A 40 -14.89 29.68 6.60
CA ILE A 40 -13.65 28.90 6.56
C ILE A 40 -14.03 27.44 6.42
N GLU A 41 -13.47 26.78 5.40
CA GLU A 41 -13.81 25.40 5.08
C GLU A 41 -12.52 24.60 4.93
N ALA A 42 -12.46 23.45 5.60
CA ALA A 42 -11.24 22.63 5.56
C ALA A 42 -11.07 21.97 4.19
N SER A 43 -12.15 21.57 3.56
CA SER A 43 -12.07 20.78 2.34
C SER A 43 -12.11 21.70 1.12
N ASN A 44 -12.20 21.09 -0.07
CA ASN A 44 -12.30 21.81 -1.32
C ASN A 44 -13.74 21.90 -1.83
N ARG A 45 -14.71 21.55 -0.99
CA ARG A 45 -16.11 21.50 -1.38
C ARG A 45 -16.97 22.07 -0.27
N VAL A 46 -18.18 22.51 -0.65
CA VAL A 46 -19.18 22.94 0.30
C VAL A 46 -20.27 21.87 0.36
N GLY A 47 -21.08 21.94 1.42
CA GLY A 47 -22.20 21.05 1.63
C GLY A 47 -22.03 20.09 2.79
N GLY A 48 -20.81 19.72 3.10
CA GLY A 48 -20.56 18.84 4.25
C GLY A 48 -21.28 17.52 4.09
N ARG A 49 -22.15 17.21 5.04
CA ARG A 49 -22.87 15.94 5.04
C ARG A 49 -24.04 15.92 4.05
N LEU A 50 -24.23 16.99 3.28
CA LEU A 50 -24.99 16.92 2.03
C LEU A 50 -23.98 16.58 0.94
N PHE A 51 -23.95 15.31 0.54
CA PHE A 51 -22.88 14.78 -0.31
C PHE A 51 -23.52 13.86 -1.33
N THR A 52 -23.57 14.32 -2.58
CA THR A 52 -24.16 13.55 -3.67
C THR A 52 -23.03 12.94 -4.49
N HIS A 53 -23.02 11.62 -4.60
CA HIS A 53 -22.05 10.91 -5.41
C HIS A 53 -22.67 10.60 -6.77
N LYS A 54 -22.02 11.06 -7.83
CA LYS A 54 -22.43 10.76 -9.20
C LYS A 54 -21.55 9.65 -9.75
N PHE A 55 -22.18 8.60 -10.28
CA PHE A 55 -21.43 7.53 -10.93
C PHE A 55 -21.03 7.98 -12.33
N PRO A 56 -19.75 8.00 -12.66
CA PRO A 56 -19.34 8.52 -13.99
C PRO A 56 -19.93 7.73 -15.15
N ASN A 57 -20.13 6.42 -14.99
CA ASN A 57 -20.58 5.58 -16.09
C ASN A 57 -22.09 5.59 -16.28
N GLY A 58 -22.82 6.40 -15.50
CA GLY A 58 -24.26 6.41 -15.54
C GLY A 58 -24.84 7.63 -16.23
N GLY A 59 -26.17 7.69 -16.21
CA GLY A 59 -26.92 8.78 -16.81
C GLY A 59 -27.26 9.88 -15.83
N LYS A 60 -28.23 10.69 -16.21
CA LYS A 60 -28.56 11.89 -15.45
C LYS A 60 -28.90 11.57 -13.99
N TYR A 61 -29.66 10.50 -13.75
CA TYR A 61 -30.11 10.18 -12.41
C TYR A 61 -29.33 9.04 -11.78
N ASP A 62 -28.14 8.75 -12.29
CA ASP A 62 -27.29 7.73 -11.69
C ASP A 62 -26.34 8.35 -10.67
N TYR A 63 -26.97 8.90 -9.63
CA TYR A 63 -26.29 9.40 -8.45
C TYR A 63 -26.99 8.85 -7.22
N TYR A 64 -26.37 9.04 -6.06
CA TYR A 64 -27.05 8.77 -4.80
C TYR A 64 -26.49 9.70 -3.75
N ASP A 65 -27.31 9.99 -2.75
CA ASP A 65 -26.92 10.89 -1.67
C ASP A 65 -26.28 10.08 -0.56
N VAL A 66 -25.00 10.36 -0.31
CA VAL A 66 -24.25 9.64 0.73
C VAL A 66 -24.69 10.09 2.11
N GLY A 67 -25.19 11.32 2.23
CA GLY A 67 -25.72 11.82 3.48
C GLY A 67 -27.21 12.09 3.37
N ALA A 68 -27.60 13.36 3.49
CA ALA A 68 -29.02 13.69 3.52
C ALA A 68 -29.66 13.40 2.17
N MET A 69 -30.89 12.85 2.20
CA MET A 69 -31.55 12.43 0.98
C MET A 69 -33.07 12.57 1.02
N ARG A 70 -33.67 12.74 2.22
CA ARG A 70 -35.12 12.74 2.34
C ARG A 70 -35.57 13.75 3.39
N TYR A 71 -36.63 14.48 3.09
CA TYR A 71 -37.06 15.60 3.94
C TYR A 71 -38.55 15.50 4.24
N PRO A 72 -38.94 15.18 5.48
CA PRO A 72 -40.37 15.17 5.82
C PRO A 72 -40.90 16.57 6.11
N LEU A 73 -41.30 17.28 5.07
CA LEU A 73 -41.67 18.68 5.19
C LEU A 73 -43.15 18.82 5.50
N PRO A 74 -43.57 19.97 6.02
CA PRO A 74 -45.00 20.24 6.14
C PRO A 74 -45.64 20.39 4.77
N LYS A 75 -46.97 20.38 4.76
CA LYS A 75 -47.69 20.71 3.54
C LYS A 75 -47.33 22.12 3.11
N SER A 76 -47.43 22.38 1.81
CA SER A 76 -47.12 23.69 1.26
C SER A 76 -48.10 24.01 0.15
N ASP A 77 -48.28 25.32 -0.08
CA ASP A 77 -49.16 25.78 -1.13
C ASP A 77 -48.38 25.98 -2.42
N ASP A 78 -49.08 26.46 -3.46
CA ASP A 78 -48.47 26.63 -4.76
C ASP A 78 -47.33 27.64 -4.76
N LYS A 79 -47.32 28.56 -3.82
CA LYS A 79 -46.31 29.62 -3.74
C LYS A 79 -45.12 29.25 -2.87
N GLY A 80 -45.08 28.05 -2.31
CA GLY A 80 -43.98 27.65 -1.47
C GLY A 80 -44.12 28.03 -0.01
N ASN A 81 -45.30 28.44 0.43
CA ASN A 81 -45.55 28.70 1.84
C ASN A 81 -45.85 27.38 2.54
N TYR A 82 -45.09 27.08 3.59
CA TYR A 82 -45.21 25.82 4.31
C TYR A 82 -46.03 26.01 5.58
N GLN A 83 -46.90 25.04 5.85
CA GLN A 83 -47.66 25.05 7.08
CA GLN A 83 -47.66 25.04 7.08
C GLN A 83 -46.72 24.91 8.27
N PRO A 84 -47.18 25.31 9.47
CA PRO A 84 -46.35 25.09 10.66
C PRO A 84 -46.00 23.62 10.79
N GLY A 85 -44.78 23.35 11.26
CA GLY A 85 -44.34 21.99 11.41
C GLY A 85 -42.88 21.92 11.81
N VAL A 86 -42.45 20.70 12.13
CA VAL A 86 -41.10 20.48 12.63
C VAL A 86 -40.07 21.02 11.64
N MET A 87 -40.32 20.86 10.34
CA MET A 87 -39.34 21.21 9.32
C MET A 87 -39.86 22.30 8.39
N GLN A 88 -40.73 23.16 8.89
CA GLN A 88 -41.11 24.35 8.13
C GLN A 88 -39.88 25.16 7.74
N ARG A 89 -38.90 25.23 8.65
CA ARG A 89 -37.70 26.01 8.39
C ARG A 89 -36.96 25.49 7.16
N VAL A 90 -36.93 24.17 6.97
CA VAL A 90 -36.29 23.61 5.78
C VAL A 90 -37.07 24.00 4.53
N GLY A 91 -38.40 23.85 4.57
CA GLY A 91 -39.20 24.21 3.41
C GLY A 91 -39.05 25.67 3.02
N GLN A 92 -39.12 26.56 4.00
CA GLN A 92 -39.00 27.99 3.70
C GLN A 92 -37.63 28.32 3.12
N LEU A 93 -36.59 27.57 3.50
CA LEU A 93 -35.28 27.78 2.90
C LEU A 93 -35.32 27.44 1.41
N PHE A 94 -35.92 26.31 1.06
CA PHE A 94 -36.08 25.96 -0.35
C PHE A 94 -36.79 27.08 -1.11
N THR A 95 -37.91 27.56 -0.57
CA THR A 95 -38.66 28.62 -1.22
C THR A 95 -37.83 29.90 -1.33
N TYR A 96 -37.12 30.24 -0.25
CA TYR A 96 -36.30 31.45 -0.26
C TYR A 96 -35.29 31.43 -1.40
N LEU A 97 -34.76 30.25 -1.72
CA LEU A 97 -33.75 30.09 -2.76
C LEU A 97 -34.36 29.83 -4.13
N GLY A 98 -35.68 29.85 -4.27
CA GLY A 98 -36.29 29.56 -5.54
C GLY A 98 -36.24 28.10 -5.92
N MET A 99 -36.18 27.20 -4.94
CA MET A 99 -36.05 25.77 -5.19
C MET A 99 -37.32 24.99 -4.95
N HIS A 100 -38.43 25.66 -4.61
CA HIS A 100 -39.64 24.93 -4.25
C HIS A 100 -40.09 24.02 -5.39
N LYS A 101 -40.05 24.51 -6.62
CA LYS A 101 -40.47 23.73 -7.78
C LYS A 101 -39.44 22.69 -8.19
N GLN A 102 -38.25 22.70 -7.59
CA GLN A 102 -37.24 21.67 -7.81
C GLN A 102 -37.37 20.51 -6.84
N LEU A 103 -38.28 20.60 -5.87
CA LEU A 103 -38.53 19.50 -4.95
C LEU A 103 -39.43 18.45 -5.62
N ILE A 104 -39.04 17.20 -5.50
CA ILE A 104 -39.78 16.09 -6.11
C ILE A 104 -40.19 15.14 -5.01
N PRO A 105 -41.18 14.27 -5.27
CA PRO A 105 -41.63 13.35 -4.22
C PRO A 105 -40.54 12.36 -3.81
N TYR A 106 -40.44 12.14 -2.51
CA TYR A 106 -39.63 11.05 -1.97
C TYR A 106 -40.60 10.00 -1.45
N TYR A 107 -40.50 8.79 -1.99
CA TYR A 107 -41.41 7.71 -1.65
C TYR A 107 -40.81 6.93 -0.48
N PHE A 108 -41.29 7.21 0.73
CA PHE A 108 -40.82 6.49 1.91
C PHE A 108 -41.19 5.02 1.81
N LYS A 109 -42.41 4.73 1.38
CA LYS A 109 -42.83 3.40 0.97
C LYS A 109 -42.87 3.36 -0.55
N SER A 110 -42.86 2.15 -1.09
CA SER A 110 -42.91 1.99 -2.54
C SER A 110 -44.19 2.60 -3.10
N ASN A 111 -44.08 3.24 -4.26
CA ASN A 111 -45.25 3.81 -4.93
C ASN A 111 -46.02 2.77 -5.75
N LYS A 112 -45.51 1.54 -5.86
CA LYS A 112 -46.19 0.47 -6.57
C LYS A 112 -46.41 -0.66 -5.58
N SER A 113 -45.82 -1.83 -5.80
CA SER A 113 -45.97 -2.92 -4.85
C SER A 113 -45.10 -2.67 -3.62
N PRO A 114 -45.48 -3.20 -2.46
CA PRO A 114 -44.74 -2.89 -1.23
C PRO A 114 -43.33 -3.46 -1.25
N GLY A 115 -42.46 -2.80 -0.48
CA GLY A 115 -41.12 -3.30 -0.28
C GLY A 115 -41.10 -4.61 0.49
N PHE A 116 -39.92 -5.20 0.57
CA PHE A 116 -39.73 -6.51 1.18
C PHE A 116 -39.30 -6.41 2.64
N GLN A 117 -39.64 -7.45 3.40
CA GLN A 117 -39.11 -7.67 4.74
C GLN A 117 -38.52 -9.07 4.78
N TYR A 118 -37.30 -9.20 5.30
CA TYR A 118 -36.63 -10.50 5.39
C TYR A 118 -36.00 -10.63 6.77
N PHE A 119 -36.68 -11.34 7.67
CA PHE A 119 -36.24 -11.50 9.05
C PHE A 119 -36.37 -12.95 9.47
N ASN A 120 -35.34 -13.47 10.13
CA ASN A 120 -35.34 -14.85 10.61
C ASN A 120 -35.57 -15.85 9.48
N GLY A 121 -35.04 -15.54 8.29
CA GLY A 121 -35.21 -16.41 7.15
C GLY A 121 -36.57 -16.40 6.52
N VAL A 122 -37.46 -15.51 6.97
CA VAL A 122 -38.83 -15.43 6.46
C VAL A 122 -38.94 -14.17 5.61
N ARG A 123 -39.45 -14.33 4.39
CA ARG A 123 -39.61 -13.23 3.45
C ARG A 123 -41.07 -12.87 3.32
N ALA A 124 -41.36 -11.58 3.23
CA ALA A 124 -42.73 -11.11 3.09
C ALA A 124 -42.71 -9.68 2.58
N ARG A 125 -43.86 -9.23 2.10
CA ARG A 125 -44.05 -7.84 1.70
C ARG A 125 -44.53 -7.04 2.89
N ILE A 126 -44.10 -5.77 2.94
CA ILE A 126 -44.62 -4.86 3.96
C ILE A 126 -46.13 -4.84 3.87
N GLY A 127 -46.80 -5.05 5.02
CA GLY A 127 -48.24 -5.01 5.09
C GLY A 127 -48.92 -6.36 5.06
N GLU A 128 -48.18 -7.44 4.78
CA GLU A 128 -48.78 -8.76 4.71
C GLU A 128 -48.99 -9.39 6.09
N GLY A 129 -48.53 -8.75 7.15
CA GLY A 129 -48.83 -9.23 8.49
C GLY A 129 -48.08 -10.49 8.89
N SER A 130 -46.87 -10.70 8.38
CA SER A 130 -46.09 -11.86 8.76
C SER A 130 -45.56 -11.70 10.18
N SER A 131 -45.41 -12.83 10.88
CA SER A 131 -44.81 -12.84 12.20
C SER A 131 -43.32 -13.12 12.17
N PHE A 132 -42.77 -13.52 11.03
CA PHE A 132 -41.34 -13.76 10.89
C PHE A 132 -40.83 -14.73 11.96
N ASP A 133 -41.60 -15.78 12.20
CA ASP A 133 -41.24 -16.84 13.15
C ASP A 133 -41.07 -16.32 14.57
N ALA A 134 -41.68 -15.18 14.89
CA ALA A 134 -41.57 -14.64 16.24
C ALA A 134 -42.00 -15.63 17.32
N PRO A 135 -43.02 -16.48 17.12
CA PRO A 135 -43.34 -17.47 18.17
C PRO A 135 -42.16 -18.35 18.55
N ALA A 136 -41.31 -18.69 17.59
CA ALA A 136 -40.12 -19.48 17.91
C ALA A 136 -39.13 -18.71 18.76
N LEU A 137 -39.20 -17.38 18.76
CA LEU A 137 -38.38 -16.56 19.64
C LEU A 137 -38.95 -16.42 21.04
N GLY A 138 -40.16 -16.93 21.28
CA GLY A 138 -40.81 -16.75 22.55
C GLY A 138 -41.70 -15.54 22.65
N ILE A 139 -42.00 -14.88 21.52
CA ILE A 139 -42.91 -13.74 21.52
C ILE A 139 -44.33 -14.28 21.51
N ASN A 140 -45.10 -13.98 22.55
CA ASN A 140 -46.44 -14.54 22.65
C ASN A 140 -47.35 -13.91 21.59
N SER A 141 -48.47 -14.60 21.33
CA SER A 141 -49.33 -14.21 20.21
C SER A 141 -49.98 -12.84 20.43
N SER A 142 -50.23 -12.46 21.68
CA SER A 142 -50.85 -11.16 21.95
C SER A 142 -49.93 -10.03 21.49
N LEU A 143 -48.64 -10.12 21.81
CA LEU A 143 -47.70 -9.08 21.38
C LEU A 143 -47.63 -9.02 19.85
N ILE A 144 -47.61 -10.18 19.20
CA ILE A 144 -47.54 -10.21 17.74
C ILE A 144 -48.78 -9.58 17.14
N ASP A 145 -49.96 -9.90 17.68
CA ASP A 145 -51.20 -9.35 17.13
C ASP A 145 -51.23 -7.83 17.25
N ILE A 146 -50.74 -7.29 18.38
CA ILE A 146 -50.71 -5.84 18.54
C ILE A 146 -49.70 -5.21 17.57
N GLY A 147 -48.52 -5.79 17.50
CA GLY A 147 -47.52 -5.35 16.55
C GLY A 147 -46.52 -4.39 17.16
N VAL A 148 -45.31 -4.37 16.59
CA VAL A 148 -44.25 -3.52 17.11
C VAL A 148 -44.65 -2.05 17.05
N THR A 149 -45.26 -1.64 15.94
CA THR A 149 -45.55 -0.23 15.73
C THR A 149 -46.46 0.31 16.83
N LYS A 150 -47.55 -0.41 17.13
CA LYS A 150 -48.48 0.05 18.16
C LYS A 150 -47.83 0.06 19.53
N ILE A 151 -47.01 -0.95 19.83
CA ILE A 151 -46.35 -1.01 21.14
C ILE A 151 -45.41 0.17 21.30
N VAL A 152 -44.54 0.40 20.32
CA VAL A 152 -43.59 1.50 20.42
C VAL A 152 -44.30 2.84 20.47
N ASN A 153 -45.38 2.99 19.69
CA ASN A 153 -46.13 4.24 19.73
CA ASN A 153 -46.13 4.24 19.73
C ASN A 153 -46.77 4.47 21.09
N ASP A 154 -47.21 3.39 21.75
CA ASP A 154 -47.83 3.53 23.06
C ASP A 154 -46.82 4.02 24.09
N ALA A 155 -45.57 3.57 23.99
CA ALA A 155 -44.54 4.00 24.94
C ALA A 155 -44.04 5.40 24.61
N VAL A 156 -43.88 5.70 23.32
CA VAL A 156 -43.30 6.99 22.92
C VAL A 156 -44.37 8.07 22.86
N GLY A 157 -45.63 7.70 22.62
CA GLY A 157 -46.69 8.64 22.37
C GLY A 157 -46.80 9.77 23.37
N PRO A 158 -46.92 9.43 24.65
CA PRO A 158 -47.07 10.48 25.67
C PRO A 158 -45.97 11.53 25.63
N PHE A 159 -44.72 11.12 25.50
CA PHE A 159 -43.64 12.09 25.42
C PHE A 159 -43.74 12.91 24.13
N ALA A 160 -44.00 12.24 23.00
CA ALA A 160 -44.05 12.93 21.72
C ALA A 160 -45.19 13.94 21.69
N GLN A 161 -46.35 13.58 22.24
CA GLN A 161 -47.47 14.50 22.25
C GLN A 161 -47.17 15.74 23.08
N ALA A 162 -46.50 15.57 24.23
CA ALA A 162 -46.17 16.72 25.06
C ALA A 162 -45.19 17.65 24.35
N LEU A 163 -44.22 17.08 23.63
CA LEU A 163 -43.26 17.90 22.90
C LEU A 163 -43.93 18.60 21.72
N PHE A 164 -44.86 17.92 21.06
CA PHE A 164 -45.58 18.56 19.96
C PHE A 164 -46.46 19.70 20.48
N ASP A 165 -47.04 19.51 21.67
CA ASP A 165 -47.81 20.60 22.29
C ASP A 165 -46.91 21.79 22.60
N ASP A 166 -45.67 21.54 23.03
CA ASP A 166 -44.73 22.63 23.25
C ASP A 166 -44.59 23.48 21.99
N LEU A 167 -44.43 22.82 20.83
CA LEU A 167 -44.21 23.54 19.59
C LEU A 167 -45.46 24.31 19.17
N GLN A 168 -46.64 23.71 19.37
CA GLN A 168 -47.88 24.33 18.95
C GLN A 168 -48.35 25.43 19.89
N LYS A 169 -48.22 25.20 21.20
CA LYS A 169 -48.72 26.12 22.21
C LYS A 169 -47.63 27.05 22.75
N HIS A 170 -46.39 26.89 22.30
CA HIS A 170 -45.28 27.72 22.75
C HIS A 170 -45.06 27.58 24.25
N THR A 171 -44.71 26.37 24.66
CA THR A 171 -44.36 26.05 26.03
C THR A 171 -43.11 25.19 26.02
N THR A 172 -42.53 24.98 27.20
CA THR A 172 -41.36 24.11 27.36
C THR A 172 -41.59 23.06 28.43
N THR A 173 -42.81 22.91 28.93
CA THR A 173 -43.10 21.90 29.96
C THR A 173 -42.94 20.50 29.40
N GLY A 174 -43.30 20.29 28.14
CA GLY A 174 -43.07 19.00 27.52
C GLY A 174 -41.61 18.61 27.52
N TRP A 175 -40.73 19.57 27.21
CA TRP A 175 -39.30 19.30 27.26
C TRP A 175 -38.84 19.06 28.69
N ASP A 176 -39.34 19.85 29.64
CA ASP A 176 -38.99 19.64 31.04
C ASP A 176 -39.38 18.25 31.50
N ASP A 177 -40.55 17.76 31.07
CA ASP A 177 -40.97 16.42 31.44
C ASP A 177 -40.10 15.37 30.77
N MET A 178 -39.79 15.56 29.49
CA MET A 178 -38.86 14.67 28.80
C MET A 178 -37.52 14.60 29.54
N MET A 179 -37.04 15.74 30.04
CA MET A 179 -35.76 15.77 30.72
C MET A 179 -35.82 15.05 32.07
N LYS A 180 -36.98 15.03 32.72
CA LYS A 180 -37.12 14.22 33.92
C LYS A 180 -36.92 12.74 33.64
N ASN A 181 -37.10 12.32 32.39
CA ASN A 181 -36.91 10.92 31.99
C ASN A 181 -35.68 10.72 31.11
N ASP A 182 -34.79 11.72 31.02
CA ASP A 182 -33.68 11.64 30.08
C ASP A 182 -32.60 10.67 30.53
N ALA A 183 -32.58 10.27 31.80
CA ALA A 183 -31.62 9.26 32.24
C ALA A 183 -31.95 7.88 31.69
N TYR A 184 -33.13 7.70 31.12
CA TYR A 184 -33.50 6.43 30.51
C TYR A 184 -32.91 6.30 29.12
N SER A 185 -32.40 5.11 28.81
CA SER A 185 -32.35 4.68 27.43
C SER A 185 -33.73 4.13 27.05
N THR A 186 -33.95 3.94 25.74
CA THR A 186 -35.20 3.30 25.34
C THR A 186 -35.32 1.93 25.97
N ARG A 187 -34.20 1.21 26.05
CA ARG A 187 -34.20 -0.12 26.65
C ARG A 187 -34.56 -0.06 28.13
N SER A 188 -33.87 0.80 28.89
CA SER A 188 -34.10 0.86 30.32
C SER A 188 -35.50 1.41 30.64
N TYR A 189 -36.07 2.22 29.74
CA TYR A 189 -37.46 2.64 29.93
C TYR A 189 -38.42 1.46 29.80
N PHE A 190 -38.20 0.60 28.81
CA PHE A 190 -39.05 -0.59 28.68
C PHE A 190 -38.81 -1.57 29.81
N SER A 191 -37.55 -1.70 30.27
CA SER A 191 -37.23 -2.71 31.26
C SER A 191 -37.68 -2.33 32.66
N PHE A 192 -37.73 -1.04 32.98
CA PHE A 192 -37.92 -0.62 34.36
C PHE A 192 -39.07 0.35 34.60
N LYS A 193 -39.75 0.86 33.57
CA LYS A 193 -40.81 1.83 33.80
C LYS A 193 -42.06 1.58 32.97
N TYR A 194 -41.91 1.38 31.66
CA TYR A 194 -43.07 1.28 30.79
C TYR A 194 -43.96 0.11 31.19
N LEU A 195 -45.27 0.36 31.18
CA LEU A 195 -46.28 -0.67 31.36
C LEU A 195 -47.29 -0.56 30.22
N PRO A 196 -47.72 -1.68 29.65
CA PRO A 196 -48.58 -1.62 28.47
C PRO A 196 -49.92 -0.97 28.77
N SER A 197 -50.48 -0.33 27.76
CA SER A 197 -51.82 0.23 27.88
C SER A 197 -52.79 -0.86 28.29
N PRO A 198 -53.67 -0.62 29.26
CA PRO A 198 -54.61 -1.67 29.66
C PRO A 198 -55.43 -2.21 28.50
N SER A 199 -55.65 -1.40 27.46
CA SER A 199 -56.42 -1.88 26.31
C SER A 199 -55.69 -2.97 25.52
N PHE A 200 -54.37 -3.11 25.72
CA PHE A 200 -53.65 -4.19 25.08
C PHE A 200 -54.00 -5.55 25.67
N GLY A 201 -54.54 -5.58 26.89
CA GLY A 201 -54.87 -6.85 27.51
C GLY A 201 -53.67 -7.70 27.87
N LEU A 202 -52.50 -7.10 27.98
CA LEU A 202 -51.28 -7.80 28.33
C LEU A 202 -51.06 -7.77 29.84
N PRO A 203 -50.24 -8.66 30.37
CA PRO A 203 -49.89 -8.58 31.80
C PRO A 203 -49.26 -7.22 32.10
N SER A 204 -49.65 -6.65 33.24
CA SER A 204 -49.13 -5.34 33.66
C SER A 204 -47.73 -5.54 34.25
N GLU A 205 -46.78 -5.76 33.34
CA GLU A 205 -45.40 -6.03 33.72
C GLU A 205 -44.48 -5.40 32.67
N HIS A 206 -43.25 -5.13 33.08
CA HIS A 206 -42.26 -4.62 32.15
C HIS A 206 -41.86 -5.71 31.17
N PHE A 207 -41.58 -5.30 29.93
CA PHE A 207 -41.20 -6.25 28.89
C PHE A 207 -39.86 -6.89 29.22
N SER A 208 -39.73 -8.16 28.85
CA SER A 208 -38.44 -8.84 28.96
C SER A 208 -37.48 -8.35 27.88
N THR A 209 -36.20 -8.67 28.08
CA THR A 209 -35.20 -8.31 27.09
C THR A 209 -35.51 -8.93 25.73
N ARG A 210 -36.00 -10.17 25.73
CA ARG A 210 -36.37 -10.82 24.47
C ARG A 210 -37.37 -9.98 23.69
N VAL A 211 -38.39 -9.46 24.38
CA VAL A 211 -39.40 -8.64 23.71
C VAL A 211 -38.81 -7.30 23.30
N ILE A 212 -38.00 -6.69 24.16
CA ILE A 212 -37.42 -5.38 23.86
C ILE A 212 -36.54 -5.46 22.61
N ASN A 213 -35.72 -6.52 22.52
CA ASN A 213 -34.87 -6.67 21.34
C ASN A 213 -35.68 -6.99 20.10
N TRP A 214 -36.83 -7.66 20.27
CA TRP A 214 -37.75 -7.85 19.15
C TRP A 214 -38.29 -6.53 18.66
N LEU A 215 -38.65 -5.63 19.60
CA LEU A 215 -39.08 -4.28 19.20
C LEU A 215 -37.97 -3.57 18.41
N GLU A 216 -36.75 -3.58 18.94
CA GLU A 216 -35.66 -2.87 18.28
C GLU A 216 -35.39 -3.43 16.89
N THR A 217 -35.52 -4.75 16.73
CA THR A 217 -35.22 -5.39 15.46
C THR A 217 -36.05 -4.79 14.33
N PHE A 218 -37.36 -4.61 14.56
CA PHE A 218 -38.25 -4.12 13.54
C PHE A 218 -38.46 -2.61 13.59
N ASP A 219 -38.16 -1.97 14.72
CA ASP A 219 -38.41 -0.54 14.86
C ASP A 219 -37.24 0.31 14.38
N LYS A 220 -36.01 -0.04 14.76
CA LYS A 220 -34.86 0.78 14.43
CA LYS A 220 -34.87 0.79 14.39
C LYS A 220 -33.67 -0.07 13.98
N SER A 221 -32.55 0.04 14.68
CA SER A 221 -31.32 -0.64 14.29
C SER A 221 -30.69 -1.28 15.51
N THR A 222 -29.74 -2.19 15.25
CA THR A 222 -29.10 -2.92 16.33
C THR A 222 -28.33 -1.96 17.22
N GLY A 223 -28.76 -1.84 18.48
CA GLY A 223 -28.13 -0.96 19.45
C GLY A 223 -28.82 0.38 19.62
N TRP A 224 -29.83 0.68 18.80
CA TRP A 224 -30.52 1.95 18.92
C TRP A 224 -31.08 2.16 20.32
N TYR A 225 -31.68 1.10 20.90
CA TYR A 225 -32.39 1.24 22.16
C TYR A 225 -31.46 1.47 23.35
N ASP A 226 -30.15 1.26 23.20
CA ASP A 226 -29.22 1.58 24.28
C ASP A 226 -28.85 3.07 24.30
N ARG A 227 -29.29 3.84 23.31
CA ARG A 227 -29.10 5.27 23.31
C ARG A 227 -30.25 5.93 24.07
N GLY A 228 -30.26 7.25 24.10
CA GLY A 228 -31.20 7.97 24.94
C GLY A 228 -32.64 7.76 24.50
N LEU A 229 -33.52 7.54 25.48
CA LEU A 229 -34.95 7.53 25.20
C LEU A 229 -35.37 8.80 24.49
N THR A 230 -34.79 9.93 24.88
CA THR A 230 -35.18 11.21 24.29
C THR A 230 -34.96 11.22 22.78
N GLU A 231 -33.86 10.64 22.32
CA GLU A 231 -33.62 10.60 20.87
C GLU A 231 -34.69 9.79 20.16
N THR A 232 -35.12 8.69 20.78
CA THR A 232 -36.22 7.91 20.20
C THR A 232 -37.49 8.75 20.10
N VAL A 233 -37.79 9.54 21.14
CA VAL A 233 -38.97 10.39 21.11
C VAL A 233 -38.80 11.48 20.06
N LEU A 234 -37.65 12.16 20.07
CA LEU A 234 -37.42 13.23 19.11
C LEU A 234 -37.41 12.71 17.68
N GLU A 235 -36.96 11.47 17.49
CA GLU A 235 -36.91 10.92 16.14
C GLU A 235 -38.31 10.63 15.61
N ALA A 236 -39.21 10.17 16.50
CA ALA A 236 -40.59 9.93 16.09
C ALA A 236 -41.27 11.23 15.66
N ILE A 237 -40.94 12.34 16.33
CA ILE A 237 -41.49 13.62 15.94
C ILE A 237 -40.96 14.05 14.58
N ALA A 238 -39.65 13.86 14.36
CA ALA A 238 -39.05 14.27 13.09
C ALA A 238 -39.59 13.45 11.92
N PHE A 239 -39.77 12.14 12.11
CA PHE A 239 -40.29 11.28 11.07
C PHE A 239 -41.80 11.43 10.86
N GLY A 240 -42.46 12.29 11.62
CA GLY A 240 -43.89 12.49 11.46
C GLY A 240 -44.76 11.42 12.07
N GLU A 241 -44.20 10.57 12.92
CA GLU A 241 -44.97 9.50 13.54
C GLU A 241 -45.73 9.98 14.77
N VAL A 242 -46.41 11.12 14.64
CA VAL A 242 -47.15 11.69 15.77
C VAL A 242 -48.40 12.38 15.23
N GLU A 246 -50.14 16.10 8.31
CA GLU A 246 -49.31 15.06 7.71
C GLU A 246 -48.05 15.66 7.08
N VAL A 247 -47.15 14.79 6.65
CA VAL A 247 -45.85 15.18 6.12
C VAL A 247 -45.79 14.91 4.62
N ASP A 248 -45.12 15.80 3.90
CA ASP A 248 -44.82 15.63 2.48
C ASP A 248 -43.36 15.24 2.36
N TRP A 249 -43.10 13.96 2.13
CA TRP A 249 -41.73 13.49 1.95
C TRP A 249 -41.21 14.00 0.61
N ARG A 250 -40.10 14.72 0.64
CA ARG A 250 -39.50 15.30 -0.55
C ARG A 250 -38.02 15.00 -0.61
N CYS A 251 -37.49 14.97 -1.83
CA CYS A 251 -36.07 15.00 -2.09
C CYS A 251 -35.81 16.05 -3.16
N ILE A 252 -34.53 16.32 -3.41
CA ILE A 252 -34.12 17.41 -4.30
C ILE A 252 -33.73 16.81 -5.65
N ASP A 253 -34.34 17.32 -6.71
CA ASP A 253 -34.03 16.85 -8.06
C ASP A 253 -32.56 17.15 -8.37
N GLY A 254 -31.81 16.10 -8.71
CA GLY A 254 -30.39 16.22 -8.96
C GLY A 254 -29.52 15.88 -7.77
N GLY A 255 -30.10 15.68 -6.60
CA GLY A 255 -29.36 15.34 -5.40
C GLY A 255 -29.33 16.50 -4.41
N SER A 256 -29.11 16.15 -3.15
CA SER A 256 -29.09 17.16 -2.09
C SER A 256 -28.01 18.19 -2.30
N HIS A 257 -26.99 17.89 -3.10
CA HIS A 257 -25.91 18.85 -3.35
C HIS A 257 -26.43 20.15 -3.92
N VAL A 258 -27.57 20.11 -4.62
CA VAL A 258 -28.11 21.31 -5.25
C VAL A 258 -28.37 22.39 -4.21
N LEU A 259 -28.75 22.00 -2.99
CA LEU A 259 -29.07 22.99 -1.97
C LEU A 259 -27.85 23.82 -1.58
N PRO A 260 -26.76 23.22 -1.08
CA PRO A 260 -25.59 24.04 -0.75
C PRO A 260 -24.95 24.70 -1.96
N ASP A 261 -24.96 24.05 -3.11
CA ASP A 261 -24.44 24.68 -4.32
C ASP A 261 -25.22 25.95 -4.66
N THR A 262 -26.55 25.89 -4.49
CA THR A 262 -27.38 27.07 -4.78
C THR A 262 -27.09 28.19 -3.80
N ILE A 263 -26.94 27.85 -2.52
CA ILE A 263 -26.61 28.87 -1.52
C ILE A 263 -25.26 29.52 -1.86
N ALA A 264 -24.26 28.69 -2.19
CA ALA A 264 -22.94 29.22 -2.51
C ALA A 264 -22.98 30.19 -3.69
N ALA A 265 -23.66 29.78 -4.77
CA ALA A 265 -23.76 30.66 -5.93
C ALA A 265 -24.49 31.95 -5.58
N PHE A 266 -25.47 31.87 -4.69
CA PHE A 266 -26.18 33.06 -4.24
C PHE A 266 -25.26 34.01 -3.49
N LEU A 267 -24.46 33.47 -2.56
CA LEU A 267 -23.56 34.30 -1.77
C LEU A 267 -22.42 34.90 -2.60
N HIS A 268 -21.94 34.20 -3.62
CA HIS A 268 -20.76 34.67 -4.35
C HIS A 268 -21.04 35.98 -5.08
N LYS A 269 -22.19 36.11 -5.71
CA LYS A 269 -22.46 37.28 -6.53
C LYS A 269 -22.76 38.52 -5.69
N LYS A 270 -22.62 38.44 -4.38
CA LYS A 270 -22.85 39.57 -3.50
C LYS A 270 -21.53 40.24 -3.13
N ASN A 273 -17.59 37.53 -2.89
CA ASN A 273 -17.08 36.26 -2.37
C ASN A 273 -16.54 36.41 -0.95
N ALA A 274 -16.69 35.35 -0.15
CA ALA A 274 -16.11 35.33 1.19
C ALA A 274 -15.92 33.88 1.65
N PHE A 275 -15.35 33.05 0.79
CA PHE A 275 -15.08 31.65 1.11
C PHE A 275 -13.56 31.47 1.24
N VAL A 276 -13.15 30.81 2.32
CA VAL A 276 -11.76 30.43 2.52
C VAL A 276 -11.73 28.91 2.51
N MET A 277 -11.37 28.33 1.37
CA MET A 277 -11.39 26.89 1.17
C MET A 277 -10.03 26.29 1.51
N ASN A 278 -10.01 24.97 1.70
CA ASN A 278 -8.79 24.22 1.95
C ASN A 278 -8.01 24.83 3.12
N ALA A 279 -8.73 25.16 4.19
CA ALA A 279 -8.14 25.80 5.38
C ALA A 279 -8.75 25.15 6.62
N SER A 280 -8.09 24.09 7.09
CA SER A 280 -8.56 23.38 8.27
CA SER A 280 -8.56 23.38 8.27
C SER A 280 -8.25 24.19 9.53
N VAL A 281 -9.26 24.36 10.38
CA VAL A 281 -9.09 25.11 11.62
C VAL A 281 -8.35 24.26 12.63
N THR A 282 -7.29 24.83 13.22
CA THR A 282 -6.51 24.15 14.25
C THR A 282 -6.52 24.84 15.59
N ALA A 283 -6.96 26.10 15.68
CA ALA A 283 -7.02 26.81 16.94
C ALA A 283 -8.11 27.87 16.88
N ILE A 284 -8.79 28.07 18.00
CA ILE A 284 -9.82 29.10 18.15
C ILE A 284 -9.67 29.70 19.53
N GLY A 285 -9.53 31.02 19.61
CA GLY A 285 -9.41 31.66 20.89
C GLY A 285 -9.33 33.17 20.75
N LEU A 286 -9.54 33.84 21.88
CA LEU A 286 -9.40 35.28 21.94
C LEU A 286 -7.93 35.68 21.81
N GLU A 287 -7.69 36.79 21.10
CA GLU A 287 -6.34 37.30 20.99
C GLU A 287 -5.74 37.58 22.37
N ASN A 288 -6.51 38.21 23.24
CA ASN A 288 -6.10 38.46 24.62
C ASN A 288 -7.30 38.17 25.52
N PRO A 289 -7.32 37.02 26.19
CA PRO A 289 -8.51 36.66 26.99
C PRO A 289 -8.80 37.61 28.14
N ASN A 290 -7.89 38.53 28.47
CA ASN A 290 -8.10 39.47 29.57
C ASN A 290 -8.56 40.85 29.12
N LYS A 291 -8.77 41.05 27.81
CA LYS A 291 -9.25 42.32 27.28
C LYS A 291 -10.69 42.16 26.83
N GLU A 292 -11.56 43.08 27.27
CA GLU A 292 -12.98 42.99 26.93
C GLU A 292 -13.21 43.15 25.44
N ASP A 293 -12.40 43.99 24.77
CA ASP A 293 -12.54 44.25 23.35
C ASP A 293 -11.68 43.33 22.50
N SER A 294 -11.18 42.24 23.06
CA SER A 294 -10.29 41.36 22.32
C SER A 294 -11.04 40.75 21.13
N PRO A 295 -10.46 40.76 19.93
CA PRO A 295 -11.07 40.02 18.83
C PRO A 295 -10.85 38.52 18.99
N MET A 296 -11.55 37.76 18.18
CA MET A 296 -11.34 36.32 18.08
C MET A 296 -10.27 36.02 17.04
N VAL A 297 -9.51 34.96 17.28
CA VAL A 297 -8.47 34.51 16.37
C VAL A 297 -8.79 33.07 15.96
N VAL A 298 -8.79 32.82 14.65
CA VAL A 298 -8.97 31.48 14.11
C VAL A 298 -7.73 31.15 13.28
N VAL A 299 -7.05 30.07 13.66
CA VAL A 299 -5.91 29.58 12.88
C VAL A 299 -6.46 28.52 11.94
N ALA A 300 -6.42 28.80 10.64
CA ALA A 300 -6.92 27.88 9.62
C ALA A 300 -5.94 27.85 8.47
N GLY A 301 -5.60 26.64 8.03
CA GLY A 301 -4.61 26.48 6.97
C GLY A 301 -3.28 27.11 7.28
N GLY A 302 -2.88 27.15 8.55
CA GLY A 302 -1.61 27.73 8.93
C GLY A 302 -1.58 29.24 8.94
N GLN A 303 -2.73 29.89 8.92
CA GLN A 303 -2.81 31.34 8.89
C GLN A 303 -3.75 31.83 9.99
N LYS A 304 -3.37 32.93 10.64
CA LYS A 304 -4.21 33.56 11.64
C LYS A 304 -5.22 34.47 10.97
N ARG A 305 -6.49 34.31 11.33
CA ARG A 305 -7.57 35.16 10.84
C ARG A 305 -8.33 35.71 12.04
N LYS A 306 -8.66 36.99 11.99
CA LYS A 306 -9.27 37.68 13.13
C LYS A 306 -10.70 38.09 12.80
N TYR A 307 -11.58 37.97 13.80
CA TYR A 307 -12.99 38.27 13.67
C TYR A 307 -13.50 38.88 14.97
N SER A 308 -14.63 39.58 14.87
CA SER A 308 -15.29 40.06 16.08
C SER A 308 -15.99 38.92 16.82
N HIS A 309 -16.71 38.08 16.08
CA HIS A 309 -17.34 36.90 16.64
C HIS A 309 -17.11 35.71 15.71
N VAL A 310 -17.23 34.51 16.27
CA VAL A 310 -17.04 33.28 15.52
C VAL A 310 -18.26 32.40 15.74
N ILE A 311 -18.86 31.93 14.64
CA ILE A 311 -19.91 30.92 14.67
C ILE A 311 -19.30 29.61 14.18
N SER A 312 -19.19 28.63 15.05
CA SER A 312 -18.62 27.34 14.72
C SER A 312 -19.74 26.36 14.40
N THR A 313 -19.67 25.73 13.22
CA THR A 313 -20.53 24.60 12.87
C THR A 313 -19.76 23.30 12.81
N LEU A 314 -18.55 23.27 13.37
CA LEU A 314 -17.74 22.07 13.37
C LEU A 314 -18.36 21.03 14.30
N PRO A 315 -18.38 19.76 13.90
CA PRO A 315 -18.86 18.71 14.81
C PRO A 315 -18.10 18.71 16.12
N LEU A 316 -18.80 18.31 17.19
CA LEU A 316 -18.16 18.29 18.51
C LEU A 316 -16.88 17.48 18.53
N PRO A 317 -16.79 16.29 17.92
CA PRO A 317 -15.52 15.56 17.93
C PRO A 317 -14.40 16.31 17.24
N VAL A 318 -14.73 17.12 16.22
CA VAL A 318 -13.72 17.90 15.53
C VAL A 318 -13.20 19.01 16.43
N LEU A 319 -14.09 19.66 17.19
CA LEU A 319 -13.65 20.69 18.12
C LEU A 319 -12.67 20.11 19.15
N ARG A 320 -12.78 18.83 19.45
CA ARG A 320 -11.83 18.20 20.38
C ARG A 320 -10.44 18.07 19.78
N THR A 321 -10.29 18.22 18.47
CA THR A 321 -8.98 18.25 17.83
C THR A 321 -8.46 19.67 17.64
N VAL A 322 -9.22 20.68 18.05
CA VAL A 322 -8.84 22.07 17.88
C VAL A 322 -8.34 22.63 19.21
N ASP A 323 -7.30 23.45 19.15
CA ASP A 323 -6.78 24.11 20.34
C ASP A 323 -7.74 25.21 20.75
N LEU A 324 -8.51 24.97 21.82
CA LEU A 324 -9.49 25.92 22.30
C LEU A 324 -8.99 26.71 23.51
N LYS A 325 -7.70 26.65 23.80
CA LYS A 325 -7.15 27.55 24.79
C LYS A 325 -7.38 28.99 24.33
N ASN A 326 -7.76 29.84 25.26
CA ASN A 326 -8.12 31.24 25.06
C ASN A 326 -9.55 31.41 24.56
N SER A 327 -10.28 30.32 24.34
CA SER A 327 -11.74 30.41 24.16
C SER A 327 -12.48 30.32 25.50
N LYS A 328 -11.78 29.92 26.56
CA LYS A 328 -12.30 29.97 27.92
C LYS A 328 -13.66 29.29 28.02
N LEU A 329 -13.73 28.05 27.53
CA LEU A 329 -14.88 27.21 27.80
C LEU A 329 -14.97 26.94 29.29
N ASP A 330 -16.18 26.93 29.83
CA ASP A 330 -16.33 26.53 31.22
C ASP A 330 -16.24 25.01 31.31
N ILE A 331 -16.11 24.52 32.55
CA ILE A 331 -15.79 23.11 32.77
C ILE A 331 -16.89 22.20 32.22
N VAL A 332 -18.13 22.69 32.19
CA VAL A 332 -19.21 21.87 31.66
C VAL A 332 -19.12 21.80 30.14
N GLN A 333 -18.84 22.94 29.50
CA GLN A 333 -18.74 22.96 28.04
C GLN A 333 -17.63 22.02 27.55
N SER A 334 -16.46 22.06 28.19
CA SER A 334 -15.35 21.23 27.73
C SER A 334 -15.65 19.75 27.91
N ASN A 335 -16.33 19.38 28.99
CA ASN A 335 -16.76 18.00 29.15
C ASN A 335 -17.84 17.64 28.15
N ALA A 336 -18.72 18.59 27.81
CA ALA A 336 -19.78 18.31 26.85
C ALA A 336 -19.21 17.95 25.49
N LEU A 337 -18.13 18.62 25.08
CA LEU A 337 -17.50 18.31 23.81
C LEU A 337 -17.10 16.84 23.73
N ARG A 338 -16.68 16.27 24.86
CA ARG A 338 -16.20 14.88 24.88
C ARG A 338 -17.36 13.90 25.01
N LYS A 339 -18.32 14.19 25.90
CA LYS A 339 -19.30 13.19 26.31
C LYS A 339 -20.54 13.15 25.42
N LEU A 340 -20.99 14.30 24.91
CA LEU A 340 -22.17 14.31 24.06
C LEU A 340 -21.96 13.37 22.88
N GLN A 341 -22.78 12.33 22.80
CA GLN A 341 -22.47 11.16 22.00
C GLN A 341 -22.90 11.32 20.55
N TYR A 342 -22.07 10.82 19.65
CA TYR A 342 -22.34 10.73 18.22
C TYR A 342 -22.66 9.29 17.85
N GLY A 343 -23.32 9.13 16.70
CA GLY A 343 -23.68 7.83 16.20
C GLY A 343 -23.11 7.56 14.83
N PRO A 344 -22.93 6.29 14.48
CA PRO A 344 -22.34 5.93 13.19
C PRO A 344 -23.38 5.71 12.11
N SER A 345 -22.90 5.64 10.87
CA SER A 345 -23.74 5.28 9.73
C SER A 345 -22.85 5.00 8.53
N ILE A 346 -23.28 4.05 7.70
CA ILE A 346 -22.64 3.76 6.43
C ILE A 346 -23.71 3.71 5.34
N LYS A 347 -23.28 3.97 4.11
CA LYS A 347 -24.12 3.76 2.93
C LYS A 347 -23.29 3.09 1.85
N ILE A 348 -23.94 2.23 1.08
CA ILE A 348 -23.33 1.56 -0.06
C ILE A 348 -24.26 1.77 -1.25
N GLY A 349 -23.79 2.49 -2.26
CA GLY A 349 -24.53 2.69 -3.49
C GLY A 349 -23.95 1.83 -4.61
N ILE A 350 -24.84 1.28 -5.42
CA ILE A 350 -24.45 0.38 -6.51
C ILE A 350 -25.13 0.83 -7.78
N LEU A 351 -24.35 1.07 -8.83
CA LEU A 351 -24.87 1.33 -10.16
C LEU A 351 -25.10 -0.02 -10.85
N PHE A 352 -26.33 -0.26 -11.27
CA PHE A 352 -26.68 -1.45 -12.03
C PHE A 352 -26.93 -1.07 -13.49
N LYS A 353 -27.07 -2.09 -14.34
CA LYS A 353 -27.36 -1.87 -15.75
C LYS A 353 -28.82 -1.53 -16.00
N GLU A 354 -29.70 -1.74 -15.03
CA GLU A 354 -31.12 -1.48 -15.21
C GLU A 354 -31.76 -1.37 -13.84
N PRO A 355 -32.93 -0.74 -13.75
CA PRO A 355 -33.64 -0.70 -12.45
C PRO A 355 -34.43 -1.99 -12.22
N TRP A 356 -33.68 -3.06 -11.93
CA TRP A 356 -34.29 -4.39 -11.84
C TRP A 356 -35.36 -4.45 -10.77
N TRP A 357 -35.23 -3.66 -9.71
CA TRP A 357 -36.25 -3.63 -8.67
C TRP A 357 -37.59 -3.14 -9.19
N THR A 358 -37.60 -2.40 -10.30
CA THR A 358 -38.83 -1.90 -10.91
C THR A 358 -39.34 -2.80 -12.02
N THR A 359 -38.42 -3.35 -12.83
CA THR A 359 -38.78 -4.12 -14.02
C THR A 359 -38.54 -5.61 -13.88
N GLY A 360 -37.82 -6.04 -12.84
CA GLY A 360 -37.37 -7.41 -12.75
C GLY A 360 -38.36 -8.32 -12.03
N GLN A 361 -37.93 -9.57 -11.85
CA GLN A 361 -38.74 -10.60 -11.22
C GLN A 361 -37.83 -11.52 -10.42
N ASP A 362 -38.42 -12.18 -9.43
CA ASP A 362 -37.64 -13.07 -8.56
C ASP A 362 -37.47 -14.43 -9.24
N LYS A 363 -36.85 -15.37 -8.53
CA LYS A 363 -36.55 -16.67 -9.12
C LYS A 363 -37.80 -17.44 -9.51
N ASN A 364 -38.95 -17.11 -8.91
CA ASN A 364 -40.20 -17.78 -9.21
C ASN A 364 -41.08 -17.01 -10.19
N GLY A 365 -40.56 -15.94 -10.78
CA GLY A 365 -41.29 -15.18 -11.77
C GLY A 365 -42.17 -14.07 -11.24
N GLU A 366 -42.19 -13.85 -9.94
CA GLU A 366 -42.99 -12.77 -9.37
C GLU A 366 -42.23 -11.45 -9.52
N LYS A 367 -42.90 -10.46 -10.11
CA LYS A 367 -42.27 -9.17 -10.36
C LYS A 367 -42.12 -8.39 -9.06
N PHE A 368 -40.97 -7.76 -8.88
CA PHE A 368 -40.76 -6.92 -7.70
C PHE A 368 -41.69 -5.72 -7.71
N ASP A 369 -41.77 -5.03 -8.84
CA ASP A 369 -42.70 -3.92 -9.02
C ASP A 369 -42.51 -2.86 -7.93
N LEU A 370 -41.25 -2.52 -7.69
CA LEU A 370 -40.88 -1.53 -6.68
C LEU A 370 -40.52 -0.21 -7.34
N VAL A 371 -41.09 0.88 -6.83
CA VAL A 371 -40.80 2.24 -7.28
C VAL A 371 -40.56 3.07 -6.04
N GLY A 372 -39.32 3.49 -5.82
CA GLY A 372 -39.01 4.13 -4.57
C GLY A 372 -39.20 3.16 -3.41
N GLY A 373 -39.40 3.73 -2.22
CA GLY A 373 -39.61 2.92 -1.05
C GLY A 373 -38.35 2.27 -0.52
N GLN A 374 -38.56 1.32 0.38
CA GLN A 374 -37.45 0.69 1.10
C GLN A 374 -37.79 -0.77 1.39
N SER A 375 -36.75 -1.59 1.52
CA SER A 375 -36.86 -2.95 2.03
C SER A 375 -36.01 -3.06 3.28
N TYR A 376 -36.40 -3.98 4.16
CA TYR A 376 -35.77 -4.13 5.47
C TYR A 376 -35.43 -5.60 5.71
N THR A 377 -34.35 -5.81 6.47
CA THR A 377 -33.89 -7.15 6.75
C THR A 377 -33.02 -7.11 8.00
N ASP A 378 -32.92 -8.25 8.68
CA ASP A 378 -31.96 -8.40 9.76
C ASP A 378 -30.59 -8.84 9.26
N LEU A 379 -30.44 -9.03 7.95
CA LEU A 379 -29.13 -9.30 7.36
C LEU A 379 -28.26 -8.05 7.46
N PRO A 380 -26.94 -8.22 7.33
CA PRO A 380 -26.02 -7.08 7.54
C PRO A 380 -26.37 -5.80 6.81
N ILE A 381 -26.97 -5.85 5.61
CA ILE A 381 -27.26 -4.61 4.90
C ILE A 381 -28.41 -3.85 5.56
N ARG A 382 -29.27 -4.53 6.31
CA ARG A 382 -30.32 -3.93 7.12
C ARG A 382 -31.41 -3.23 6.30
N THR A 383 -31.05 -2.23 5.50
CA THR A 383 -32.03 -1.43 4.78
C THR A 383 -31.59 -1.19 3.35
N VAL A 384 -32.52 -1.38 2.42
CA VAL A 384 -32.32 -1.10 1.00
C VAL A 384 -33.26 0.04 0.62
N VAL A 385 -32.74 1.03 -0.09
CA VAL A 385 -33.51 2.22 -0.47
C VAL A 385 -33.48 2.35 -1.99
N TYR A 386 -34.66 2.26 -2.60
CA TYR A 386 -34.80 2.40 -4.05
C TYR A 386 -35.02 3.87 -4.41
N PRO A 387 -34.42 4.37 -5.49
CA PRO A 387 -34.47 5.81 -5.76
C PRO A 387 -35.86 6.27 -6.14
N SER A 388 -36.23 7.45 -5.61
CA SER A 388 -37.47 8.11 -6.01
C SER A 388 -37.26 9.11 -7.14
N TYR A 389 -36.03 9.59 -7.32
CA TYR A 389 -35.74 10.55 -8.38
C TYR A 389 -35.65 9.85 -9.72
N GLY A 390 -36.18 10.51 -10.75
CA GLY A 390 -36.10 10.02 -12.12
C GLY A 390 -37.12 8.95 -12.49
N VAL A 391 -37.99 8.53 -11.57
CA VAL A 391 -38.86 7.41 -11.82
C VAL A 391 -39.85 7.65 -12.95
N ASN A 392 -40.07 8.90 -13.35
CA ASN A 392 -41.02 9.26 -14.38
C ASN A 392 -40.37 10.05 -15.51
N THR A 393 -39.16 9.63 -15.90
CA THR A 393 -38.43 10.27 -16.98
C THR A 393 -38.03 9.23 -18.02
N ASN A 394 -37.38 9.70 -19.09
CA ASN A 394 -36.92 8.81 -20.15
C ASN A 394 -35.73 7.97 -19.72
N ALA A 395 -35.01 8.38 -18.67
CA ALA A 395 -33.83 7.67 -18.19
C ALA A 395 -33.93 7.51 -16.69
N PRO A 396 -34.76 6.57 -16.21
CA PRO A 396 -34.85 6.33 -14.78
C PRO A 396 -33.50 5.91 -14.19
N SER A 397 -33.36 6.15 -12.89
CA SER A 397 -32.11 5.83 -12.21
C SER A 397 -31.86 4.33 -12.18
N ASN A 398 -30.61 3.95 -12.48
CA ASN A 398 -30.14 2.59 -12.31
C ASN A 398 -29.33 2.41 -11.03
N THR A 399 -29.36 3.38 -10.13
CA THR A 399 -28.51 3.39 -8.94
C THR A 399 -29.32 3.05 -7.71
N LEU A 400 -28.84 2.09 -6.93
CA LEU A 400 -29.52 1.60 -5.75
C LEU A 400 -28.69 1.92 -4.51
N ILE A 401 -29.35 2.26 -3.41
CA ILE A 401 -28.71 2.26 -2.10
C ILE A 401 -28.87 0.84 -1.56
N ALA A 402 -27.85 0.02 -1.78
CA ALA A 402 -27.92 -1.39 -1.41
C ALA A 402 -27.83 -1.61 0.10
N SER A 403 -27.27 -0.65 0.84
CA SER A 403 -27.17 -0.77 2.28
C SER A 403 -27.16 0.61 2.92
N TYR A 404 -27.92 0.76 3.98
CA TYR A 404 -27.95 1.98 4.78
C TYR A 404 -28.12 1.52 6.23
N CYS A 405 -27.06 1.66 7.04
CA CYS A 405 -27.02 1.09 8.38
C CYS A 405 -26.81 2.17 9.43
N TRP A 406 -27.26 1.87 10.64
CA TRP A 406 -27.05 2.69 11.82
C TRP A 406 -26.39 1.86 12.91
N THR A 407 -25.98 2.56 13.99
CA THR A 407 -25.48 1.96 15.22
C THR A 407 -24.64 0.71 14.98
N ASN A 408 -24.89 -0.39 15.69
CA ASN A 408 -24.00 -1.54 15.63
C ASN A 408 -23.85 -2.06 14.19
N ASP A 409 -24.93 -2.01 13.41
CA ASP A 409 -24.87 -2.51 12.04
C ASP A 409 -23.89 -1.69 11.21
N ALA A 410 -23.86 -0.38 11.43
CA ALA A 410 -22.92 0.47 10.70
C ALA A 410 -21.49 0.28 11.21
N GLU A 411 -21.32 0.09 12.52
CA GLU A 411 -19.99 -0.13 13.07
C GLU A 411 -19.36 -1.38 12.47
N ARG A 412 -20.11 -2.47 12.43
CA ARG A 412 -19.57 -3.73 11.90
C ARG A 412 -19.27 -3.62 10.41
N MET A 413 -20.23 -3.08 9.63
CA MET A 413 -20.02 -2.97 8.19
C MET A 413 -18.83 -2.07 7.88
N GLY A 414 -18.56 -1.07 8.73
CA GLY A 414 -17.50 -0.12 8.44
C GLY A 414 -16.14 -0.75 8.29
N SER A 415 -15.90 -1.88 8.95
CA SER A 415 -14.59 -2.54 8.85
C SER A 415 -14.30 -3.04 7.44
N LEU A 416 -15.33 -3.22 6.61
CA LEU A 416 -15.15 -3.65 5.23
C LEU A 416 -15.10 -2.49 4.24
N ILE A 417 -15.20 -1.25 4.72
CA ILE A 417 -15.26 -0.07 3.87
C ILE A 417 -13.98 0.73 4.04
N GLY A 418 -13.47 1.27 2.94
CA GLY A 418 -12.29 2.12 3.00
C GLY A 418 -11.04 1.41 3.46
N THR A 419 -10.93 0.11 3.19
CA THR A 419 -9.74 -0.63 3.57
C THR A 419 -8.57 -0.36 2.63
N GLY A 420 -8.84 0.10 1.41
CA GLY A 420 -7.82 0.25 0.40
C GLY A 420 -7.34 -1.04 -0.23
N ALA A 421 -7.91 -2.18 0.15
CA ALA A 421 -7.50 -3.48 -0.36
C ALA A 421 -8.59 -4.03 -1.27
N ALA A 422 -8.20 -4.42 -2.49
CA ALA A 422 -9.15 -4.96 -3.43
C ALA A 422 -9.83 -6.22 -2.88
N THR A 423 -9.12 -7.01 -2.09
CA THR A 423 -9.70 -8.24 -1.55
C THR A 423 -10.92 -7.94 -0.68
N TYR A 424 -10.85 -6.87 0.10
CA TYR A 424 -11.99 -6.52 0.96
C TYR A 424 -13.07 -5.77 0.20
N GLU A 425 -12.72 -5.04 -0.86
CA GLU A 425 -13.74 -4.49 -1.75
C GLU A 425 -14.56 -5.61 -2.39
N GLU A 426 -13.90 -6.69 -2.79
CA GLU A 426 -14.60 -7.83 -3.36
C GLU A 426 -15.46 -8.54 -2.32
N GLN A 427 -14.93 -8.74 -1.11
CA GLN A 427 -15.72 -9.33 -0.04
C GLN A 427 -16.96 -8.48 0.25
N LEU A 428 -16.78 -7.16 0.33
CA LEU A 428 -17.91 -6.26 0.58
C LEU A 428 -18.97 -6.41 -0.49
N GLU A 429 -18.55 -6.39 -1.76
CA GLU A 429 -19.51 -6.50 -2.87
C GLU A 429 -20.25 -7.83 -2.80
N HIS A 430 -19.54 -8.93 -2.57
CA HIS A 430 -20.19 -10.24 -2.54
C HIS A 430 -21.18 -10.33 -1.39
N LEU A 431 -20.82 -9.79 -0.23
CA LEU A 431 -21.74 -9.78 0.90
C LEU A 431 -23.01 -9.01 0.58
N VAL A 432 -22.86 -7.80 0.03
CA VAL A 432 -24.02 -6.96 -0.25
C VAL A 432 -24.92 -7.64 -1.28
N LEU A 433 -24.32 -8.16 -2.36
CA LEU A 433 -25.12 -8.80 -3.40
C LEU A 433 -25.80 -10.05 -2.86
N SER A 434 -25.10 -10.83 -2.05
CA SER A 434 -25.72 -12.02 -1.45
C SER A 434 -26.92 -11.63 -0.59
N ASN A 435 -26.75 -10.62 0.26
CA ASN A 435 -27.87 -10.14 1.07
C ASN A 435 -29.01 -9.66 0.19
N LEU A 436 -28.71 -8.87 -0.84
CA LEU A 436 -29.76 -8.39 -1.73
C LEU A 436 -30.51 -9.55 -2.37
N ALA A 437 -29.79 -10.58 -2.80
CA ALA A 437 -30.43 -11.74 -3.41
C ALA A 437 -31.36 -12.44 -2.43
N ALA A 438 -30.93 -12.59 -1.17
CA ALA A 438 -31.76 -13.26 -0.18
C ALA A 438 -33.00 -12.43 0.15
N VAL A 439 -32.87 -11.11 0.18
CA VAL A 439 -34.02 -10.26 0.49
C VAL A 439 -35.06 -10.33 -0.61
N HIS A 440 -34.63 -10.27 -1.86
CA HIS A 440 -35.54 -10.21 -3.00
C HIS A 440 -35.85 -11.58 -3.60
N ASN A 441 -35.23 -12.65 -3.09
CA ASN A 441 -35.48 -14.01 -3.57
C ASN A 441 -34.98 -14.19 -5.01
N THR A 442 -33.75 -13.76 -5.25
CA THR A 442 -33.06 -13.97 -6.52
C THR A 442 -31.79 -14.76 -6.27
N ASP A 443 -31.14 -15.15 -7.35
CA ASP A 443 -29.81 -15.72 -7.26
C ASP A 443 -28.76 -14.62 -7.15
N TYR A 444 -27.61 -14.98 -6.58
CA TYR A 444 -26.49 -14.03 -6.54
C TYR A 444 -26.11 -13.59 -7.94
N GLN A 445 -26.07 -14.53 -8.88
CA GLN A 445 -25.61 -14.21 -10.23
C GLN A 445 -26.55 -13.26 -10.93
N TYR A 446 -27.85 -13.31 -10.60
CA TYR A 446 -28.81 -12.39 -11.20
C TYR A 446 -28.40 -10.94 -10.95
N LEU A 447 -27.89 -10.66 -9.76
CA LEU A 447 -27.48 -9.30 -9.41
C LEU A 447 -26.05 -9.01 -9.86
N LYS A 448 -25.16 -10.00 -9.77
CA LYS A 448 -23.78 -9.79 -10.24
C LYS A 448 -23.75 -9.48 -11.72
N ASP A 449 -24.56 -10.18 -12.52
CA ASP A 449 -24.61 -9.92 -13.95
C ASP A 449 -25.04 -8.50 -14.28
N ARG A 450 -25.75 -7.84 -13.37
CA ARG A 450 -26.27 -6.50 -13.61
C ARG A 450 -25.48 -5.40 -12.92
N LEU A 451 -24.43 -5.76 -12.17
CA LEU A 451 -23.65 -4.77 -11.44
C LEU A 451 -22.69 -4.03 -12.37
N VAL A 452 -22.54 -2.73 -12.12
CA VAL A 452 -21.64 -1.89 -12.91
C VAL A 452 -20.56 -1.30 -12.01
N ASP A 453 -20.97 -0.61 -10.95
CA ASP A 453 -20.03 0.11 -10.11
C ASP A 453 -20.55 0.17 -8.67
N VAL A 454 -19.62 0.26 -7.73
CA VAL A 454 -19.93 0.26 -6.31
C VAL A 454 -19.25 1.46 -5.66
N HIS A 455 -19.97 2.14 -4.79
CA HIS A 455 -19.43 3.24 -3.99
C HIS A 455 -19.94 3.07 -2.56
N SER A 456 -19.03 3.18 -1.59
CA SER A 456 -19.36 2.98 -0.19
C SER A 456 -18.75 4.08 0.65
N TRP A 457 -19.37 4.36 1.79
CA TRP A 457 -18.95 5.47 2.63
C TRP A 457 -19.26 5.15 4.09
N ASP A 458 -18.28 5.45 4.95
CA ASP A 458 -18.40 5.23 6.40
C ASP A 458 -18.17 6.57 7.08
N TRP A 459 -19.26 7.18 7.56
CA TRP A 459 -19.17 8.48 8.21
C TRP A 459 -18.47 8.42 9.56
N ASN A 460 -18.30 7.23 10.13
CA ASN A 460 -17.54 7.06 11.37
C ASN A 460 -16.06 6.84 11.12
N HIS A 461 -15.62 6.91 9.87
CA HIS A 461 -14.20 6.90 9.52
CA HIS A 461 -14.20 6.87 9.49
C HIS A 461 -13.97 7.99 8.49
N ASN A 462 -14.13 9.23 8.95
CA ASN A 462 -14.04 10.42 8.12
C ASN A 462 -13.62 11.58 9.01
N PRO A 463 -12.39 12.09 8.86
CA PRO A 463 -11.92 13.15 9.76
C PRO A 463 -12.81 14.38 9.80
N LEU A 464 -13.59 14.64 8.75
CA LEU A 464 -14.37 15.87 8.70
C LEU A 464 -15.68 15.76 9.46
N THR A 465 -16.12 14.55 9.82
CA THR A 465 -17.34 14.36 10.60
C THR A 465 -17.10 13.58 11.89
N MET A 466 -16.21 12.58 11.87
CA MET A 466 -15.89 11.79 13.05
C MET A 466 -17.16 11.21 13.67
N GLY A 467 -17.94 10.56 12.81
CA GLY A 467 -19.25 10.08 13.16
C GLY A 467 -20.27 10.59 12.17
N ALA A 468 -21.41 9.91 12.06
CA ALA A 468 -22.44 10.35 11.12
C ALA A 468 -23.14 11.61 11.64
N PHE A 469 -23.48 11.63 12.93
CA PHE A 469 -24.24 12.73 13.50
C PHE A 469 -24.38 12.51 14.99
N ALA A 470 -24.81 13.55 15.69
CA ALA A 470 -25.11 13.43 17.10
C ALA A 470 -26.20 12.36 17.30
N PHE A 471 -25.99 11.51 18.31
CA PHE A 471 -26.96 10.49 18.69
C PHE A 471 -26.75 10.29 20.21
N PHE A 472 -27.39 11.16 20.99
CA PHE A 472 -27.07 11.29 22.40
C PHE A 472 -27.42 10.02 23.18
N GLY A 473 -26.58 9.71 24.17
CA GLY A 473 -26.91 8.69 25.14
C GLY A 473 -27.76 9.25 26.26
N PRO A 474 -28.21 8.36 27.13
CA PRO A 474 -29.02 8.81 28.27
C PRO A 474 -28.26 9.84 29.10
N GLY A 475 -28.96 10.90 29.49
CA GLY A 475 -28.41 11.93 30.34
C GLY A 475 -27.75 13.08 29.60
N ASP A 476 -27.38 12.90 28.34
CA ASP A 476 -26.70 13.95 27.59
C ASP A 476 -27.56 15.21 27.51
N PHE A 477 -28.83 15.06 27.12
CA PHE A 477 -29.70 16.23 26.96
C PHE A 477 -29.91 16.95 28.28
N GLN A 478 -30.15 16.19 29.36
CA GLN A 478 -30.52 16.84 30.62
C GLN A 478 -29.32 17.50 31.30
N ASP A 479 -28.10 17.01 31.06
CA ASP A 479 -26.95 17.45 31.84
C ASP A 479 -25.96 18.33 31.09
N LEU A 480 -25.67 18.03 29.82
CA LEU A 480 -24.59 18.70 29.12
C LEU A 480 -25.03 19.52 27.92
N TYR A 481 -26.21 19.26 27.37
CA TYR A 481 -26.64 19.94 26.15
C TYR A 481 -26.69 21.45 26.35
N THR A 482 -27.22 21.90 27.48
CA THR A 482 -27.43 23.33 27.67
C THR A 482 -26.11 24.11 27.73
N SER A 483 -25.04 23.48 28.21
CA SER A 483 -23.77 24.20 28.36
C SER A 483 -23.30 24.77 27.02
N LEU A 484 -23.47 24.00 25.94
CA LEU A 484 -23.00 24.45 24.64
C LEU A 484 -23.98 25.40 23.96
N ASN A 485 -25.18 25.59 24.51
CA ASN A 485 -26.07 26.65 24.06
C ASN A 485 -25.68 28.01 24.63
N ARG A 486 -24.84 28.04 25.65
CA ARG A 486 -24.21 29.28 26.07
C ARG A 486 -22.98 29.56 25.20
N PRO A 487 -22.66 30.82 24.95
CA PRO A 487 -21.45 31.13 24.20
C PRO A 487 -20.20 30.90 25.05
N ALA A 488 -19.07 30.92 24.39
CA ALA A 488 -17.76 30.89 25.03
C ALA A 488 -16.96 32.11 24.59
N ALA A 489 -15.72 32.19 25.07
CA ALA A 489 -14.78 33.24 24.66
C ALA A 489 -15.38 34.64 24.89
N ASN A 490 -15.74 34.89 26.14
CA ASN A 490 -16.30 36.18 26.55
C ASN A 490 -17.52 36.53 25.69
N GLY A 491 -18.30 35.50 25.35
CA GLY A 491 -19.49 35.69 24.56
C GLY A 491 -19.29 35.82 23.07
N LYS A 492 -18.07 35.56 22.57
CA LYS A 492 -17.75 35.78 21.16
C LYS A 492 -17.61 34.48 20.36
N LEU A 493 -17.71 33.32 21.02
CA LEU A 493 -17.69 32.04 20.33
C LEU A 493 -19.05 31.37 20.51
N HIS A 494 -19.72 31.08 19.39
CA HIS A 494 -21.05 30.52 19.39
C HIS A 494 -20.99 29.13 18.76
N PHE A 495 -21.43 28.12 19.51
CA PHE A 495 -21.39 26.74 19.04
C PHE A 495 -22.65 26.45 18.22
N ALA A 496 -22.45 25.87 17.04
CA ALA A 496 -23.56 25.56 16.14
C ALA A 496 -23.27 24.23 15.46
N GLY A 497 -24.08 23.89 14.48
CA GLY A 497 -24.09 22.56 13.90
C GLY A 497 -25.25 21.73 14.42
N GLU A 498 -25.59 20.67 13.68
CA GLU A 498 -26.78 19.89 13.99
C GLU A 498 -26.76 19.33 15.41
N ALA A 499 -25.59 19.15 16.01
CA ALA A 499 -25.53 18.65 17.39
C ALA A 499 -26.21 19.61 18.35
N LEU A 500 -26.20 20.92 18.05
CA LEU A 500 -26.84 21.92 18.90
C LEU A 500 -28.30 22.11 18.50
N SER A 501 -29.06 21.02 18.63
CA SER A 501 -30.48 21.05 18.30
C SER A 501 -31.14 19.82 18.90
N VAL A 502 -32.47 19.80 18.83
CA VAL A 502 -33.25 18.62 19.18
C VAL A 502 -33.71 17.88 17.91
N ARG A 503 -33.09 18.19 16.77
CA ARG A 503 -33.34 17.46 15.53
C ARG A 503 -32.03 16.89 15.01
N HIS A 504 -31.34 16.12 15.84
CA HIS A 504 -30.11 15.48 15.42
C HIS A 504 -30.35 14.65 14.16
N ALA A 505 -29.33 14.59 13.31
CA ALA A 505 -29.37 13.77 12.09
C ALA A 505 -30.38 14.30 11.09
N TRP A 506 -30.69 15.59 11.15
CA TRP A 506 -31.58 16.24 10.19
C TRP A 506 -30.99 17.58 9.78
N VAL A 507 -31.30 18.00 8.55
CA VAL A 507 -30.88 19.31 8.09
C VAL A 507 -31.48 20.41 8.98
N VAL A 508 -32.74 20.24 9.38
CA VAL A 508 -33.38 21.27 10.22
C VAL A 508 -32.60 21.49 11.50
N GLY A 509 -31.99 20.42 12.05
CA GLY A 509 -31.19 20.59 13.25
C GLY A 509 -30.04 21.56 13.04
N ALA A 510 -29.36 21.45 11.89
CA ALA A 510 -28.29 22.40 11.59
C ALA A 510 -28.85 23.80 11.39
N LEU A 511 -30.00 23.93 10.73
CA LEU A 511 -30.60 25.23 10.52
C LEU A 511 -31.03 25.86 11.85
N ASP A 512 -31.63 25.06 12.74
CA ASP A 512 -32.00 25.57 14.05
C ASP A 512 -30.78 26.09 14.80
N SER A 513 -29.67 25.35 14.73
CA SER A 513 -28.47 25.76 15.44
C SER A 513 -27.96 27.09 14.92
N ALA A 514 -28.07 27.31 13.61
CA ALA A 514 -27.62 28.58 13.04
C ALA A 514 -28.54 29.72 13.46
N TRP A 515 -29.85 29.47 13.53
CA TRP A 515 -30.76 30.50 14.02
C TRP A 515 -30.38 30.94 15.43
N ARG A 516 -30.13 29.98 16.33
CA ARG A 516 -29.80 30.34 17.70
C ARG A 516 -28.47 31.06 17.79
N ALA A 517 -27.48 30.62 17.01
CA ALA A 517 -26.16 31.26 17.06
C ALA A 517 -26.23 32.70 16.59
N VAL A 518 -26.92 32.94 15.47
CA VAL A 518 -27.07 34.30 14.97
C VAL A 518 -27.92 35.13 15.92
N TYR A 519 -28.92 34.52 16.55
CA TYR A 519 -29.73 35.26 17.52
C TYR A 519 -28.86 35.77 18.66
N ASN A 520 -28.05 34.90 19.25
CA ASN A 520 -27.19 35.33 20.35
C ASN A 520 -26.20 36.39 19.87
N TYR A 521 -25.69 36.23 18.65
CA TYR A 521 -24.76 37.23 18.12
C TYR A 521 -25.45 38.59 17.98
N LEU A 522 -26.62 38.62 17.34
CA LEU A 522 -27.34 39.88 17.20
C LEU A 522 -27.74 40.44 18.56
N TYR A 523 -28.14 39.57 19.48
CA TYR A 523 -28.58 40.02 20.80
C TYR A 523 -27.50 40.85 21.48
N VAL A 524 -26.24 40.46 21.34
CA VAL A 524 -25.16 41.12 22.07
C VAL A 524 -24.44 42.20 21.24
N THR A 525 -24.59 42.20 19.91
CA THR A 525 -23.88 43.15 19.07
C THR A 525 -24.79 44.17 18.40
N ASP A 526 -25.99 43.79 17.99
CA ASP A 526 -26.85 44.73 17.27
C ASP A 526 -28.32 44.31 17.37
N PRO A 527 -28.94 44.44 18.54
CA PRO A 527 -30.34 43.99 18.68
C PRO A 527 -31.32 44.71 17.77
N ALA A 528 -30.94 45.84 17.19
CA ALA A 528 -31.84 46.54 16.28
C ALA A 528 -32.17 45.73 15.04
N LYS A 529 -31.38 44.70 14.74
CA LYS A 529 -31.62 43.83 13.60
C LYS A 529 -32.56 42.67 13.94
N LEU A 530 -32.98 42.54 15.19
CA LEU A 530 -33.82 41.41 15.57
C LEU A 530 -35.16 41.39 14.85
N PRO A 531 -35.90 42.50 14.71
CA PRO A 531 -37.19 42.41 14.00
C PRO A 531 -37.05 41.87 12.59
N LYS A 532 -36.09 42.35 11.81
CA LYS A 532 -35.89 41.81 10.48
C LYS A 532 -35.45 40.35 10.54
N PHE A 533 -34.58 40.02 11.49
CA PHE A 533 -34.18 38.63 11.71
C PHE A 533 -35.40 37.75 11.99
N PHE A 534 -36.26 38.18 12.92
CA PHE A 534 -37.48 37.42 13.18
C PHE A 534 -38.35 37.34 11.93
N GLU A 535 -38.46 38.45 11.19
CA GLU A 535 -39.37 38.49 10.05
C GLU A 535 -38.94 37.52 8.96
N LEU A 536 -37.63 37.41 8.71
CA LEU A 536 -37.14 36.58 7.62
C LEU A 536 -36.90 35.13 8.03
N TRP A 537 -36.51 34.89 9.28
CA TRP A 537 -36.01 33.58 9.68
C TRP A 537 -36.73 33.01 10.87
N GLY A 538 -37.80 33.65 11.35
CA GLY A 538 -38.64 33.09 12.39
C GLY A 538 -38.45 33.79 13.72
N LYS A 539 -39.55 33.93 14.47
CA LYS A 539 -39.51 34.51 15.79
C LYS A 539 -38.86 33.57 16.81
N ASN A 540 -38.83 32.28 16.53
CA ASN A 540 -38.25 31.29 17.42
C ASN A 540 -37.51 30.26 16.58
N ALA A 541 -36.66 29.48 17.25
CA ALA A 541 -35.97 28.40 16.55
C ALA A 541 -36.93 27.28 16.19
N GLU A 542 -37.74 26.83 17.15
CA GLU A 542 -38.59 25.65 16.99
C GLU A 542 -40.08 25.94 17.12
N TRP A 543 -40.47 26.80 18.06
CA TRP A 543 -41.89 27.10 18.25
C TRP A 543 -42.55 27.44 16.91
N PHE A 544 -43.71 26.84 16.68
CA PHE A 544 -44.38 26.96 15.39
C PHE A 544 -44.85 28.38 15.13
N GLU A 545 -44.92 28.72 13.84
CA GLU A 545 -45.52 29.97 13.41
C GLU A 545 -46.01 29.80 11.98
N GLN A 546 -46.93 30.67 11.58
CA GLN A 546 -47.47 30.61 10.24
C GLN A 546 -46.45 31.16 9.24
N PRO A 547 -46.50 30.71 7.98
CA PRO A 547 -45.55 31.20 6.96
C PRO A 547 -45.70 32.69 6.68
N GLY B 11 -13.25 -40.64 9.10
CA GLY B 11 -13.25 -40.69 10.54
C GLY B 11 -13.46 -39.32 11.16
N GLU B 12 -12.82 -39.08 12.31
CA GLU B 12 -12.95 -37.81 13.01
C GLU B 12 -11.81 -36.88 12.63
N ARG B 13 -12.17 -35.66 12.23
CA ARG B 13 -11.18 -34.60 12.01
C ARG B 13 -11.89 -33.27 12.20
N VAL B 14 -11.40 -32.48 13.15
CA VAL B 14 -12.05 -31.25 13.55
C VAL B 14 -11.46 -30.08 12.78
N GLY B 15 -12.31 -29.31 12.12
CA GLY B 15 -11.89 -28.08 11.48
C GLY B 15 -11.98 -26.91 12.42
N ILE B 16 -10.84 -26.34 12.77
CA ILE B 16 -10.76 -25.18 13.64
C ILE B 16 -10.63 -23.94 12.76
N LEU B 17 -11.58 -23.01 12.91
CA LEU B 17 -11.61 -21.80 12.10
C LEU B 17 -10.97 -20.66 12.89
N GLY B 18 -9.83 -20.17 12.41
CA GLY B 18 -9.15 -19.07 13.06
C GLY B 18 -7.93 -19.51 13.85
N ALA B 19 -6.77 -18.95 13.49
CA ALA B 19 -5.51 -19.25 14.17
C ALA B 19 -5.18 -18.21 15.24
N GLY B 20 -6.19 -17.64 15.88
CA GLY B 20 -5.98 -16.85 17.06
C GLY B 20 -5.66 -17.73 18.25
N ILE B 21 -5.58 -17.11 19.42
CA ILE B 21 -5.21 -17.87 20.62
C ILE B 21 -6.31 -18.87 20.97
N GLY B 22 -7.57 -18.57 20.64
CA GLY B 22 -8.63 -19.52 20.90
C GLY B 22 -8.52 -20.77 20.03
N GLY B 23 -8.23 -20.58 18.75
CA GLY B 23 -8.09 -21.72 17.85
C GLY B 23 -6.83 -22.50 18.12
N LEU B 24 -5.73 -21.81 18.43
CA LEU B 24 -4.49 -22.49 18.78
C LEU B 24 -4.65 -23.29 20.07
N TYR B 25 -5.36 -22.73 21.04
CA TYR B 25 -5.61 -23.45 22.29
C TYR B 25 -6.47 -24.69 22.05
N SER B 26 -7.54 -24.53 21.26
CA SER B 26 -8.34 -25.69 20.88
C SER B 26 -7.46 -26.77 20.26
N ALA B 27 -6.50 -26.37 19.43
CA ALA B 27 -5.62 -27.33 18.78
C ALA B 27 -4.73 -28.05 19.80
N LEU B 28 -4.21 -27.31 20.79
CA LEU B 28 -3.41 -27.93 21.83
C LEU B 28 -4.21 -29.03 22.55
N ILE B 29 -5.46 -28.72 22.89
CA ILE B 29 -6.30 -29.70 23.58
C ILE B 29 -6.49 -30.94 22.71
N LEU B 30 -6.93 -30.73 21.47
CA LEU B 30 -7.18 -31.88 20.58
C LEU B 30 -5.91 -32.69 20.36
N GLN B 31 -4.76 -32.02 20.19
CA GLN B 31 -3.51 -32.74 20.01
C GLN B 31 -3.17 -33.59 21.24
N SER B 32 -3.43 -33.05 22.44
CA SER B 32 -3.15 -33.80 23.65
C SER B 32 -4.07 -35.00 23.82
N LEU B 33 -5.22 -35.01 23.13
CA LEU B 33 -6.18 -36.10 23.19
C LEU B 33 -6.16 -36.94 21.91
N ASP B 34 -5.19 -36.72 21.02
CA ASP B 34 -5.03 -37.53 19.82
C ASP B 34 -6.25 -37.44 18.91
N VAL B 35 -6.77 -36.23 18.74
CA VAL B 35 -7.89 -35.96 17.84
C VAL B 35 -7.34 -35.21 16.63
N PRO B 36 -7.47 -35.74 15.42
CA PRO B 36 -6.98 -35.00 14.24
C PRO B 36 -7.72 -33.69 14.07
N PHE B 37 -7.00 -32.68 13.58
CA PHE B 37 -7.59 -31.36 13.38
C PHE B 37 -6.84 -30.62 12.28
N GLU B 38 -7.50 -29.62 11.72
CA GLU B 38 -6.87 -28.64 10.85
C GLU B 38 -7.27 -27.25 11.31
N ILE B 39 -6.36 -26.29 11.15
CA ILE B 39 -6.60 -24.90 11.48
C ILE B 39 -6.68 -24.11 10.18
N ILE B 40 -7.81 -23.44 9.97
CA ILE B 40 -8.01 -22.60 8.80
C ILE B 40 -7.88 -21.14 9.23
N GLU B 41 -6.98 -20.41 8.55
CA GLU B 41 -6.66 -19.02 8.89
C GLU B 41 -6.72 -18.17 7.64
N ALA B 42 -7.44 -17.04 7.73
CA ALA B 42 -7.62 -16.19 6.56
C ALA B 42 -6.33 -15.49 6.17
N SER B 43 -5.52 -15.07 7.14
CA SER B 43 -4.35 -14.25 6.87
C SER B 43 -3.12 -15.13 6.72
N ASN B 44 -1.94 -14.50 6.64
CA ASN B 44 -0.68 -15.20 6.55
C ASN B 44 0.01 -15.33 7.91
N ARG B 45 -0.69 -15.05 9.00
CA ARG B 45 -0.09 -15.04 10.32
C ARG B 45 -1.02 -15.70 11.32
N VAL B 46 -0.43 -16.17 12.41
CA VAL B 46 -1.17 -16.69 13.55
C VAL B 46 -1.08 -15.66 14.66
N GLY B 47 -1.98 -15.80 15.65
CA GLY B 47 -2.01 -14.94 16.83
C GLY B 47 -3.22 -14.04 16.90
N GLY B 48 -3.79 -13.67 15.76
CA GLY B 48 -4.99 -12.85 15.77
C GLY B 48 -4.78 -11.55 16.51
N ARG B 49 -5.60 -11.33 17.54
CA ARG B 49 -5.54 -10.11 18.32
C ARG B 49 -4.38 -10.08 19.31
N LEU B 50 -3.53 -11.10 19.32
CA LEU B 50 -2.18 -10.99 19.87
C LEU B 50 -1.29 -10.54 18.72
N PHE B 51 -0.96 -9.25 18.68
CA PHE B 51 -0.34 -8.61 17.54
C PHE B 51 0.75 -7.67 18.04
N THR B 52 2.01 -8.05 17.84
CA THR B 52 3.14 -7.26 18.27
C THR B 52 3.75 -6.55 17.07
N HIS B 53 3.77 -5.22 17.10
CA HIS B 53 4.39 -4.42 16.05
C HIS B 53 5.79 -4.01 16.50
N LYS B 54 6.80 -4.33 15.69
CA LYS B 54 8.16 -3.91 15.95
C LYS B 54 8.51 -2.75 15.03
N PHE B 55 9.05 -1.69 15.60
CA PHE B 55 9.48 -0.53 14.80
C PHE B 55 10.79 -0.84 14.08
N PRO B 56 10.85 -0.66 12.76
CA PRO B 56 12.07 -1.02 12.02
C PRO B 56 13.29 -0.25 12.48
N ASN B 57 13.10 1.00 12.95
CA ASN B 57 14.23 1.83 13.34
C ASN B 57 14.67 1.66 14.79
N GLY B 58 14.09 0.70 15.53
CA GLY B 58 14.37 0.55 16.94
C GLY B 58 15.22 -0.65 17.32
N GLY B 59 15.40 -0.79 18.62
CA GLY B 59 16.19 -1.86 19.19
C GLY B 59 15.36 -3.06 19.58
N LYS B 60 15.95 -3.90 20.42
CA LYS B 60 15.33 -5.16 20.78
C LYS B 60 13.95 -4.95 21.40
N TYR B 61 13.80 -3.94 22.25
CA TYR B 61 12.54 -3.71 22.96
C TYR B 61 11.73 -2.55 22.37
N ASP B 62 12.03 -2.16 21.14
CA ASP B 62 11.26 -1.12 20.46
C ASP B 62 10.12 -1.75 19.66
N TYR B 63 9.23 -2.40 20.39
CA TYR B 63 7.98 -2.93 19.89
C TYR B 63 6.87 -2.48 20.82
N TYR B 64 5.64 -2.70 20.39
CA TYR B 64 4.49 -2.53 21.27
C TYR B 64 3.41 -3.49 20.84
N ASP B 65 2.58 -3.89 21.79
CA ASP B 65 1.49 -4.84 21.52
C ASP B 65 0.25 -4.07 21.13
N VAL B 66 -0.19 -4.28 19.87
CA VAL B 66 -1.36 -3.59 19.36
C VAL B 66 -2.63 -4.14 19.98
N GLY B 67 -2.60 -5.40 20.40
CA GLY B 67 -3.72 -6.02 21.10
C GLY B 67 -3.35 -6.36 22.52
N ALA B 68 -3.32 -7.65 22.85
CA ALA B 68 -3.08 -8.07 24.23
C ALA B 68 -1.66 -7.72 24.66
N MET B 69 -1.53 -7.24 25.90
CA MET B 69 -0.24 -6.76 26.39
C MET B 69 -0.01 -6.99 27.88
N ARG B 70 -1.06 -7.28 28.65
CA ARG B 70 -0.93 -7.38 30.11
C ARG B 70 -1.84 -8.48 30.65
N TYR B 71 -1.31 -9.26 31.59
CA TYR B 71 -2.00 -10.45 32.09
C TYR B 71 -2.04 -10.43 33.61
N PRO B 72 -3.20 -10.19 34.23
CA PRO B 72 -3.27 -10.24 35.70
C PRO B 72 -3.43 -11.67 36.19
N LEU B 73 -2.30 -12.36 36.35
CA LEU B 73 -2.31 -13.77 36.66
C LEU B 73 -2.34 -14.00 38.17
N PRO B 74 -2.75 -15.19 38.60
CA PRO B 74 -2.61 -15.53 40.02
C PRO B 74 -1.14 -15.68 40.39
N LYS B 75 -0.89 -15.74 41.68
CA LYS B 75 0.46 -16.04 42.16
C LYS B 75 0.89 -17.42 41.66
N SER B 76 2.20 -17.60 41.51
CA SER B 76 2.73 -18.87 41.03
C SER B 76 4.03 -19.17 41.77
N ASP B 77 4.38 -20.46 41.82
CA ASP B 77 5.60 -20.90 42.46
C ASP B 77 6.74 -20.98 41.45
N ASP B 78 7.90 -21.44 41.90
CA ASP B 78 9.08 -21.49 41.06
C ASP B 78 8.91 -22.43 39.88
N LYS B 79 8.00 -23.41 39.99
CA LYS B 79 7.78 -24.41 38.96
C LYS B 79 6.69 -24.03 37.96
N GLY B 80 6.07 -22.87 38.12
CA GLY B 80 5.02 -22.47 37.22
C GLY B 80 3.63 -22.97 37.59
N ASN B 81 3.46 -23.47 38.80
CA ASN B 81 2.13 -23.83 39.30
C ASN B 81 1.42 -22.57 39.76
N TYR B 82 0.23 -22.34 39.24
CA TYR B 82 -0.53 -21.14 39.54
C TYR B 82 -1.63 -21.44 40.55
N GLN B 83 -1.79 -20.54 41.52
CA GLN B 83 -2.88 -20.66 42.47
C GLN B 83 -4.21 -20.53 41.74
N PRO B 84 -5.30 -21.00 42.35
CA PRO B 84 -6.61 -20.82 41.73
C PRO B 84 -6.90 -19.34 41.51
N GLY B 85 -7.57 -19.04 40.42
CA GLY B 85 -7.86 -17.65 40.10
C GLY B 85 -8.51 -17.53 38.75
N VAL B 86 -8.96 -16.29 38.47
CA VAL B 86 -9.70 -16.03 37.23
C VAL B 86 -8.88 -16.42 36.02
N MET B 87 -7.57 -16.18 36.05
CA MET B 87 -6.72 -16.42 34.89
C MET B 87 -5.67 -17.48 35.18
N GLN B 88 -5.98 -18.41 36.08
CA GLN B 88 -5.12 -19.57 36.25
C GLN B 88 -4.91 -20.30 34.93
N ARG B 89 -5.97 -20.39 34.12
CA ARG B 89 -5.88 -21.11 32.85
C ARG B 89 -4.80 -20.50 31.95
N VAL B 90 -4.68 -19.17 31.96
CA VAL B 90 -3.63 -18.51 31.17
C VAL B 90 -2.25 -18.86 31.72
N GLY B 91 -2.08 -18.78 33.04
CA GLY B 91 -0.79 -19.09 33.63
C GLY B 91 -0.36 -20.52 33.34
N GLN B 92 -1.29 -21.48 33.49
CA GLN B 92 -0.95 -22.87 33.22
CA GLN B 92 -0.95 -22.87 33.22
C GLN B 92 -0.59 -23.09 31.77
N LEU B 93 -1.16 -22.30 30.85
CA LEU B 93 -0.78 -22.40 29.44
C LEU B 93 0.67 -21.99 29.23
N PHE B 94 1.09 -20.88 29.85
CA PHE B 94 2.48 -20.47 29.77
C PHE B 94 3.40 -21.58 30.27
N THR B 95 3.10 -22.13 31.45
CA THR B 95 3.94 -23.20 32.00
C THR B 95 3.95 -24.42 31.08
N TYR B 96 2.78 -24.79 30.56
CA TYR B 96 2.68 -25.94 29.65
C TYR B 96 3.60 -25.78 28.45
N LEU B 97 3.73 -24.56 27.94
CA LEU B 97 4.55 -24.29 26.77
C LEU B 97 6.00 -23.99 27.12
N GLY B 98 6.38 -24.10 28.38
CA GLY B 98 7.73 -23.78 28.80
C GLY B 98 8.04 -22.31 28.77
N MET B 99 7.02 -21.46 28.94
CA MET B 99 7.18 -20.02 28.85
C MET B 99 7.14 -19.32 30.22
N HIS B 100 7.04 -20.07 31.31
CA HIS B 100 6.86 -19.42 32.61
C HIS B 100 8.02 -18.46 32.91
N LYS B 101 9.24 -18.88 32.63
CA LYS B 101 10.41 -18.06 32.89
C LYS B 101 10.58 -16.91 31.90
N GLN B 102 9.79 -16.88 30.83
CA GLN B 102 9.78 -15.77 29.89
C GLN B 102 8.79 -14.69 30.27
N LEU B 103 8.00 -14.89 31.34
CA LEU B 103 7.09 -13.88 31.83
C LEU B 103 7.86 -12.85 32.65
N ILE B 104 7.63 -11.58 32.37
CA ILE B 104 8.31 -10.49 33.05
C ILE B 104 7.26 -9.60 33.70
N PRO B 105 7.66 -8.77 34.66
CA PRO B 105 6.68 -7.92 35.34
C PRO B 105 6.03 -6.91 34.40
N TYR B 106 4.73 -6.74 34.55
CA TYR B 106 4.00 -5.64 33.94
C TYR B 106 3.61 -4.67 35.05
N TYR B 107 4.08 -3.43 34.95
CA TYR B 107 3.84 -2.43 36.00
C TYR B 107 2.56 -1.69 35.67
N PHE B 108 1.45 -2.07 36.33
CA PHE B 108 0.19 -1.39 36.10
C PHE B 108 0.27 0.06 36.54
N LYS B 109 0.90 0.31 37.68
CA LYS B 109 1.32 1.64 38.09
C LYS B 109 2.82 1.78 37.89
N SER B 110 3.30 3.01 37.83
CA SER B 110 4.72 3.24 37.65
C SER B 110 5.52 2.62 38.77
N ASN B 111 6.68 2.05 38.43
CA ASN B 111 7.56 1.47 39.43
C ASN B 111 8.45 2.50 40.10
N LYS B 112 8.42 3.76 39.66
CA LYS B 112 9.19 4.83 40.29
C LYS B 112 8.19 5.89 40.72
N SER B 113 8.26 7.11 40.17
CA SER B 113 7.28 8.12 40.53
C SER B 113 5.95 7.85 39.86
N PRO B 114 4.84 8.26 40.47
CA PRO B 114 3.52 7.92 39.93
C PRO B 114 3.24 8.62 38.60
N GLY B 115 2.37 7.99 37.82
CA GLY B 115 1.93 8.58 36.57
C GLY B 115 1.13 9.85 36.78
N PHE B 116 0.84 10.51 35.67
CA PHE B 116 0.16 11.80 35.67
C PHE B 116 -1.34 11.63 35.46
N GLN B 117 -2.10 12.59 35.99
CA GLN B 117 -3.52 12.75 35.68
C GLN B 117 -3.71 14.17 35.19
N TYR B 118 -4.45 14.32 34.08
CA TYR B 118 -4.68 15.64 33.50
C TYR B 118 -6.15 15.70 33.10
N PHE B 119 -6.96 16.35 33.95
CA PHE B 119 -8.40 16.45 33.75
C PHE B 119 -8.85 17.88 34.02
N ASN B 120 -9.69 18.41 33.13
CA ASN B 120 -10.25 19.75 33.26
C ASN B 120 -9.16 20.81 33.38
N GLY B 121 -8.04 20.60 32.69
CA GLY B 121 -6.92 21.51 32.73
C GLY B 121 -6.09 21.47 33.99
N VAL B 122 -6.35 20.52 34.89
CA VAL B 122 -5.62 20.39 36.15
C VAL B 122 -4.71 19.17 36.04
N ARG B 123 -3.42 19.37 36.34
CA ARG B 123 -2.43 18.31 36.27
C ARG B 123 -2.03 17.89 37.68
N ALA B 124 -1.84 16.59 37.88
CA ALA B 124 -1.44 16.07 39.17
C ALA B 124 -0.87 14.67 38.99
N ARG B 125 -0.18 14.20 40.02
CA ARG B 125 0.29 12.82 40.07
C ARG B 125 -0.78 11.94 40.70
N ILE B 126 -0.85 10.69 40.22
CA ILE B 126 -1.73 9.71 40.84
C ILE B 126 -1.40 9.62 42.32
N GLY B 127 -2.43 9.75 43.16
CA GLY B 127 -2.28 9.65 44.59
C GLY B 127 -2.16 10.96 45.33
N GLU B 128 -2.03 12.08 44.62
CA GLU B 128 -1.88 13.37 45.28
C GLU B 128 -3.20 13.96 45.76
N GLY B 129 -4.33 13.31 45.47
CA GLY B 129 -5.60 13.75 46.01
C GLY B 129 -6.15 15.02 45.40
N SER B 130 -5.87 15.27 44.13
CA SER B 130 -6.44 16.42 43.45
C SER B 130 -7.92 16.20 43.20
N SER B 131 -8.67 17.30 43.20
CA SER B 131 -10.09 17.25 42.85
C SER B 131 -10.34 17.57 41.38
N PHE B 132 -9.33 18.05 40.66
CA PHE B 132 -9.44 18.34 39.23
C PHE B 132 -10.62 19.26 38.94
N ASP B 133 -10.79 20.27 39.80
CA ASP B 133 -11.82 21.29 39.62
C ASP B 133 -13.23 20.72 39.64
N ALA B 134 -13.42 19.54 40.24
CA ALA B 134 -14.75 18.95 40.30
C ALA B 134 -15.79 19.86 40.98
N PRO B 135 -15.45 20.63 42.01
CA PRO B 135 -16.46 21.54 42.58
C PRO B 135 -17.08 22.47 41.55
N ALA B 136 -16.31 22.91 40.56
CA ALA B 136 -16.88 23.75 39.50
C ALA B 136 -17.86 22.97 38.63
N LEU B 137 -17.78 21.64 38.63
CA LEU B 137 -18.76 20.81 37.92
C LEU B 137 -20.02 20.56 38.74
N GLY B 138 -20.06 20.97 40.00
CA GLY B 138 -21.19 20.69 40.86
C GLY B 138 -21.06 19.42 41.67
N ILE B 139 -19.88 18.82 41.72
CA ILE B 139 -19.65 17.63 42.55
C ILE B 139 -19.39 18.11 43.97
N ASN B 140 -20.26 17.73 44.90
CA ASN B 140 -20.11 18.23 46.26
C ASN B 140 -18.88 17.62 46.92
N SER B 141 -18.42 18.27 47.99
CA SER B 141 -17.14 17.91 48.59
C SER B 141 -17.17 16.51 49.21
N SER B 142 -18.34 16.07 49.70
CA SER B 142 -18.41 14.74 50.29
C SER B 142 -18.09 13.66 49.27
N LEU B 143 -18.66 13.77 48.07
CA LEU B 143 -18.36 12.81 47.02
C LEU B 143 -16.88 12.84 46.65
N ILE B 144 -16.32 14.05 46.55
CA ILE B 144 -14.90 14.17 46.21
C ILE B 144 -14.03 13.52 47.27
N ASP B 145 -14.35 13.75 48.55
CA ASP B 145 -13.55 13.16 49.62
C ASP B 145 -13.60 11.65 49.58
N ILE B 146 -14.78 11.08 49.30
CA ILE B 146 -14.91 9.63 49.22
C ILE B 146 -14.12 9.08 48.04
N GLY B 147 -14.27 9.71 46.88
CA GLY B 147 -13.49 9.33 45.72
C GLY B 147 -14.24 8.39 44.80
N VAL B 148 -13.89 8.43 43.52
CA VAL B 148 -14.56 7.61 42.52
C VAL B 148 -14.39 6.13 42.82
N THR B 149 -13.17 5.73 43.18
CA THR B 149 -12.87 4.30 43.34
C THR B 149 -13.75 3.67 44.43
N LYS B 150 -13.87 4.32 45.58
CA LYS B 150 -14.69 3.76 46.65
C LYS B 150 -16.16 3.72 46.26
N ILE B 151 -16.64 4.75 45.57
CA ILE B 151 -18.05 4.78 45.17
C ILE B 151 -18.36 3.64 44.21
N VAL B 152 -17.53 3.47 43.18
CA VAL B 152 -17.78 2.42 42.21
C VAL B 152 -17.65 1.05 42.86
N ASN B 153 -16.66 0.87 43.73
CA ASN B 153 -16.52 -0.41 44.42
C ASN B 153 -17.75 -0.73 45.26
N ASP B 154 -18.31 0.27 45.95
CA ASP B 154 -19.50 0.04 46.76
C ASP B 154 -20.66 -0.44 45.88
N ALA B 155 -20.77 0.09 44.67
CA ALA B 155 -21.86 -0.32 43.78
C ALA B 155 -21.58 -1.68 43.14
N VAL B 156 -20.33 -1.92 42.73
CA VAL B 156 -19.99 -3.15 42.03
C VAL B 156 -19.71 -4.29 43.01
N GLY B 157 -19.25 -3.98 44.22
CA GLY B 157 -18.77 -4.97 45.16
C GLY B 157 -19.71 -6.14 45.38
N PRO B 158 -20.96 -5.86 45.75
CA PRO B 158 -21.90 -6.95 46.01
C PRO B 158 -22.04 -7.93 44.85
N PHE B 159 -22.15 -7.44 43.61
CA PHE B 159 -22.23 -8.34 42.47
C PHE B 159 -20.91 -9.10 42.29
N ALA B 160 -19.78 -8.40 42.39
CA ALA B 160 -18.49 -9.04 42.16
C ALA B 160 -18.21 -10.11 43.21
N GLN B 161 -18.54 -9.84 44.47
CA GLN B 161 -18.30 -10.82 45.53
C GLN B 161 -19.13 -12.07 45.31
N ALA B 162 -20.38 -11.91 44.87
CA ALA B 162 -21.23 -13.07 44.61
C ALA B 162 -20.69 -13.91 43.46
N LEU B 163 -20.17 -13.25 42.42
CA LEU B 163 -19.61 -14.01 41.29
C LEU B 163 -18.30 -14.67 41.69
N PHE B 164 -17.50 -14.02 42.53
CA PHE B 164 -16.27 -14.65 43.00
C PHE B 164 -16.59 -15.85 43.88
N ASP B 165 -17.66 -15.77 44.69
CA ASP B 165 -18.08 -16.90 45.48
C ASP B 165 -18.49 -18.08 44.59
N ASP B 166 -19.13 -17.78 43.46
CA ASP B 166 -19.45 -18.84 42.50
C ASP B 166 -18.19 -19.61 42.11
N LEU B 167 -17.12 -18.88 41.80
CA LEU B 167 -15.89 -19.51 41.34
C LEU B 167 -15.23 -20.31 42.45
N GLN B 168 -15.23 -19.79 43.67
CA GLN B 168 -14.56 -20.46 44.78
C GLN B 168 -15.38 -21.63 45.31
N LYS B 169 -16.69 -21.46 45.43
CA LYS B 169 -17.56 -22.45 46.04
C LYS B 169 -18.24 -23.36 45.02
N HIS B 170 -18.03 -23.12 43.73
CA HIS B 170 -18.65 -23.91 42.67
C HIS B 170 -20.17 -23.81 42.74
N THR B 171 -20.66 -22.59 42.53
CA THR B 171 -22.08 -22.32 42.48
C THR B 171 -22.37 -21.40 41.29
N THR B 172 -23.66 -21.23 40.99
CA THR B 172 -24.09 -20.32 39.93
C THR B 172 -25.15 -19.33 40.41
N THR B 173 -25.41 -19.28 41.71
CA THR B 173 -26.42 -18.36 42.21
C THR B 173 -25.98 -16.91 42.05
N GLY B 174 -24.68 -16.64 42.20
CA GLY B 174 -24.19 -15.30 41.95
C GLY B 174 -24.46 -14.85 40.53
N TRP B 175 -24.23 -15.74 39.56
CA TRP B 175 -24.55 -15.42 38.17
C TRP B 175 -26.06 -15.25 38.00
N ASP B 176 -26.86 -16.08 38.66
CA ASP B 176 -28.31 -15.89 38.61
C ASP B 176 -28.67 -14.50 39.11
N ASP B 177 -28.00 -14.03 40.17
CA ASP B 177 -28.27 -12.68 40.66
CA ASP B 177 -28.29 -12.68 40.65
C ASP B 177 -27.78 -11.62 39.69
N MET B 178 -26.63 -11.86 39.06
CA MET B 178 -26.19 -10.90 38.06
C MET B 178 -27.20 -10.81 36.92
N MET B 179 -27.75 -11.95 36.52
CA MET B 179 -28.66 -11.94 35.36
C MET B 179 -30.02 -11.26 35.65
N LYS B 180 -30.54 -11.35 36.87
CA LYS B 180 -31.72 -10.58 37.22
C LYS B 180 -31.47 -9.08 37.07
N ASN B 181 -30.21 -8.66 37.14
CA ASN B 181 -29.85 -7.25 37.00
C ASN B 181 -29.20 -6.95 35.66
N ASP B 182 -29.24 -7.88 34.71
CA ASP B 182 -28.50 -7.71 33.47
C ASP B 182 -29.17 -6.70 32.53
N ALA B 183 -30.43 -6.36 32.75
CA ALA B 183 -31.06 -5.32 31.94
C ALA B 183 -30.53 -3.93 32.28
N TYR B 184 -29.78 -3.79 33.36
CA TYR B 184 -29.18 -2.50 33.70
C TYR B 184 -27.90 -2.28 32.91
N SER B 185 -27.74 -1.05 32.42
CA SER B 185 -26.41 -0.53 32.17
C SER B 185 -25.83 -0.03 33.50
N THR B 186 -24.52 0.21 33.52
CA THR B 186 -23.93 0.81 34.71
C THR B 186 -24.60 2.14 35.02
N ARG B 187 -24.90 2.92 33.98
CA ARG B 187 -25.55 4.21 34.17
C ARG B 187 -26.95 4.05 34.77
N SER B 188 -27.77 3.19 34.18
CA SER B 188 -29.14 3.05 34.67
C SER B 188 -29.17 2.42 36.06
N TYR B 189 -28.16 1.64 36.41
CA TYR B 189 -28.07 1.13 37.78
C TYR B 189 -27.86 2.27 38.77
N PHE B 190 -26.97 3.21 38.44
CA PHE B 190 -26.75 4.37 39.30
C PHE B 190 -27.97 5.29 39.32
N SER B 191 -28.65 5.43 38.17
CA SER B 191 -29.73 6.39 38.08
C SER B 191 -31.00 5.90 38.77
N PHE B 192 -31.24 4.59 38.80
CA PHE B 192 -32.54 4.06 39.21
C PHE B 192 -32.50 3.04 40.34
N LYS B 193 -31.33 2.60 40.80
CA LYS B 193 -31.31 1.57 41.83
C LYS B 193 -30.28 1.84 42.93
N TYR B 194 -29.03 2.10 42.53
CA TYR B 194 -27.98 2.21 43.54
C TYR B 194 -28.25 3.36 44.49
N LEU B 195 -28.04 3.11 45.78
CA LEU B 195 -28.07 4.13 46.80
C LEU B 195 -26.79 4.04 47.61
N PRO B 196 -26.17 5.18 47.95
CA PRO B 196 -24.87 5.12 48.60
C PRO B 196 -24.95 4.45 49.96
N SER B 197 -23.86 3.81 50.34
CA SER B 197 -23.78 3.20 51.66
C SER B 197 -24.04 4.27 52.72
N PRO B 198 -24.89 4.00 53.71
CA PRO B 198 -25.15 5.02 54.74
C PRO B 198 -23.89 5.51 55.43
N SER B 199 -22.83 4.70 55.47
CA SER B 199 -21.58 5.13 56.09
C SER B 199 -20.91 6.27 55.33
N PHE B 200 -21.29 6.48 54.07
CA PHE B 200 -20.75 7.60 53.30
C PHE B 200 -21.28 8.94 53.80
N GLY B 201 -22.41 8.96 54.52
CA GLY B 201 -23.00 10.20 54.97
C GLY B 201 -23.57 11.06 53.86
N LEU B 202 -23.89 10.47 52.71
CA LEU B 202 -24.45 11.19 51.59
C LEU B 202 -25.98 11.14 51.62
N PRO B 203 -26.65 12.04 50.91
CA PRO B 203 -28.11 11.95 50.80
C PRO B 203 -28.50 10.60 50.21
N SER B 204 -29.56 10.01 50.76
CA SER B 204 -30.06 8.72 50.29
C SER B 204 -30.87 8.93 49.02
N GLU B 205 -30.15 9.20 47.94
CA GLU B 205 -30.74 9.51 46.65
C GLU B 205 -29.88 8.93 45.55
N HIS B 206 -30.50 8.66 44.40
CA HIS B 206 -29.74 8.19 43.26
C HIS B 206 -28.87 9.32 42.72
N PHE B 207 -27.69 8.97 42.23
CA PHE B 207 -26.77 9.97 41.71
C PHE B 207 -27.35 10.62 40.48
N SER B 208 -27.07 11.91 40.32
CA SER B 208 -27.44 12.62 39.11
C SER B 208 -26.53 12.21 37.95
N THR B 209 -26.96 12.55 36.74
CA THR B 209 -26.14 12.30 35.56
C THR B 209 -24.78 12.98 35.69
N ARG B 210 -24.76 14.20 36.24
CA ARG B 210 -23.50 14.91 36.44
C ARG B 210 -22.52 14.08 37.26
N VAL B 211 -23.01 13.49 38.35
CA VAL B 211 -22.15 12.66 39.19
C VAL B 211 -21.77 11.37 38.48
N ILE B 212 -22.74 10.75 37.80
CA ILE B 212 -22.48 9.49 37.12
C ILE B 212 -21.42 9.68 36.04
N ASN B 213 -21.52 10.76 35.26
CA ASN B 213 -20.53 11.00 34.22
C ASN B 213 -19.17 11.35 34.82
N TRP B 214 -19.16 11.97 36.01
CA TRP B 214 -17.91 12.18 36.72
C TRP B 214 -17.27 10.84 37.10
N LEU B 215 -18.08 9.89 37.56
CA LEU B 215 -17.58 8.54 37.83
C LEU B 215 -16.97 7.91 36.58
N GLU B 216 -17.71 7.95 35.47
CA GLU B 216 -17.22 7.31 34.26
C GLU B 216 -15.93 7.97 33.78
N THR B 217 -15.82 9.29 33.95
CA THR B 217 -14.65 10.01 33.46
C THR B 217 -13.37 9.43 34.06
N PHE B 218 -13.38 9.18 35.37
CA PHE B 218 -12.19 8.70 36.08
C PHE B 218 -12.14 7.19 36.22
N ASP B 219 -13.27 6.49 36.08
CA ASP B 219 -13.29 5.04 36.27
C ASP B 219 -12.97 4.30 34.97
N LYS B 220 -13.59 4.71 33.86
CA LYS B 220 -13.45 3.97 32.62
C LYS B 220 -13.26 4.93 31.44
N SER B 221 -14.08 4.78 30.40
CA SER B 221 -13.94 5.54 29.17
C SER B 221 -15.28 6.15 28.79
N THR B 222 -15.24 7.11 27.88
CA THR B 222 -16.46 7.81 27.48
C THR B 222 -17.42 6.83 26.81
N GLY B 223 -18.57 6.62 27.44
CA GLY B 223 -19.59 5.72 26.95
C GLY B 223 -19.57 4.34 27.57
N TRP B 224 -18.56 4.02 28.41
CA TRP B 224 -18.49 2.72 29.04
C TRP B 224 -19.77 2.42 29.82
N TYR B 225 -20.28 3.41 30.56
CA TYR B 225 -21.40 3.18 31.47
C TYR B 225 -22.71 2.94 30.74
N ASP B 226 -22.78 3.20 29.43
CA ASP B 226 -24.00 2.87 28.69
C ASP B 226 -24.03 1.41 28.27
N ARG B 227 -22.96 0.66 28.48
CA ARG B 227 -22.94 -0.77 28.22
C ARG B 227 -23.45 -1.51 29.45
N GLY B 228 -23.44 -2.85 29.37
CA GLY B 228 -24.06 -3.64 30.41
C GLY B 228 -23.36 -3.48 31.75
N LEU B 229 -24.18 -3.34 32.80
CA LEU B 229 -23.66 -3.40 34.17
C LEU B 229 -22.84 -4.65 34.38
N THR B 230 -23.28 -5.77 33.81
CA THR B 230 -22.58 -7.03 34.00
C THR B 230 -21.13 -6.94 33.53
N GLU B 231 -20.89 -6.25 32.42
CA GLU B 231 -19.51 -6.10 31.92
C GLU B 231 -18.66 -5.31 32.90
N THR B 232 -19.23 -4.29 33.54
CA THR B 232 -18.49 -3.56 34.57
C THR B 232 -18.12 -4.49 35.71
N VAL B 233 -19.05 -5.35 36.13
CA VAL B 233 -18.77 -6.28 37.22
C VAL B 233 -17.70 -7.29 36.80
N LEU B 234 -17.87 -7.88 35.61
CA LEU B 234 -16.91 -8.89 35.16
C LEU B 234 -15.52 -8.32 34.97
N GLU B 235 -15.42 -7.05 34.56
CA GLU B 235 -14.10 -6.46 34.37
C GLU B 235 -13.41 -6.20 35.71
N ALA B 236 -14.19 -5.82 36.73
CA ALA B 236 -13.60 -5.63 38.06
C ALA B 236 -13.04 -6.95 38.58
N ILE B 237 -13.71 -8.05 38.29
CA ILE B 237 -13.19 -9.36 38.69
C ILE B 237 -11.94 -9.70 37.89
N ALA B 238 -11.95 -9.43 36.58
CA ALA B 238 -10.81 -9.75 35.73
C ALA B 238 -9.59 -8.95 36.14
N PHE B 239 -9.77 -7.68 36.48
CA PHE B 239 -8.67 -6.81 36.92
C PHE B 239 -8.21 -7.11 38.34
N GLY B 240 -8.80 -8.08 39.01
CA GLY B 240 -8.41 -8.44 40.36
C GLY B 240 -8.95 -7.56 41.46
N GLU B 241 -9.96 -6.75 41.17
CA GLU B 241 -10.54 -5.86 42.18
C GLU B 241 -11.58 -6.59 43.02
N VAL B 242 -11.26 -7.78 43.50
CA VAL B 242 -12.20 -8.57 44.28
C VAL B 242 -11.47 -9.38 45.34
N GLU B 246 -4.09 -11.96 45.54
CA GLU B 246 -3.73 -10.88 44.65
C GLU B 246 -3.24 -11.40 43.30
N VAL B 247 -3.05 -10.48 42.36
CA VAL B 247 -2.66 -10.83 41.00
C VAL B 247 -1.23 -10.39 40.75
N ASP B 248 -0.55 -11.17 39.92
CA ASP B 248 0.80 -10.85 39.43
C ASP B 248 0.63 -10.34 38.00
N TRP B 249 0.73 -9.03 37.82
CA TRP B 249 0.63 -8.46 36.47
C TRP B 249 1.88 -8.83 35.69
N ARG B 250 1.69 -9.47 34.54
CA ARG B 250 2.79 -9.94 33.72
C ARG B 250 2.57 -9.56 32.25
N CYS B 251 3.68 -9.43 31.53
CA CYS B 251 3.69 -9.37 30.08
C CYS B 251 4.75 -10.36 29.60
N ILE B 252 4.81 -10.56 28.28
CA ILE B 252 5.66 -11.58 27.68
C ILE B 252 6.89 -10.90 27.10
N ASP B 253 8.07 -11.38 27.50
CA ASP B 253 9.32 -10.84 26.99
C ASP B 253 9.40 -11.03 25.48
N GLY B 254 9.53 -9.92 24.76
CA GLY B 254 9.51 -9.94 23.31
C GLY B 254 8.16 -9.63 22.68
N GLY B 255 7.11 -9.56 23.49
CA GLY B 255 5.79 -9.25 22.99
C GLY B 255 4.87 -10.46 23.04
N SER B 256 3.56 -10.17 23.06
CA SER B 256 2.56 -11.23 23.14
C SER B 256 2.63 -12.19 21.97
N HIS B 257 3.23 -11.78 20.85
CA HIS B 257 3.34 -12.66 19.70
C HIS B 257 4.07 -13.96 20.04
N VAL B 258 4.96 -13.93 21.03
CA VAL B 258 5.72 -15.12 21.39
C VAL B 258 4.78 -16.26 21.77
N LEU B 259 3.63 -15.94 22.38
CA LEU B 259 2.73 -17.01 22.83
C LEU B 259 2.16 -17.78 21.64
N PRO B 260 1.45 -17.16 20.69
CA PRO B 260 0.94 -17.93 19.55
C PRO B 260 2.03 -18.48 18.64
N ASP B 261 3.15 -17.77 18.47
CA ASP B 261 4.24 -18.31 17.68
C ASP B 261 4.77 -19.60 18.28
N THR B 262 4.87 -19.65 19.61
CA THR B 262 5.38 -20.87 20.24
C THR B 262 4.41 -22.02 20.08
N ILE B 263 3.11 -21.78 20.23
CA ILE B 263 2.13 -22.84 20.02
C ILE B 263 2.22 -23.35 18.58
N ALA B 264 2.26 -22.43 17.62
CA ALA B 264 2.31 -22.82 16.22
C ALA B 264 3.54 -23.68 15.93
N ALA B 265 4.70 -23.26 16.43
CA ALA B 265 5.92 -24.04 16.20
C ALA B 265 5.82 -25.43 16.83
N PHE B 266 5.16 -25.53 17.98
CA PHE B 266 4.96 -26.83 18.61
C PHE B 266 4.07 -27.73 17.76
N LEU B 267 2.95 -27.17 17.28
CA LEU B 267 2.03 -27.98 16.48
C LEU B 267 2.64 -28.37 15.14
N HIS B 268 3.56 -27.55 14.60
CA HIS B 268 4.12 -27.84 13.30
C HIS B 268 4.94 -29.13 13.30
N LYS B 269 5.75 -29.33 14.33
CA LYS B 269 6.65 -30.48 14.38
C LYS B 269 5.94 -31.77 14.76
N LYS B 270 4.63 -31.76 14.97
CA LYS B 270 3.88 -32.98 15.24
C LYS B 270 3.13 -33.43 13.99
N ALA B 274 -2.80 -29.83 10.79
CA ALA B 274 -1.97 -28.93 10.01
C ALA B 274 -2.58 -27.53 9.94
N PHE B 275 -1.87 -26.61 9.28
CA PHE B 275 -2.32 -25.24 9.11
C PHE B 275 -2.72 -25.04 7.66
N VAL B 276 -3.88 -24.41 7.45
CA VAL B 276 -4.32 -23.99 6.12
C VAL B 276 -4.37 -22.47 6.17
N MET B 277 -3.30 -21.82 5.72
CA MET B 277 -3.15 -20.38 5.80
C MET B 277 -3.68 -19.71 4.53
N ASN B 278 -3.90 -18.40 4.63
CA ASN B 278 -4.34 -17.58 3.50
C ASN B 278 -5.61 -18.12 2.88
N ALA B 279 -6.55 -18.55 3.73
CA ALA B 279 -7.81 -19.15 3.26
C ALA B 279 -8.95 -18.60 4.13
N SER B 280 -9.59 -17.54 3.65
CA SER B 280 -10.71 -16.94 4.37
C SER B 280 -11.95 -17.80 4.20
N VAL B 281 -12.66 -18.02 5.30
CA VAL B 281 -13.87 -18.83 5.30
C VAL B 281 -15.02 -18.01 4.75
N THR B 282 -15.75 -18.57 3.79
CA THR B 282 -16.93 -17.92 3.24
C THR B 282 -18.22 -18.71 3.43
N ALA B 283 -18.15 -19.98 3.80
CA ALA B 283 -19.36 -20.78 4.01
C ALA B 283 -19.07 -21.88 5.02
N ILE B 284 -20.08 -22.17 5.83
CA ILE B 284 -20.03 -23.26 6.81
C ILE B 284 -21.40 -23.93 6.83
N GLY B 285 -21.44 -25.24 6.63
CA GLY B 285 -22.70 -25.95 6.66
C GLY B 285 -22.48 -27.44 6.49
N LEU B 286 -23.53 -28.18 6.83
CA LEU B 286 -23.53 -29.62 6.63
C LEU B 286 -23.58 -29.94 5.13
N GLU B 287 -22.85 -30.97 4.72
CA GLU B 287 -22.91 -31.40 3.34
C GLU B 287 -24.33 -31.77 2.93
N ASN B 288 -25.04 -32.50 3.79
CA ASN B 288 -26.44 -32.86 3.56
C ASN B 288 -27.16 -32.70 4.89
N PRO B 289 -27.89 -31.59 5.09
CA PRO B 289 -28.52 -31.36 6.39
C PRO B 289 -29.58 -32.39 6.77
N ASN B 290 -29.98 -33.27 5.86
CA ASN B 290 -30.99 -34.28 6.15
C ASN B 290 -30.40 -35.65 6.44
N LYS B 291 -29.08 -35.79 6.47
CA LYS B 291 -28.41 -37.05 6.78
C LYS B 291 -27.77 -36.94 8.16
N GLU B 292 -28.05 -37.93 9.00
CA GLU B 292 -27.54 -37.89 10.37
C GLU B 292 -26.03 -37.96 10.41
N ASP B 293 -25.40 -38.70 9.50
CA ASP B 293 -23.96 -38.83 9.45
C ASP B 293 -23.31 -37.82 8.51
N SER B 294 -24.01 -36.76 8.14
CA SER B 294 -23.47 -35.79 7.22
C SER B 294 -22.22 -35.12 7.80
N PRO B 295 -21.13 -35.04 7.06
CA PRO B 295 -19.99 -34.24 7.53
C PRO B 295 -20.26 -32.74 7.40
N MET B 296 -19.38 -31.97 8.03
CA MET B 296 -19.39 -30.52 7.87
C MET B 296 -18.53 -30.15 6.67
N VAL B 297 -18.93 -29.08 5.98
CA VAL B 297 -18.21 -28.54 4.85
C VAL B 297 -17.84 -27.10 5.17
N VAL B 298 -16.57 -26.76 4.99
CA VAL B 298 -16.08 -25.39 5.14
C VAL B 298 -15.51 -24.95 3.81
N VAL B 299 -16.03 -23.86 3.27
CA VAL B 299 -15.47 -23.26 2.06
C VAL B 299 -14.47 -22.20 2.52
N ALA B 300 -13.19 -22.42 2.23
CA ALA B 300 -12.13 -21.52 2.62
C ALA B 300 -11.16 -21.36 1.47
N GLY B 301 -10.82 -20.12 1.14
CA GLY B 301 -9.97 -19.87 0.00
C GLY B 301 -10.50 -20.44 -1.30
N GLY B 302 -11.82 -20.51 -1.44
CA GLY B 302 -12.44 -21.02 -2.65
C GLY B 302 -12.41 -22.53 -2.79
N GLN B 303 -12.07 -23.26 -1.74
CA GLN B 303 -12.01 -24.72 -1.78
CA GLN B 303 -12.01 -24.71 -1.78
C GLN B 303 -12.90 -25.29 -0.68
N LYS B 304 -13.53 -26.43 -0.99
CA LYS B 304 -14.37 -27.13 -0.03
C LYS B 304 -13.53 -28.07 0.80
N ARG B 305 -13.69 -28.01 2.11
CA ARG B 305 -13.02 -28.91 3.03
C ARG B 305 -14.05 -29.59 3.92
N LYS B 306 -13.88 -30.90 4.12
CA LYS B 306 -14.82 -31.69 4.92
C LYS B 306 -14.23 -31.99 6.28
N TYR B 307 -15.10 -31.97 7.29
CA TYR B 307 -14.72 -32.26 8.67
C TYR B 307 -15.88 -32.98 9.35
N SER B 308 -15.56 -33.69 10.43
CA SER B 308 -16.62 -34.30 11.23
C SER B 308 -17.31 -33.23 12.08
N HIS B 309 -16.52 -32.39 12.74
CA HIS B 309 -17.03 -31.28 13.54
C HIS B 309 -16.19 -30.05 13.25
N VAL B 310 -16.77 -28.89 13.53
CA VAL B 310 -16.11 -27.60 13.31
C VAL B 310 -16.15 -26.79 14.59
N ILE B 311 -15.00 -26.30 15.01
CA ILE B 311 -14.90 -25.34 16.11
C ILE B 311 -14.54 -24.00 15.49
N SER B 312 -15.45 -23.05 15.59
CA SER B 312 -15.25 -21.70 15.06
C SER B 312 -14.80 -20.78 16.18
N THR B 313 -13.69 -20.08 15.97
CA THR B 313 -13.26 -19.00 16.85
C THR B 313 -13.40 -17.63 16.18
N LEU B 314 -14.14 -17.56 15.08
CA LEU B 314 -14.31 -16.30 14.37
C LEU B 314 -15.17 -15.35 15.18
N PRO B 315 -14.84 -14.06 15.22
CA PRO B 315 -15.71 -13.09 15.90
C PRO B 315 -17.13 -13.15 15.36
N LEU B 316 -18.09 -12.84 16.24
CA LEU B 316 -19.48 -12.88 15.83
C LEU B 316 -19.77 -12.03 14.60
N PRO B 317 -19.29 -10.78 14.50
CA PRO B 317 -19.54 -10.01 13.27
C PRO B 317 -18.96 -10.65 12.03
N VAL B 318 -17.85 -11.40 12.17
CA VAL B 318 -17.28 -12.09 11.02
C VAL B 318 -18.20 -13.23 10.58
N LEU B 319 -18.76 -13.97 11.54
CA LEU B 319 -19.71 -15.02 11.20
C LEU B 319 -20.90 -14.47 10.43
N ARG B 320 -21.25 -13.20 10.65
CA ARG B 320 -22.35 -12.58 9.92
C ARG B 320 -22.02 -12.36 8.45
N THR B 321 -20.74 -12.43 8.07
CA THR B 321 -20.33 -12.36 6.68
C THR B 321 -20.13 -13.73 6.06
N VAL B 322 -20.37 -14.81 6.81
CA VAL B 322 -20.20 -16.17 6.33
C VAL B 322 -21.57 -16.75 6.00
N ASP B 323 -21.65 -17.52 4.92
CA ASP B 323 -22.88 -18.20 4.55
C ASP B 323 -23.08 -19.38 5.49
N LEU B 324 -24.01 -19.24 6.43
CA LEU B 324 -24.28 -20.27 7.42
C LEU B 324 -25.52 -21.09 7.10
N LYS B 325 -26.05 -20.98 5.89
CA LYS B 325 -27.10 -21.89 5.47
C LYS B 325 -26.56 -23.32 5.51
N ASN B 326 -27.39 -24.24 6.00
CA ASN B 326 -27.07 -25.65 6.21
C ASN B 326 -26.31 -25.87 7.50
N SER B 327 -26.01 -24.83 8.28
CA SER B 327 -25.55 -24.97 9.65
C SER B 327 -26.70 -25.02 10.65
N LYS B 328 -27.93 -24.72 10.21
CA LYS B 328 -29.13 -24.91 11.03
C LYS B 328 -29.02 -24.22 12.38
N LEU B 329 -28.65 -22.93 12.36
CA LEU B 329 -28.75 -22.14 13.57
C LEU B 329 -30.22 -21.97 13.94
N ASP B 330 -30.51 -22.08 15.23
CA ASP B 330 -31.87 -21.80 15.67
C ASP B 330 -32.08 -20.29 15.68
N ILE B 331 -33.34 -19.88 15.83
CA ILE B 331 -33.71 -18.48 15.64
C ILE B 331 -33.01 -17.59 16.67
N VAL B 332 -32.72 -18.13 17.85
CA VAL B 332 -32.04 -17.34 18.87
C VAL B 332 -30.57 -17.16 18.53
N GLN B 333 -29.92 -18.23 18.07
CA GLN B 333 -28.50 -18.14 17.71
C GLN B 333 -28.27 -17.10 16.62
N SER B 334 -29.11 -17.11 15.58
CA SER B 334 -28.91 -16.18 14.48
C SER B 334 -29.11 -14.74 14.92
N ASN B 335 -30.08 -14.49 15.80
CA ASN B 335 -30.24 -13.13 16.33
C ASN B 335 -29.07 -12.75 17.23
N ALA B 336 -28.53 -13.73 17.98
CA ALA B 336 -27.40 -13.46 18.87
C ALA B 336 -26.16 -13.03 18.08
N LEU B 337 -25.93 -13.64 16.91
CA LEU B 337 -24.78 -13.23 16.11
C LEU B 337 -24.82 -11.74 15.78
N ARG B 338 -26.02 -11.20 15.60
CA ARG B 338 -26.18 -9.78 15.25
C ARG B 338 -26.20 -8.88 16.47
N LYS B 339 -26.91 -9.26 17.53
CA LYS B 339 -27.21 -8.35 18.63
C LYS B 339 -26.13 -8.32 19.70
N LEU B 340 -25.48 -9.45 20.00
CA LEU B 340 -24.44 -9.46 21.01
C LEU B 340 -23.36 -8.44 20.65
N GLN B 341 -23.19 -7.44 21.52
CA GLN B 341 -22.51 -6.21 21.14
C GLN B 341 -21.01 -6.32 21.27
N TYR B 342 -20.30 -5.71 20.33
CA TYR B 342 -18.85 -5.58 20.34
C TYR B 342 -18.48 -4.14 20.67
N GLY B 343 -17.24 -3.96 21.11
CA GLY B 343 -16.72 -2.65 21.45
C GLY B 343 -15.50 -2.28 20.65
N PRO B 344 -15.25 -0.98 20.49
CA PRO B 344 -14.09 -0.52 19.72
C PRO B 344 -12.85 -0.30 20.58
N SER B 345 -11.72 -0.14 19.89
CA SER B 345 -10.48 0.24 20.56
C SER B 345 -9.46 0.64 19.52
N ILE B 346 -8.63 1.62 19.89
CA ILE B 346 -7.50 2.04 19.07
C ILE B 346 -6.26 2.11 19.96
N LYS B 347 -5.10 1.94 19.35
CA LYS B 347 -3.82 2.17 20.00
C LYS B 347 -2.93 2.96 19.05
N ILE B 348 -2.09 3.81 19.62
CA ILE B 348 -1.09 4.55 18.86
C ILE B 348 0.26 4.36 19.55
N GLY B 349 1.20 3.74 18.85
CA GLY B 349 2.55 3.54 19.35
C GLY B 349 3.50 4.51 18.67
N ILE B 350 4.43 5.05 19.44
CA ILE B 350 5.40 6.03 18.96
C ILE B 350 6.79 5.61 19.39
N LEU B 351 7.69 5.49 18.43
CA LEU B 351 9.10 5.29 18.70
C LEU B 351 9.75 6.66 18.90
N PHE B 352 10.37 6.86 20.06
CA PHE B 352 11.13 8.06 20.34
C PHE B 352 12.63 7.74 20.29
N LYS B 353 13.44 8.79 20.34
CA LYS B 353 14.88 8.62 20.36
C LYS B 353 15.40 8.19 21.73
N GLU B 354 14.59 8.30 22.77
CA GLU B 354 15.02 8.00 24.14
C GLU B 354 13.76 7.78 24.97
N PRO B 355 13.88 7.11 26.12
CA PRO B 355 12.73 7.00 27.02
C PRO B 355 12.60 8.25 27.88
N TRP B 356 12.16 9.34 27.24
CA TRP B 356 12.14 10.63 27.90
C TRP B 356 11.30 10.63 29.16
N TRP B 357 10.24 9.80 29.19
CA TRP B 357 9.41 9.69 30.38
C TRP B 357 10.18 9.15 31.58
N THR B 358 11.30 8.45 31.34
CA THR B 358 12.13 7.92 32.40
C THR B 358 13.30 8.82 32.76
N THR B 359 13.94 9.42 31.76
CA THR B 359 15.16 10.19 31.97
C THR B 359 14.99 11.69 31.82
N GLY B 360 13.86 12.15 31.28
CA GLY B 360 13.69 13.55 30.95
C GLY B 360 13.09 14.36 32.10
N GLN B 361 12.82 15.62 31.79
CA GLN B 361 12.25 16.56 32.75
C GLN B 361 11.29 17.48 32.02
N ASP B 362 10.34 18.04 32.76
CA ASP B 362 9.33 18.89 32.15
C ASP B 362 9.87 20.30 31.92
N LYS B 363 9.01 21.20 31.45
CA LYS B 363 9.44 22.55 31.12
C LYS B 363 9.95 23.32 32.32
N ASN B 364 9.57 22.92 33.53
CA ASN B 364 10.01 23.59 34.75
C ASN B 364 11.18 22.87 35.43
N GLY B 365 11.74 21.85 34.78
CA GLY B 365 12.88 21.14 35.33
C GLY B 365 12.54 19.99 36.25
N GLU B 366 11.26 19.61 36.35
CA GLU B 366 10.86 18.50 37.21
C GLU B 366 10.94 17.19 36.43
N LYS B 367 11.65 16.21 36.99
CA LYS B 367 11.83 14.94 36.31
C LYS B 367 10.54 14.14 36.31
N PHE B 368 10.22 13.54 35.17
CA PHE B 368 9.05 12.67 35.09
C PHE B 368 9.23 11.44 35.97
N ASP B 369 10.38 10.78 35.85
CA ASP B 369 10.75 9.63 36.69
C ASP B 369 9.68 8.54 36.63
N LEU B 370 9.25 8.23 35.41
CA LEU B 370 8.24 7.22 35.17
C LEU B 370 8.90 5.95 34.63
N VAL B 371 8.54 4.81 35.20
CA VAL B 371 9.01 3.50 34.74
C VAL B 371 7.79 2.59 34.67
N GLY B 372 7.37 2.26 33.46
CA GLY B 372 6.12 1.54 33.33
C GLY B 372 4.96 2.40 33.80
N GLY B 373 3.88 1.73 34.16
CA GLY B 373 2.72 2.44 34.65
C GLY B 373 1.96 3.13 33.50
N GLN B 374 1.05 4.02 33.91
CA GLN B 374 0.14 4.66 32.98
C GLN B 374 -0.15 6.08 33.44
N SER B 375 -0.49 6.93 32.48
CA SER B 375 -1.04 8.26 32.76
C SER B 375 -2.43 8.36 32.13
N TYR B 376 -3.27 9.20 32.71
CA TYR B 376 -4.66 9.31 32.29
C TYR B 376 -5.04 10.78 32.10
N THR B 377 -5.94 11.01 31.16
CA THR B 377 -6.39 12.36 30.84
C THR B 377 -7.75 12.29 30.17
N ASP B 378 -8.50 13.39 30.26
CA ASP B 378 -9.72 13.52 29.49
C ASP B 378 -9.47 14.06 28.09
N LEU B 379 -8.22 14.35 27.74
CA LEU B 379 -7.88 14.70 26.37
C LEU B 379 -8.06 13.50 25.46
N PRO B 380 -8.16 13.73 24.15
CA PRO B 380 -8.48 12.63 23.21
C PRO B 380 -7.62 11.38 23.37
N ILE B 381 -6.34 11.49 23.76
CA ILE B 381 -5.53 10.28 23.86
C ILE B 381 -5.94 9.41 25.05
N ARG B 382 -6.58 10.01 26.07
CA ARG B 382 -7.18 9.32 27.20
C ARG B 382 -6.18 8.59 28.11
N THR B 383 -5.41 7.65 27.57
CA THR B 383 -4.52 6.83 28.39
C THR B 383 -3.17 6.68 27.70
N VAL B 384 -2.10 6.87 28.47
CA VAL B 384 -0.73 6.67 28.01
C VAL B 384 -0.15 5.50 28.80
N VAL B 385 0.52 4.58 28.11
CA VAL B 385 1.07 3.38 28.73
C VAL B 385 2.56 3.34 28.45
N TYR B 386 3.36 3.43 29.52
CA TYR B 386 4.80 3.36 29.39
C TYR B 386 5.26 1.91 29.46
N PRO B 387 6.24 1.52 28.64
CA PRO B 387 6.59 0.09 28.55
C PRO B 387 7.22 -0.41 29.84
N SER B 388 6.82 -1.63 30.23
CA SER B 388 7.46 -2.33 31.34
C SER B 388 8.58 -3.26 30.89
N TYR B 389 8.56 -3.68 29.62
CA TYR B 389 9.59 -4.58 29.11
C TYR B 389 10.89 -3.82 28.82
N GLY B 390 12.01 -4.46 29.16
CA GLY B 390 13.32 -3.92 28.89
C GLY B 390 13.83 -2.89 29.87
N VAL B 391 13.06 -2.53 30.89
CA VAL B 391 13.44 -1.43 31.77
C VAL B 391 14.74 -1.72 32.50
N ASN B 392 15.02 -2.98 32.82
CA ASN B 392 16.21 -3.37 33.55
C ASN B 392 17.23 -4.06 32.64
N THR B 393 17.41 -3.54 31.43
CA THR B 393 18.34 -4.10 30.47
C THR B 393 19.29 -3.01 29.99
N ASN B 394 20.24 -3.41 29.14
CA ASN B 394 21.20 -2.47 28.58
C ASN B 394 20.58 -1.56 27.53
N ALA B 395 19.45 -1.95 26.95
CA ALA B 395 18.78 -1.18 25.90
C ALA B 395 17.30 -1.07 26.24
N PRO B 396 16.94 -0.18 27.16
CA PRO B 396 15.52 0.02 27.48
C PRO B 396 14.72 0.45 26.26
N SER B 397 13.42 0.18 26.31
CA SER B 397 12.53 0.53 25.22
C SER B 397 12.42 2.03 25.06
N ASN B 398 12.47 2.49 23.81
CA ASN B 398 12.16 3.87 23.45
C ASN B 398 10.75 4.02 22.89
N THR B 399 9.92 2.98 23.03
CA THR B 399 8.62 2.95 22.38
C THR B 399 7.53 3.21 23.41
N LEU B 400 6.64 4.14 23.09
CA LEU B 400 5.54 4.53 23.97
C LEU B 400 4.22 4.18 23.32
N ILE B 401 3.27 3.73 24.13
CA ILE B 401 1.86 3.67 23.72
C ILE B 401 1.29 5.04 24.06
N ALA B 402 1.29 5.93 23.07
CA ALA B 402 0.88 7.32 23.29
C ALA B 402 -0.62 7.46 23.47
N SER B 403 -1.42 6.51 22.98
CA SER B 403 -2.86 6.56 23.15
C SER B 403 -3.43 5.15 23.14
N TYR B 404 -4.34 4.90 24.07
CA TYR B 404 -5.07 3.64 24.16
C TYR B 404 -6.49 3.99 24.59
N CYS B 405 -7.46 3.83 23.68
CA CYS B 405 -8.82 4.31 23.88
C CYS B 405 -9.82 3.18 23.78
N TRP B 406 -10.96 3.38 24.45
CA TRP B 406 -12.13 2.52 24.38
C TRP B 406 -13.34 3.33 23.95
N THR B 407 -14.43 2.61 23.68
CA THR B 407 -15.77 3.18 23.45
C THR B 407 -15.72 4.47 22.64
N ASN B 408 -16.42 5.53 23.09
CA ASN B 408 -16.55 6.73 22.27
C ASN B 408 -15.19 7.34 21.94
N ASP B 409 -14.24 7.26 22.87
CA ASP B 409 -12.93 7.84 22.63
C ASP B 409 -12.24 7.14 21.46
N ALA B 410 -12.40 5.82 21.36
CA ALA B 410 -11.82 5.07 20.26
C ALA B 410 -12.55 5.32 18.96
N GLU B 411 -13.89 5.44 19.02
CA GLU B 411 -14.66 5.71 17.81
C GLU B 411 -14.23 7.01 17.16
N ARG B 412 -14.11 8.07 17.96
CA ARG B 412 -13.75 9.37 17.42
C ARG B 412 -12.32 9.37 16.88
N MET B 413 -11.38 8.83 17.67
CA MET B 413 -9.99 8.80 17.23
C MET B 413 -9.83 7.97 15.97
N GLY B 414 -10.66 6.93 15.79
CA GLY B 414 -10.50 6.05 14.65
C GLY B 414 -10.62 6.75 13.32
N SER B 415 -11.38 7.85 13.25
CA SER B 415 -11.52 8.56 12.00
C SER B 415 -10.21 9.18 11.52
N LEU B 416 -9.25 9.36 12.42
CA LEU B 416 -7.95 9.92 12.07
C LEU B 416 -6.90 8.84 11.81
N ILE B 417 -7.26 7.56 11.89
CA ILE B 417 -6.32 6.46 11.76
C ILE B 417 -6.60 5.73 10.45
N GLY B 418 -5.53 5.33 9.77
CA GLY B 418 -5.67 4.54 8.55
C GLY B 418 -6.35 5.26 7.41
N THR B 419 -6.21 6.58 7.33
CA THR B 419 -6.81 7.33 6.22
C THR B 419 -6.01 7.22 4.93
N GLY B 420 -4.72 6.90 5.01
CA GLY B 420 -3.89 6.88 3.83
C GLY B 420 -3.52 8.23 3.28
N ALA B 421 -3.94 9.31 3.94
CA ALA B 421 -3.68 10.66 3.49
C ALA B 421 -2.64 11.30 4.41
N ALA B 422 -1.58 11.84 3.82
CA ALA B 422 -0.52 12.45 4.61
C ALA B 422 -1.06 13.60 5.47
N THR B 423 -2.05 14.34 4.98
CA THR B 423 -2.57 15.47 5.73
C THR B 423 -3.19 15.01 7.06
N TYR B 424 -3.90 13.88 7.05
CA TYR B 424 -4.51 13.39 8.28
C TYR B 424 -3.50 12.68 9.16
N GLU B 425 -2.51 12.00 8.57
CA GLU B 425 -1.42 11.44 9.35
CA GLU B 425 -1.43 11.44 9.37
C GLU B 425 -0.69 12.53 10.13
N GLU B 426 -0.50 13.69 9.50
CA GLU B 426 0.14 14.82 10.18
C GLU B 426 -0.77 15.38 11.27
N GLN B 427 -2.07 15.52 10.97
CA GLN B 427 -3.00 15.98 12.00
C GLN B 427 -3.00 15.04 13.20
N LEU B 428 -3.03 13.73 12.94
CA LEU B 428 -3.01 12.76 14.04
C LEU B 428 -1.77 12.91 14.90
N GLU B 429 -0.60 12.98 14.27
CA GLU B 429 0.64 13.10 15.02
C GLU B 429 0.65 14.36 15.87
N HIS B 430 0.24 15.48 15.29
CA HIS B 430 0.26 16.74 16.02
C HIS B 430 -0.70 16.70 17.22
N LEU B 431 -1.87 16.08 17.02
CA LEU B 431 -2.82 15.95 18.13
C LEU B 431 -2.24 15.10 19.25
N VAL B 432 -1.66 13.96 18.91
CA VAL B 432 -1.13 13.05 19.94
C VAL B 432 0.01 13.72 20.70
N LEU B 433 0.95 14.32 19.98
CA LEU B 433 2.08 14.96 20.64
C LEU B 433 1.62 16.14 21.48
N SER B 434 0.66 16.92 20.96
CA SER B 434 0.12 18.04 21.73
C SER B 434 -0.54 17.55 23.01
N ASN B 435 -1.36 16.50 22.93
CA ASN B 435 -1.97 15.93 24.12
C ASN B 435 -0.90 15.45 25.09
N LEU B 436 0.11 14.74 24.58
CA LEU B 436 1.20 14.26 25.44
C LEU B 436 1.89 15.43 26.14
N ALA B 437 2.14 16.52 25.40
CA ALA B 437 2.82 17.67 25.99
C ALA B 437 2.00 18.27 27.13
N ALA B 438 0.68 18.36 26.96
CA ALA B 438 -0.16 18.93 28.01
C ALA B 438 -0.21 18.02 29.23
N VAL B 439 -0.24 16.71 29.02
CA VAL B 439 -0.32 15.78 30.14
C VAL B 439 0.96 15.83 30.97
N HIS B 440 2.12 15.85 30.31
CA HIS B 440 3.41 15.79 31.00
C HIS B 440 3.98 17.17 31.30
N ASN B 441 3.34 18.24 30.84
CA ASN B 441 3.78 19.61 31.07
C ASN B 441 5.10 19.90 30.33
N THR B 442 5.14 19.55 29.05
CA THR B 442 6.27 19.88 28.20
C THR B 442 5.81 20.77 27.06
N ASP B 443 6.76 21.27 26.29
CA ASP B 443 6.44 21.94 25.04
C ASP B 443 6.23 20.90 23.96
N TYR B 444 5.46 21.28 22.94
CA TYR B 444 5.26 20.39 21.80
C TYR B 444 6.60 20.03 21.15
N GLN B 445 7.49 21.00 21.00
CA GLN B 445 8.74 20.75 20.27
C GLN B 445 9.65 19.78 21.01
N TYR B 446 9.57 19.76 22.35
CA TYR B 446 10.39 18.82 23.11
C TYR B 446 10.13 17.39 22.68
N LEU B 447 8.87 17.05 22.39
CA LEU B 447 8.51 15.70 21.97
C LEU B 447 8.68 15.50 20.46
N LYS B 448 8.39 16.53 19.67
CA LYS B 448 8.59 16.42 18.23
C LYS B 448 10.06 16.17 17.89
N ASP B 449 10.97 16.87 18.58
CA ASP B 449 12.39 16.66 18.35
C ASP B 449 12.83 15.23 18.64
N ARG B 450 12.09 14.50 19.48
CA ARG B 450 12.46 13.16 19.88
C ARG B 450 11.68 12.07 19.16
N LEU B 451 10.72 12.44 18.30
CA LEU B 451 9.91 11.46 17.60
C LEU B 451 10.67 10.84 16.44
N VAL B 452 10.49 9.54 16.25
CA VAL B 452 11.13 8.79 15.17
C VAL B 452 10.10 8.17 14.24
N ASP B 453 9.10 7.49 14.79
CA ASP B 453 8.15 6.77 13.96
C ASP B 453 6.84 6.62 14.72
N VAL B 454 5.75 6.52 13.96
CA VAL B 454 4.40 6.39 14.51
C VAL B 454 3.71 5.20 13.85
N HIS B 455 3.02 4.41 14.66
CA HIS B 455 2.19 3.32 14.17
C HIS B 455 0.86 3.37 14.91
N SER B 456 -0.24 3.27 14.18
CA SER B 456 -1.57 3.37 14.75
C SER B 456 -2.45 2.24 14.21
N TRP B 457 -3.46 1.87 15.00
CA TRP B 457 -4.29 0.73 14.67
C TRP B 457 -5.69 0.96 15.23
N ASP B 458 -6.70 0.65 14.41
CA ASP B 458 -8.10 0.77 14.79
C ASP B 458 -8.74 -0.59 14.61
N TRP B 459 -8.99 -1.28 15.73
CA TRP B 459 -9.60 -2.59 15.67
C TRP B 459 -11.05 -2.55 15.20
N ASN B 460 -11.67 -1.37 15.20
CA ASN B 460 -13.02 -1.22 14.65
C ASN B 460 -13.00 -0.88 13.17
N HIS B 461 -11.84 -0.99 12.52
CA HIS B 461 -11.70 -0.81 11.08
CA HIS B 461 -11.75 -0.85 11.07
C HIS B 461 -10.76 -1.89 10.55
N ASN B 462 -11.06 -3.14 10.89
CA ASN B 462 -10.25 -4.31 10.56
C ASN B 462 -11.17 -5.45 10.20
N PRO B 463 -11.21 -5.87 8.93
CA PRO B 463 -12.14 -6.95 8.53
C PRO B 463 -11.98 -8.23 9.33
N LEU B 464 -10.82 -8.47 9.92
CA LEU B 464 -10.59 -9.73 10.62
C LEU B 464 -11.14 -9.73 12.04
N THR B 465 -11.45 -8.56 12.59
CA THR B 465 -12.01 -8.46 13.94
C THR B 465 -13.35 -7.74 13.98
N MET B 466 -13.54 -6.71 13.16
CA MET B 466 -14.81 -5.98 13.09
C MET B 466 -15.22 -5.49 14.47
N GLY B 467 -14.27 -4.83 15.14
CA GLY B 467 -14.43 -4.46 16.53
C GLY B 467 -13.25 -4.97 17.34
N ALA B 468 -13.01 -4.36 18.50
CA ALA B 468 -11.89 -4.79 19.33
C ALA B 468 -12.18 -6.12 20.01
N PHE B 469 -13.38 -6.27 20.55
CA PHE B 469 -13.73 -7.45 21.32
C PHE B 469 -15.19 -7.31 21.73
N ALA B 470 -15.76 -8.42 22.21
CA ALA B 470 -17.11 -8.37 22.76
C ALA B 470 -17.17 -7.38 23.91
N PHE B 471 -18.23 -6.57 23.92
CA PHE B 471 -18.49 -5.62 25.00
C PHE B 471 -20.02 -5.50 25.05
N PHE B 472 -20.65 -6.45 25.75
CA PHE B 472 -22.08 -6.62 25.67
C PHE B 472 -22.83 -5.42 26.22
N GLY B 473 -23.96 -5.11 25.59
CA GLY B 473 -24.89 -4.16 26.15
C GLY B 473 -25.82 -4.83 27.14
N PRO B 474 -26.64 -4.01 27.80
CA PRO B 474 -27.61 -4.56 28.76
C PRO B 474 -28.50 -5.60 28.10
N GLY B 475 -28.73 -6.71 28.81
CA GLY B 475 -29.60 -7.76 28.36
C GLY B 475 -28.94 -8.84 27.52
N ASP B 476 -27.76 -8.56 26.96
CA ASP B 476 -27.11 -9.54 26.09
C ASP B 476 -26.82 -10.84 26.82
N PHE B 477 -26.23 -10.75 28.02
CA PHE B 477 -25.86 -11.96 28.75
C PHE B 477 -27.10 -12.76 29.15
N GLN B 478 -28.15 -12.08 29.63
CA GLN B 478 -29.29 -12.81 30.17
C GLN B 478 -30.14 -13.44 29.07
N ASP B 479 -30.13 -12.87 27.86
CA ASP B 479 -31.09 -13.27 26.84
C ASP B 479 -30.49 -14.06 25.68
N LEU B 480 -29.29 -13.70 25.20
CA LEU B 480 -28.76 -14.26 23.97
C LEU B 480 -27.46 -15.04 24.15
N TYR B 481 -26.72 -14.82 25.25
CA TYR B 481 -25.42 -15.46 25.42
C TYR B 481 -25.54 -16.99 25.39
N THR B 482 -26.55 -17.54 26.07
CA THR B 482 -26.63 -18.99 26.20
C THR B 482 -26.86 -19.69 24.87
N SER B 483 -27.55 -19.02 23.92
CA SER B 483 -27.88 -19.68 22.67
C SER B 483 -26.63 -20.13 21.92
N LEU B 484 -25.58 -19.32 21.96
CA LEU B 484 -24.36 -19.67 21.24
C LEU B 484 -23.49 -20.63 22.03
N ASN B 485 -23.83 -20.92 23.28
CA ASN B 485 -23.19 -22.01 24.01
C ASN B 485 -23.75 -23.37 23.60
N ARG B 486 -24.91 -23.39 22.94
CA ARG B 486 -25.39 -24.61 22.30
C ARG B 486 -24.74 -24.77 20.92
N PRO B 487 -24.49 -26.00 20.48
CA PRO B 487 -23.97 -26.19 19.13
C PRO B 487 -25.05 -25.96 18.08
N ALA B 488 -24.61 -25.87 16.84
CA ALA B 488 -25.48 -25.82 15.67
C ALA B 488 -25.12 -26.98 14.74
N ALA B 489 -25.81 -27.04 13.60
CA ALA B 489 -25.52 -28.01 12.55
C ALA B 489 -25.57 -29.43 13.10
N ASN B 490 -26.72 -29.78 13.67
CA ASN B 490 -26.96 -31.11 14.22
C ASN B 490 -25.88 -31.49 15.24
N GLY B 491 -25.43 -30.48 16.00
CA GLY B 491 -24.42 -30.69 17.01
C GLY B 491 -22.99 -30.72 16.52
N LYS B 492 -22.74 -30.37 15.26
CA LYS B 492 -21.41 -30.48 14.68
C LYS B 492 -20.71 -29.14 14.48
N LEU B 493 -21.37 -28.03 14.78
CA LEU B 493 -20.77 -26.70 14.73
C LEU B 493 -20.74 -26.13 16.14
N HIS B 494 -19.54 -25.79 16.62
CA HIS B 494 -19.34 -25.29 17.97
C HIS B 494 -18.80 -23.89 17.91
N PHE B 495 -19.49 -22.95 18.57
CA PHE B 495 -19.10 -21.55 18.57
C PHE B 495 -18.09 -21.30 19.68
N ALA B 496 -16.99 -20.64 19.34
CA ALA B 496 -15.94 -20.34 20.31
C ALA B 496 -15.39 -18.95 19.99
N GLY B 497 -14.30 -18.59 20.66
CA GLY B 497 -13.79 -17.25 20.63
C GLY B 497 -14.15 -16.49 21.90
N GLU B 498 -13.39 -15.42 22.18
CA GLU B 498 -13.52 -14.71 23.44
C GLU B 498 -14.93 -14.21 23.69
N ALA B 499 -15.73 -13.98 22.64
CA ALA B 499 -17.10 -13.55 22.85
C ALA B 499 -17.92 -14.59 23.62
N LEU B 500 -17.57 -15.87 23.46
CA LEU B 500 -18.25 -16.95 24.16
C LEU B 500 -17.59 -17.20 25.52
N SER B 501 -17.65 -16.19 26.37
CA SER B 501 -17.09 -16.28 27.71
C SER B 501 -17.63 -15.12 28.55
N VAL B 502 -17.34 -15.18 29.84
CA VAL B 502 -17.60 -14.06 30.74
C VAL B 502 -16.31 -13.30 31.05
N ARG B 503 -15.27 -13.50 30.24
CA ARG B 503 -14.04 -12.72 30.34
C ARG B 503 -13.76 -12.04 29.00
N HIS B 504 -14.72 -11.24 28.51
CA HIS B 504 -14.54 -10.53 27.26
C HIS B 504 -13.30 -9.65 27.32
N ALA B 505 -12.65 -9.51 26.16
CA ALA B 505 -11.47 -8.65 26.01
C ALA B 505 -10.27 -9.17 26.79
N TRP B 506 -10.23 -10.48 27.05
CA TRP B 506 -9.12 -11.12 27.71
C TRP B 506 -8.76 -12.40 26.98
N VAL B 507 -7.48 -12.77 27.04
CA VAL B 507 -7.05 -14.05 26.48
C VAL B 507 -7.77 -15.20 27.16
N VAL B 508 -7.94 -15.13 28.48
CA VAL B 508 -8.60 -16.22 29.20
C VAL B 508 -9.99 -16.47 28.66
N GLY B 509 -10.69 -15.41 28.22
CA GLY B 509 -12.01 -15.62 27.63
C GLY B 509 -11.96 -16.51 26.41
N ALA B 510 -10.96 -16.32 25.55
CA ALA B 510 -10.80 -17.19 24.39
C ALA B 510 -10.44 -18.61 24.81
N LEU B 511 -9.57 -18.74 25.83
CA LEU B 511 -9.20 -20.07 26.31
C LEU B 511 -10.41 -20.79 26.90
N ASP B 512 -11.23 -20.06 27.68
CA ASP B 512 -12.44 -20.67 28.23
C ASP B 512 -13.37 -21.15 27.12
N SER B 513 -13.54 -20.34 26.07
CA SER B 513 -14.45 -20.73 24.99
C SER B 513 -13.95 -21.99 24.29
N ALA B 514 -12.63 -22.12 24.13
CA ALA B 514 -12.08 -23.32 23.51
C ALA B 514 -12.28 -24.54 24.40
N TRP B 515 -12.15 -24.36 25.73
CA TRP B 515 -12.44 -25.45 26.64
C TRP B 515 -13.87 -25.96 26.46
N ARG B 516 -14.83 -25.03 26.41
CA ARG B 516 -16.23 -25.44 26.27
C ARG B 516 -16.50 -26.09 24.92
N ALA B 517 -15.90 -25.57 23.86
CA ALA B 517 -16.12 -26.14 22.52
C ALA B 517 -15.60 -27.57 22.45
N VAL B 518 -14.38 -27.80 22.94
CA VAL B 518 -13.83 -29.16 22.91
C VAL B 518 -14.62 -30.07 23.84
N TYR B 519 -15.09 -29.53 24.98
CA TYR B 519 -15.91 -30.32 25.87
C TYR B 519 -17.16 -30.82 25.17
N ASN B 520 -17.88 -29.92 24.50
CA ASN B 520 -19.09 -30.34 23.80
C ASN B 520 -18.76 -31.33 22.68
N TYR B 521 -17.63 -31.12 22.00
CA TYR B 521 -17.23 -32.05 20.95
C TYR B 521 -17.00 -33.45 21.51
N LEU B 522 -16.20 -33.54 22.58
CA LEU B 522 -15.95 -34.84 23.20
C LEU B 522 -17.25 -35.43 23.75
N TYR B 523 -18.10 -34.58 24.31
CA TYR B 523 -19.36 -35.05 24.89
C TYR B 523 -20.20 -35.82 23.87
N VAL B 524 -20.23 -35.36 22.63
CA VAL B 524 -21.11 -35.95 21.62
C VAL B 524 -20.40 -36.99 20.75
N THR B 525 -19.07 -37.02 20.72
CA THR B 525 -18.33 -37.95 19.87
C THR B 525 -17.58 -39.01 20.64
N ASP B 526 -17.01 -38.69 21.80
CA ASP B 526 -16.19 -39.66 22.51
C ASP B 526 -16.13 -39.32 23.99
N PRO B 527 -17.23 -39.49 24.73
CA PRO B 527 -17.22 -39.11 26.16
C PRO B 527 -16.21 -39.89 26.98
N ALA B 528 -15.70 -41.02 26.49
CA ALA B 528 -14.70 -41.76 27.25
C ALA B 528 -13.41 -40.98 27.45
N LYS B 529 -13.18 -39.94 26.64
CA LYS B 529 -12.00 -39.10 26.81
C LYS B 529 -12.21 -37.95 27.78
N LEU B 530 -13.41 -37.79 28.34
CA LEU B 530 -13.65 -36.69 29.24
C LEU B 530 -12.76 -36.72 30.47
N PRO B 531 -12.55 -37.87 31.13
CA PRO B 531 -11.66 -37.87 32.30
C PRO B 531 -10.27 -37.33 32.01
N LYS B 532 -9.65 -37.77 30.91
CA LYS B 532 -8.34 -37.24 30.53
C LYS B 532 -8.42 -35.76 30.18
N PHE B 533 -9.49 -35.35 29.48
CA PHE B 533 -9.70 -33.94 29.21
C PHE B 533 -9.76 -33.13 30.50
N PHE B 534 -10.56 -33.60 31.47
CA PHE B 534 -10.62 -32.92 32.76
C PHE B 534 -9.25 -32.89 33.44
N GLU B 535 -8.52 -34.00 33.37
CA GLU B 535 -7.25 -34.09 34.09
C GLU B 535 -6.24 -33.10 33.52
N LEU B 536 -6.21 -32.92 32.21
CA LEU B 536 -5.21 -32.08 31.57
C LEU B 536 -5.62 -30.62 31.49
N TRP B 537 -6.91 -30.33 31.34
CA TRP B 537 -7.35 -28.98 31.01
C TRP B 537 -8.42 -28.46 31.97
N GLY B 538 -8.73 -29.17 33.03
CA GLY B 538 -9.62 -28.66 34.06
C GLY B 538 -10.99 -29.33 34.02
N LYS B 539 -11.56 -29.53 35.21
CA LYS B 539 -12.89 -30.10 35.32
C LYS B 539 -13.98 -29.12 34.88
N ASN B 540 -13.68 -27.82 34.90
CA ASN B 540 -14.64 -26.80 34.53
C ASN B 540 -13.93 -25.71 33.74
N ALA B 541 -14.73 -24.88 33.06
CA ALA B 541 -14.16 -23.74 32.35
C ALA B 541 -13.68 -22.67 33.33
N GLU B 542 -14.52 -22.31 34.30
CA GLU B 542 -14.24 -21.18 35.19
C GLU B 542 -14.11 -21.58 36.65
N TRP B 543 -14.95 -22.49 37.15
CA TRP B 543 -14.90 -22.88 38.55
C TRP B 543 -13.47 -23.22 38.96
N PHE B 544 -13.06 -22.67 40.10
CA PHE B 544 -11.67 -22.77 40.55
C PHE B 544 -11.31 -24.22 40.89
N GLU B 545 -10.03 -24.54 40.71
CA GLU B 545 -9.48 -25.80 41.18
C GLU B 545 -7.98 -25.62 41.38
N GLN B 546 -7.42 -26.44 42.26
CA GLN B 546 -6.00 -26.33 42.60
C GLN B 546 -5.14 -26.73 41.40
N PRO B 547 -3.86 -26.33 41.40
CA PRO B 547 -2.92 -26.78 40.36
C PRO B 547 -2.35 -28.17 40.64
N PRO C 9 53.56 11.24 6.09
CA PRO C 9 53.75 10.20 5.08
C PRO C 9 54.90 10.50 4.12
N GLY C 10 55.35 11.75 4.09
CA GLY C 10 56.38 12.18 3.15
C GLY C 10 55.93 13.38 2.35
N GLY C 11 55.08 14.21 2.95
CA GLY C 11 54.47 15.33 2.29
C GLY C 11 53.08 14.99 1.77
N GLU C 12 52.29 16.04 1.52
CA GLU C 12 50.92 15.87 1.05
C GLU C 12 50.85 16.03 -0.47
N ARG C 13 50.21 15.07 -1.12
CA ARG C 13 49.89 15.16 -2.54
C ARG C 13 48.70 14.28 -2.80
N VAL C 14 47.61 14.86 -3.30
CA VAL C 14 46.36 14.14 -3.47
C VAL C 14 46.27 13.60 -4.89
N GLY C 15 46.04 12.30 -5.02
CA GLY C 15 45.79 11.70 -6.31
C GLY C 15 44.30 11.70 -6.64
N ILE C 16 43.92 12.45 -7.67
CA ILE C 16 42.54 12.53 -8.12
C ILE C 16 42.38 11.59 -9.30
N LEU C 17 41.47 10.62 -9.18
CA LEU C 17 41.25 9.62 -10.21
C LEU C 17 40.04 10.03 -11.05
N GLY C 18 40.29 10.34 -12.32
CA GLY C 18 39.24 10.74 -13.23
C GLY C 18 39.21 12.22 -13.49
N ALA C 19 39.34 12.63 -14.75
CA ALA C 19 39.30 14.01 -15.15
C ALA C 19 37.90 14.45 -15.60
N GLY C 20 36.87 13.86 -15.02
CA GLY C 20 35.53 14.37 -15.18
C GLY C 20 35.33 15.64 -14.38
N ILE C 21 34.08 16.10 -14.35
CA ILE C 21 33.80 17.36 -13.66
C ILE C 21 34.01 17.21 -12.16
N GLY C 22 33.81 16.01 -11.62
CA GLY C 22 34.04 15.81 -10.20
C GLY C 22 35.52 15.92 -9.84
N GLY C 23 36.39 15.31 -10.65
CA GLY C 23 37.82 15.40 -10.39
C GLY C 23 38.37 16.77 -10.69
N LEU C 24 37.88 17.41 -11.76
CA LEU C 24 38.32 18.77 -12.08
C LEU C 24 37.89 19.75 -10.99
N TYR C 25 36.68 19.59 -10.47
CA TYR C 25 36.22 20.44 -9.38
C TYR C 25 37.06 20.22 -8.13
N SER C 26 37.31 18.97 -7.78
CA SER C 26 38.21 18.66 -6.67
C SER C 26 39.55 19.37 -6.86
N ALA C 27 40.06 19.37 -8.09
CA ALA C 27 41.33 20.02 -8.38
C ALA C 27 41.24 21.53 -8.19
N LEU C 28 40.12 22.14 -8.60
CA LEU C 28 39.93 23.57 -8.37
C LEU C 28 39.99 23.89 -6.88
N ILE C 29 39.30 23.10 -6.06
CA ILE C 29 39.30 23.35 -4.63
C ILE C 29 40.71 23.23 -4.07
N LEU C 30 41.37 22.11 -4.35
CA LEU C 30 42.72 21.90 -3.83
C LEU C 30 43.67 22.98 -4.33
N GLN C 31 43.51 23.40 -5.58
CA GLN C 31 44.36 24.46 -6.12
CA GLN C 31 44.35 24.46 -6.13
CA GLN C 31 44.36 24.47 -6.12
C GLN C 31 44.19 25.75 -5.32
N SER C 32 42.95 26.14 -5.05
CA SER C 32 42.69 27.35 -4.28
C SER C 32 43.19 27.26 -2.85
N LEU C 33 43.44 26.05 -2.34
CA LEU C 33 43.92 25.85 -0.99
C LEU C 33 45.40 25.47 -0.93
N ASP C 34 46.10 25.52 -2.06
CA ASP C 34 47.54 25.28 -2.11
C ASP C 34 47.88 23.86 -1.64
N VAL C 35 47.09 22.89 -2.07
CA VAL C 35 47.31 21.48 -1.80
C VAL C 35 47.82 20.82 -3.08
N PRO C 36 49.01 20.21 -3.09
CA PRO C 36 49.46 19.55 -4.32
C PRO C 36 48.55 18.42 -4.72
N PHE C 37 48.39 18.23 -6.03
CA PHE C 37 47.50 17.19 -6.53
C PHE C 37 47.94 16.76 -7.92
N GLU C 38 47.40 15.62 -8.35
CA GLU C 38 47.65 15.09 -9.69
CA GLU C 38 47.64 15.11 -9.69
C GLU C 38 46.40 14.36 -10.14
N ILE C 39 45.98 14.60 -11.37
CA ILE C 39 44.76 14.00 -11.93
C ILE C 39 45.17 12.87 -12.86
N ILE C 40 44.68 11.66 -12.58
CA ILE C 40 44.94 10.49 -13.41
C ILE C 40 43.68 10.21 -14.23
N GLU C 41 43.83 10.15 -15.54
CA GLU C 41 42.71 9.99 -16.47
C GLU C 41 42.99 8.84 -17.43
N ALA C 42 42.01 7.96 -17.59
CA ALA C 42 42.18 6.80 -18.46
C ALA C 42 42.23 7.20 -19.93
N SER C 43 41.44 8.18 -20.33
CA SER C 43 41.29 8.51 -21.73
C SER C 43 42.27 9.61 -22.13
N ASN C 44 42.11 10.12 -23.36
CA ASN C 44 42.91 11.22 -23.87
C ASN C 44 42.19 12.56 -23.76
N ARG C 45 41.07 12.61 -23.04
CA ARG C 45 40.26 13.81 -22.96
C ARG C 45 39.79 14.02 -21.52
N VAL C 46 39.42 15.26 -21.22
CA VAL C 46 38.83 15.62 -19.95
C VAL C 46 37.34 15.90 -20.17
N GLY C 47 36.58 15.90 -19.07
CA GLY C 47 35.16 16.21 -19.08
C GLY C 47 34.28 15.00 -18.77
N GLY C 48 34.73 13.81 -19.10
CA GLY C 48 33.97 12.61 -18.79
C GLY C 48 32.59 12.64 -19.43
N ARG C 49 31.55 12.56 -18.60
CA ARG C 49 30.18 12.55 -19.09
C ARG C 49 29.68 13.92 -19.50
N LEU C 50 30.51 14.95 -19.45
CA LEU C 50 30.30 16.17 -20.22
C LEU C 50 31.02 15.96 -21.55
N PHE C 51 30.24 15.63 -22.58
CA PHE C 51 30.78 15.13 -23.85
C PHE C 51 30.00 15.79 -24.97
N THR C 52 30.65 16.72 -25.67
CA THR C 52 30.04 17.46 -26.77
C THR C 52 30.56 16.87 -28.08
N HIS C 53 29.64 16.39 -28.93
CA HIS C 53 30.00 15.87 -30.24
C HIS C 53 29.85 16.97 -31.29
N LYS C 54 30.91 17.17 -32.06
CA LYS C 54 30.94 18.15 -33.13
C LYS C 54 30.70 17.44 -34.46
N PHE C 55 29.70 17.90 -35.22
CA PHE C 55 29.50 17.35 -36.56
C PHE C 55 30.42 18.09 -37.51
N PRO C 56 31.38 17.41 -38.16
CA PRO C 56 32.30 18.13 -39.04
C PRO C 56 31.61 18.78 -40.23
N ASN C 57 30.52 18.21 -40.73
CA ASN C 57 29.87 18.74 -41.92
C ASN C 57 28.89 19.87 -41.62
N GLY C 58 28.81 20.29 -40.36
CA GLY C 58 27.87 21.31 -39.94
C GLY C 58 28.56 22.63 -39.65
N GLY C 59 27.76 23.58 -39.16
CA GLY C 59 28.23 24.91 -38.82
C GLY C 59 28.60 25.05 -37.35
N LYS C 60 28.69 26.31 -36.92
CA LYS C 60 29.19 26.61 -35.58
C LYS C 60 28.35 25.93 -34.50
N TYR C 61 27.04 25.88 -34.67
CA TYR C 61 26.14 25.33 -33.67
C TYR C 61 25.65 23.94 -34.04
N ASP C 62 26.33 23.27 -34.97
CA ASP C 62 25.99 21.90 -35.35
C ASP C 62 26.77 20.91 -34.49
N TYR C 63 26.48 20.97 -33.20
CA TYR C 63 26.95 20.02 -32.21
C TYR C 63 25.76 19.58 -31.38
N TYR C 64 25.96 18.55 -30.57
CA TYR C 64 24.98 18.19 -29.55
C TYR C 64 25.72 17.58 -28.38
N ASP C 65 25.12 17.70 -27.20
CA ASP C 65 25.71 17.20 -25.97
C ASP C 65 25.27 15.76 -25.77
N VAL C 66 26.24 14.84 -25.81
CA VAL C 66 25.95 13.42 -25.65
C VAL C 66 25.61 13.11 -24.21
N GLY C 67 26.11 13.90 -23.26
CA GLY C 67 25.78 13.77 -21.87
C GLY C 67 25.03 14.99 -21.35
N ALA C 68 25.65 15.72 -20.42
CA ALA C 68 24.98 16.84 -19.79
C ALA C 68 24.75 17.98 -20.77
N MET C 69 23.57 18.61 -20.69
CA MET C 69 23.17 19.62 -21.66
C MET C 69 22.29 20.74 -21.10
N ARG C 70 21.70 20.56 -19.92
CA ARG C 70 20.75 21.53 -19.39
C ARG C 70 20.90 21.67 -17.88
N TYR C 71 20.85 22.91 -17.40
CA TYR C 71 21.14 23.20 -16.00
C TYR C 71 20.05 24.06 -15.38
N PRO C 72 19.22 23.50 -14.49
CA PRO C 72 18.18 24.30 -13.82
C PRO C 72 18.75 25.11 -12.64
N LEU C 73 19.29 26.27 -12.96
CA LEU C 73 20.00 27.08 -11.99
C LEU C 73 19.05 28.02 -11.27
N PRO C 74 19.43 28.52 -10.09
CA PRO C 74 18.66 29.58 -9.44
C PRO C 74 18.75 30.88 -10.22
N LYS C 75 17.91 31.83 -9.84
CA LYS C 75 18.01 33.17 -10.39
C LYS C 75 19.39 33.74 -10.08
N SER C 76 19.86 34.63 -10.95
CA SER C 76 21.16 35.26 -10.78
C SER C 76 21.11 36.69 -11.27
N ASP C 77 22.04 37.49 -10.76
CA ASP C 77 22.18 38.86 -11.24
C ASP C 77 23.21 38.89 -12.38
N ASP C 78 23.45 40.06 -12.94
CA ASP C 78 24.38 40.18 -14.05
C ASP C 78 25.83 39.88 -13.65
N LYS C 79 26.16 39.98 -12.37
CA LYS C 79 27.52 39.73 -11.92
C LYS C 79 27.76 38.26 -11.56
N GLY C 80 26.77 37.41 -11.75
CA GLY C 80 26.93 35.99 -11.47
C GLY C 80 26.65 35.56 -10.06
N ASN C 81 26.04 36.41 -9.25
CA ASN C 81 25.62 36.02 -7.91
C ASN C 81 24.30 35.26 -8.01
N TYR C 82 24.26 34.05 -7.48
CA TYR C 82 23.10 33.18 -7.58
C TYR C 82 22.35 33.14 -6.26
N GLN C 83 21.01 33.15 -6.35
CA GLN C 83 20.20 32.93 -5.17
C GLN C 83 20.43 31.52 -4.64
N PRO C 84 20.08 31.27 -3.37
CA PRO C 84 20.15 29.90 -2.84
C PRO C 84 19.28 28.96 -3.66
N GLY C 85 19.75 27.73 -3.80
CA GLY C 85 19.00 26.76 -4.57
C GLY C 85 19.78 25.47 -4.71
N VAL C 86 19.08 24.47 -5.26
CA VAL C 86 19.64 23.13 -5.37
C VAL C 86 20.97 23.15 -6.12
N MET C 87 21.06 23.99 -7.16
CA MET C 87 22.24 24.01 -8.02
C MET C 87 22.95 25.36 -8.00
N GLN C 88 22.85 26.08 -6.88
CA GLN C 88 23.66 27.27 -6.70
C GLN C 88 25.14 26.96 -6.85
N ARG C 89 25.56 25.80 -6.38
CA ARG C 89 26.98 25.41 -6.48
C ARG C 89 27.44 25.38 -7.93
N VAL C 90 26.58 24.91 -8.83
CA VAL C 90 26.92 24.91 -10.25
C VAL C 90 27.03 26.35 -10.76
N GLY C 91 26.07 27.20 -10.42
CA GLY C 91 26.10 28.57 -10.87
C GLY C 91 27.35 29.31 -10.43
N GLN C 92 27.74 29.14 -9.17
CA GLN C 92 28.94 29.82 -8.66
CA GLN C 92 28.92 29.83 -8.67
C GLN C 92 30.19 29.31 -9.34
N LEU C 93 30.21 28.03 -9.74
CA LEU C 93 31.35 27.52 -10.48
C LEU C 93 31.51 28.25 -11.80
N PHE C 94 30.41 28.43 -12.54
CA PHE C 94 30.45 29.19 -13.78
C PHE C 94 30.98 30.59 -13.54
N THR C 95 30.46 31.29 -12.53
CA THR C 95 30.92 32.64 -12.24
C THR C 95 32.40 32.64 -11.86
N TYR C 96 32.81 31.68 -11.03
CA TYR C 96 34.21 31.61 -10.61
C TYR C 96 35.14 31.51 -11.81
N LEU C 97 34.70 30.80 -12.86
CA LEU C 97 35.50 30.61 -14.06
C LEU C 97 35.30 31.70 -15.11
N GLY C 98 34.51 32.73 -14.82
CA GLY C 98 34.26 33.77 -15.79
C GLY C 98 33.37 33.37 -16.94
N MET C 99 32.46 32.42 -16.73
CA MET C 99 31.62 31.87 -17.78
C MET C 99 30.18 32.39 -17.74
N HIS C 100 29.88 33.36 -16.87
CA HIS C 100 28.49 33.77 -16.69
C HIS C 100 27.86 34.21 -18.01
N LYS C 101 28.59 34.98 -18.82
CA LYS C 101 28.04 35.44 -20.08
C LYS C 101 27.98 34.34 -21.15
N GLN C 102 28.58 33.18 -20.89
CA GLN C 102 28.48 32.05 -21.79
C GLN C 102 27.30 31.15 -21.47
N LEU C 103 26.59 31.41 -20.38
CA LEU C 103 25.36 30.69 -20.08
C LEU C 103 24.22 31.33 -20.88
N ILE C 104 23.50 30.51 -21.63
CA ILE C 104 22.44 30.98 -22.50
C ILE C 104 21.16 30.26 -22.10
N PRO C 105 20.00 30.79 -22.47
CA PRO C 105 18.74 30.15 -22.08
C PRO C 105 18.60 28.77 -22.68
N TYR C 106 18.14 27.83 -21.85
CA TYR C 106 17.72 26.51 -22.31
C TYR C 106 16.20 26.47 -22.24
N TYR C 107 15.56 26.21 -23.37
CA TYR C 107 14.10 26.21 -23.45
C TYR C 107 13.61 24.80 -23.17
N PHE C 108 13.18 24.56 -21.93
CA PHE C 108 12.66 23.24 -21.56
C PHE C 108 11.39 22.93 -22.34
N LYS C 109 10.51 23.91 -22.48
CA LYS C 109 9.41 23.88 -23.43
C LYS C 109 9.76 24.77 -24.61
N SER C 110 9.06 24.56 -25.72
CA SER C 110 9.33 25.35 -26.91
C SER C 110 9.10 26.83 -26.64
N ASN C 111 9.95 27.67 -27.23
CA ASN C 111 9.81 29.11 -27.10
C ASN C 111 8.79 29.70 -28.06
N LYS C 112 8.23 28.88 -28.97
CA LYS C 112 7.21 29.34 -29.90
C LYS C 112 5.99 28.45 -29.68
N SER C 113 5.58 27.67 -30.70
CA SER C 113 4.46 26.77 -30.51
C SER C 113 4.88 25.55 -29.68
N PRO C 114 3.95 24.94 -28.94
CA PRO C 114 4.33 23.85 -28.05
C PRO C 114 4.82 22.63 -28.81
N GLY C 115 5.66 21.84 -28.15
CA GLY C 115 6.13 20.59 -28.71
C GLY C 115 5.00 19.59 -28.89
N PHE C 116 5.33 18.48 -29.55
CA PHE C 116 4.35 17.47 -29.88
C PHE C 116 4.33 16.35 -28.84
N GLN C 117 3.16 15.72 -28.72
CA GLN C 117 2.98 14.48 -27.99
C GLN C 117 2.35 13.46 -28.92
N TYR C 118 2.89 12.25 -28.94
CA TYR C 118 2.38 11.20 -29.82
C TYR C 118 2.29 9.90 -29.02
N PHE C 119 1.09 9.58 -28.56
CA PHE C 119 0.85 8.41 -27.71
C PHE C 119 -0.38 7.67 -28.21
N ASN C 120 -0.27 6.35 -28.32
CA ASN C 120 -1.38 5.50 -28.73
C ASN C 120 -1.92 5.90 -30.10
N GLY C 121 -1.03 6.36 -30.99
CA GLY C 121 -1.43 6.78 -32.31
C GLY C 121 -2.15 8.11 -32.37
N VAL C 122 -2.23 8.83 -31.25
CA VAL C 122 -2.91 10.12 -31.19
C VAL C 122 -1.86 11.21 -31.06
N ARG C 123 -1.94 12.21 -31.93
CA ARG C 123 -1.00 13.33 -31.96
C ARG C 123 -1.65 14.58 -31.41
N ALA C 124 -0.90 15.36 -30.65
CA ALA C 124 -1.40 16.59 -30.08
C ALA C 124 -0.22 17.45 -29.65
N ARG C 125 -0.51 18.73 -29.43
CA ARG C 125 0.48 19.66 -28.89
C ARG C 125 0.39 19.65 -27.37
N ILE C 126 1.55 19.84 -26.73
CA ILE C 126 1.58 19.97 -25.28
C ILE C 126 0.64 21.09 -24.87
N GLY C 127 -0.25 20.79 -23.93
CA GLY C 127 -1.18 21.76 -23.41
C GLY C 127 -2.57 21.72 -24.02
N GLU C 128 -2.78 20.94 -25.08
CA GLU C 128 -4.09 20.86 -25.72
C GLU C 128 -5.07 19.96 -24.99
N GLY C 129 -4.64 19.28 -23.93
CA GLY C 129 -5.56 18.49 -23.13
C GLY C 129 -6.06 17.22 -23.76
N SER C 130 -5.26 16.60 -24.62
CA SER C 130 -5.65 15.33 -25.22
C SER C 130 -5.58 14.20 -24.19
N SER C 131 -6.45 13.22 -24.37
CA SER C 131 -6.45 12.02 -23.53
C SER C 131 -5.69 10.86 -24.16
N PHE C 132 -5.29 10.97 -25.43
CA PHE C 132 -4.50 9.94 -26.10
C PHE C 132 -5.17 8.57 -25.98
N ASP C 133 -6.49 8.54 -26.15
CA ASP C 133 -7.28 7.31 -26.14
C ASP C 133 -7.16 6.56 -24.82
N ALA C 134 -6.80 7.25 -23.74
CA ALA C 134 -6.68 6.58 -22.45
C ALA C 134 -7.98 5.89 -22.03
N PRO C 135 -9.17 6.42 -22.31
CA PRO C 135 -10.39 5.66 -21.95
C PRO C 135 -10.40 4.25 -22.51
N ALA C 136 -9.85 4.05 -23.72
CA ALA C 136 -9.75 2.69 -24.27
C ALA C 136 -8.77 1.83 -23.48
N LEU C 137 -7.86 2.45 -22.73
CA LEU C 137 -6.97 1.70 -21.84
C LEU C 137 -7.61 1.37 -20.50
N GLY C 138 -8.81 1.88 -20.23
CA GLY C 138 -9.46 1.69 -18.95
C GLY C 138 -9.17 2.77 -17.93
N ILE C 139 -8.58 3.89 -18.34
CA ILE C 139 -8.34 5.01 -17.43
C ILE C 139 -9.63 5.82 -17.34
N ASN C 140 -10.21 5.87 -16.14
CA ASN C 140 -11.51 6.53 -15.99
C ASN C 140 -11.36 8.05 -16.14
N SER C 141 -12.49 8.70 -16.38
CA SER C 141 -12.48 10.12 -16.71
C SER C 141 -11.98 10.97 -15.55
N SER C 142 -12.20 10.52 -14.31
CA SER C 142 -11.74 11.31 -13.17
C SER C 142 -10.23 11.44 -13.16
N LEU C 143 -9.52 10.33 -13.36
CA LEU C 143 -8.06 10.38 -13.41
C LEU C 143 -7.58 11.21 -14.59
N ILE C 144 -8.24 11.06 -15.74
CA ILE C 144 -7.84 11.82 -16.93
C ILE C 144 -7.99 13.32 -16.68
N ASP C 145 -9.10 13.72 -16.06
CA ASP C 145 -9.33 15.14 -15.81
C ASP C 145 -8.28 15.71 -14.87
N ILE C 146 -7.88 14.95 -13.85
CA ILE C 146 -6.86 15.42 -12.91
C ILE C 146 -5.51 15.51 -13.60
N GLY C 147 -5.13 14.47 -14.34
CA GLY C 147 -3.90 14.49 -15.10
C GLY C 147 -2.75 13.82 -14.36
N VAL C 148 -1.79 13.31 -15.14
CA VAL C 148 -0.66 12.60 -14.55
C VAL C 148 0.16 13.52 -13.65
N THR C 149 0.41 14.75 -14.10
CA THR C 149 1.29 15.65 -13.36
C THR C 149 0.76 15.90 -11.95
N LYS C 150 -0.53 16.23 -11.84
CA LYS C 150 -1.10 16.50 -10.53
C LYS C 150 -1.08 15.27 -9.65
N ILE C 151 -1.35 14.09 -10.22
CA ILE C 151 -1.34 12.86 -9.44
C ILE C 151 0.07 12.59 -8.92
N VAL C 152 1.06 12.65 -9.79
CA VAL C 152 2.44 12.36 -9.37
C VAL C 152 2.92 13.41 -8.38
N ASN C 153 2.59 14.68 -8.62
CA ASN C 153 2.96 15.73 -7.68
C ASN C 153 2.35 15.49 -6.31
N ASP C 154 1.12 14.98 -6.29
CA ASP C 154 0.46 14.72 -5.01
C ASP C 154 1.18 13.60 -4.24
N ALA C 155 1.70 12.61 -4.95
CA ALA C 155 2.39 11.51 -4.28
C ALA C 155 3.80 11.94 -3.83
N VAL C 156 4.49 12.73 -4.64
CA VAL C 156 5.85 13.13 -4.31
C VAL C 156 5.87 14.35 -3.40
N GLY C 157 4.83 15.17 -3.43
CA GLY C 157 4.80 16.45 -2.75
C GLY C 157 5.26 16.40 -1.30
N PRO C 158 4.62 15.56 -0.49
CA PRO C 158 5.00 15.50 0.93
C PRO C 158 6.48 15.24 1.15
N PHE C 159 7.07 14.29 0.42
CA PHE C 159 8.49 14.03 0.57
C PHE C 159 9.32 15.20 0.07
N ALA C 160 8.97 15.73 -1.11
CA ALA C 160 9.77 16.81 -1.69
C ALA C 160 9.75 18.04 -0.81
N GLN C 161 8.61 18.37 -0.22
CA GLN C 161 8.54 19.55 0.65
C GLN C 161 9.41 19.38 1.88
N ALA C 162 9.43 18.18 2.46
CA ALA C 162 10.26 17.93 3.64
C ALA C 162 11.74 18.02 3.31
N LEU C 163 12.14 17.53 2.14
CA LEU C 163 13.54 17.61 1.74
C LEU C 163 13.94 19.04 1.42
N PHE C 164 13.03 19.82 0.81
CA PHE C 164 13.34 21.22 0.55
C PHE C 164 13.44 22.01 1.85
N ASP C 165 12.63 21.65 2.85
CA ASP C 165 12.76 22.29 4.16
C ASP C 165 14.12 21.99 4.77
N ASP C 166 14.63 20.77 4.58
CA ASP C 166 15.96 20.43 5.05
C ASP C 166 17.00 21.41 4.50
N LEU C 167 16.92 21.68 3.19
CA LEU C 167 17.92 22.55 2.56
C LEU C 167 17.80 23.98 3.05
N GLN C 168 16.57 24.47 3.23
CA GLN C 168 16.37 25.86 3.64
C GLN C 168 16.62 26.05 5.13
N LYS C 169 16.15 25.10 5.95
CA LYS C 169 16.21 25.24 7.40
C LYS C 169 17.41 24.54 8.03
N HIS C 170 18.22 23.85 7.22
CA HIS C 170 19.40 23.13 7.72
C HIS C 170 18.98 22.04 8.72
N THR C 171 18.21 21.09 8.22
CA THR C 171 17.78 19.94 9.00
C THR C 171 17.95 18.68 8.15
N THR C 172 17.76 17.52 8.80
CA THR C 172 17.81 16.22 8.14
C THR C 172 16.57 15.39 8.41
N THR C 173 15.53 15.96 9.02
CA THR C 173 14.32 15.19 9.31
C THR C 173 13.61 14.78 8.03
N GLY C 174 13.64 15.63 7.00
CA GLY C 174 13.05 15.23 5.73
C GLY C 174 13.72 14.01 5.14
N TRP C 175 15.06 13.96 5.22
CA TRP C 175 15.76 12.77 4.74
C TRP C 175 15.45 11.56 5.60
N ASP C 176 15.34 11.74 6.92
CA ASP C 176 14.96 10.64 7.80
C ASP C 176 13.62 10.05 7.37
N ASP C 177 12.64 10.90 7.08
CA ASP C 177 11.33 10.41 6.65
CA ASP C 177 11.34 10.40 6.66
C ASP C 177 11.42 9.71 5.30
N MET C 178 12.17 10.29 4.36
CA MET C 178 12.36 9.65 3.06
C MET C 178 12.96 8.27 3.23
N MET C 179 13.94 8.12 4.13
CA MET C 179 14.60 6.83 4.30
C MET C 179 13.68 5.79 4.93
N LYS C 180 12.74 6.21 5.77
CA LYS C 180 11.76 5.24 6.26
C LYS C 180 10.91 4.69 5.11
N ASN C 181 10.85 5.39 3.98
CA ASN C 181 10.08 4.95 2.82
C ASN C 181 10.96 4.52 1.67
N ASP C 182 12.28 4.36 1.90
CA ASP C 182 13.20 4.08 0.79
C ASP C 182 13.07 2.65 0.28
N ALA C 183 12.46 1.76 1.06
CA ALA C 183 12.23 0.41 0.58
C ALA C 183 11.18 0.35 -0.52
N TYR C 184 10.43 1.43 -0.73
CA TYR C 184 9.46 1.49 -1.79
C TYR C 184 10.13 1.82 -3.13
N SER C 185 9.69 1.13 -4.18
CA SER C 185 9.81 1.69 -5.51
C SER C 185 8.64 2.66 -5.72
N THR C 186 8.75 3.47 -6.77
CA THR C 186 7.62 4.34 -7.08
C THR C 186 6.36 3.52 -7.33
N ARG C 187 6.51 2.39 -8.03
CA ARG C 187 5.37 1.53 -8.31
C ARG C 187 4.76 0.96 -7.02
N SER C 188 5.60 0.37 -6.17
CA SER C 188 5.09 -0.27 -4.96
C SER C 188 4.51 0.75 -4.00
N TYR C 189 4.99 2.00 -4.06
CA TYR C 189 4.37 3.05 -3.25
C TYR C 189 2.95 3.33 -3.73
N PHE C 190 2.73 3.37 -5.04
CA PHE C 190 1.39 3.56 -5.57
C PHE C 190 0.51 2.34 -5.31
N SER C 191 1.09 1.14 -5.40
CA SER C 191 0.30 -0.08 -5.30
C SER C 191 -0.13 -0.39 -3.88
N PHE C 192 0.67 -0.03 -2.87
CA PHE C 192 0.45 -0.52 -1.52
C PHE C 192 0.33 0.55 -0.44
N LYS C 193 0.55 1.84 -0.74
CA LYS C 193 0.50 2.84 0.30
C LYS C 193 -0.25 4.10 -0.12
N TYR C 194 0.11 4.66 -1.27
CA TYR C 194 -0.44 5.94 -1.67
C TYR C 194 -1.95 5.86 -1.87
N LEU C 195 -2.65 6.87 -1.38
CA LEU C 195 -4.06 7.10 -1.66
C LEU C 195 -4.23 8.54 -2.10
N PRO C 196 -5.06 8.82 -3.10
CA PRO C 196 -5.15 10.19 -3.62
C PRO C 196 -5.63 11.20 -2.58
N SER C 197 -5.25 12.44 -2.79
CA SER C 197 -5.71 13.50 -1.92
C SER C 197 -7.24 13.52 -1.86
N PRO C 198 -7.83 13.68 -0.63
CA PRO C 198 -9.30 13.70 -0.60
C PRO C 198 -9.88 14.76 -1.51
N SER C 199 -9.13 15.83 -1.79
CA SER C 199 -9.63 16.88 -2.68
C SER C 199 -9.78 16.40 -4.12
N PHE C 200 -9.12 15.30 -4.49
CA PHE C 200 -9.29 14.75 -5.83
C PHE C 200 -10.66 14.12 -6.03
N GLY C 201 -11.34 13.76 -4.94
CA GLY C 201 -12.62 13.11 -5.06
C GLY C 201 -12.56 11.72 -5.66
N LEU C 202 -11.41 11.05 -5.58
CA LEU C 202 -11.28 9.71 -6.13
C LEU C 202 -11.60 8.67 -5.07
N PRO C 203 -11.94 7.45 -5.48
CA PRO C 203 -12.16 6.37 -4.51
C PRO C 203 -10.92 6.11 -3.66
N SER C 204 -11.16 5.80 -2.39
CA SER C 204 -10.08 5.53 -1.44
C SER C 204 -9.54 4.12 -1.72
N GLU C 205 -8.79 4.03 -2.82
CA GLU C 205 -8.23 2.75 -3.26
C GLU C 205 -6.86 3.01 -3.88
N HIS C 206 -6.01 2.00 -3.81
CA HIS C 206 -4.71 2.07 -4.47
C HIS C 206 -4.89 1.94 -5.97
N PHE C 207 -4.04 2.66 -6.71
CA PHE C 207 -4.13 2.63 -8.15
C PHE C 207 -3.81 1.23 -8.67
N SER C 208 -4.50 0.82 -9.73
CA SER C 208 -4.19 -0.44 -10.38
C SER C 208 -2.89 -0.32 -11.18
N THR C 209 -2.36 -1.48 -11.57
CA THR C 209 -1.17 -1.49 -12.41
C THR C 209 -1.41 -0.74 -13.72
N ARG C 210 -2.61 -0.89 -14.30
CA ARG C 210 -2.94 -0.17 -15.52
C ARG C 210 -2.78 1.34 -15.33
N VAL C 211 -3.27 1.87 -14.20
CA VAL C 211 -3.16 3.29 -13.94
C VAL C 211 -1.71 3.68 -13.66
N ILE C 212 -0.99 2.85 -12.88
CA ILE C 212 0.39 3.17 -12.54
C ILE C 212 1.25 3.23 -13.78
N ASN C 213 1.08 2.27 -14.70
CA ASN C 213 1.86 2.28 -15.93
C ASN C 213 1.47 3.45 -16.82
N TRP C 214 0.20 3.88 -16.74
CA TRP C 214 -0.23 5.10 -17.42
C TRP C 214 0.51 6.31 -16.87
N LEU C 215 0.65 6.39 -15.55
CA LEU C 215 1.45 7.46 -14.96
C LEU C 215 2.88 7.43 -15.49
N GLU C 216 3.51 6.24 -15.45
CA GLU C 216 4.90 6.14 -15.87
C GLU C 216 5.07 6.54 -17.34
N THR C 217 4.09 6.17 -18.18
CA THR C 217 4.20 6.45 -19.61
C THR C 217 4.39 7.94 -19.89
N PHE C 218 3.62 8.78 -19.21
CA PHE C 218 3.68 10.22 -19.46
C PHE C 218 4.61 10.96 -18.51
N ASP C 219 4.93 10.37 -17.37
CA ASP C 219 5.74 11.06 -16.37
C ASP C 219 7.24 10.85 -16.59
N LYS C 220 7.66 9.64 -16.92
CA LYS C 220 9.09 9.35 -17.05
C LYS C 220 9.36 8.40 -18.22
N SER C 221 9.97 7.26 -17.96
CA SER C 221 10.40 6.33 -18.99
C SER C 221 10.02 4.91 -18.61
N THR C 222 10.04 4.02 -19.59
CA THR C 222 9.62 2.64 -19.36
C THR C 222 10.54 1.98 -18.35
N GLY C 223 9.99 1.62 -17.19
CA GLY C 223 10.74 0.99 -16.13
C GLY C 223 11.20 1.92 -15.03
N TRP C 224 10.99 3.24 -15.19
CA TRP C 224 11.43 4.18 -14.15
C TRP C 224 10.83 3.84 -12.80
N TYR C 225 9.54 3.51 -12.76
CA TYR C 225 8.84 3.35 -11.50
C TYR C 225 9.27 2.12 -10.73
N ASP C 226 9.99 1.18 -11.35
CA ASP C 226 10.51 0.04 -10.62
C ASP C 226 11.79 0.37 -9.88
N ARG C 227 12.33 1.58 -10.06
CA ARG C 227 13.47 2.05 -9.29
C ARG C 227 12.96 2.67 -8.00
N GLY C 228 13.90 3.22 -7.22
CA GLY C 228 13.54 3.71 -5.89
C GLY C 228 12.62 4.91 -5.95
N LEU C 229 11.61 4.90 -5.07
CA LEU C 229 10.78 6.07 -4.89
C LEU C 229 11.63 7.31 -4.60
N THR C 230 12.69 7.13 -3.82
CA THR C 230 13.53 8.26 -3.44
C THR C 230 14.09 8.98 -4.66
N GLU C 231 14.50 8.22 -5.68
CA GLU C 231 15.03 8.85 -6.89
C GLU C 231 13.96 9.69 -7.58
N THR C 232 12.72 9.21 -7.58
CA THR C 232 11.62 10.00 -8.14
C THR C 232 11.46 11.31 -7.37
N VAL C 233 11.53 11.24 -6.04
CA VAL C 233 11.39 12.45 -5.23
C VAL C 233 12.56 13.40 -5.47
N LEU C 234 13.79 12.86 -5.44
CA LEU C 234 14.97 13.70 -5.65
C LEU C 234 14.96 14.33 -7.04
N GLU C 235 14.39 13.64 -8.02
CA GLU C 235 14.34 14.18 -9.38
C GLU C 235 13.38 15.37 -9.47
N ALA C 236 12.26 15.31 -8.74
CA ALA C 236 11.35 16.44 -8.73
C ALA C 236 12.00 17.67 -8.11
N ILE C 237 12.84 17.47 -7.09
CA ILE C 237 13.55 18.59 -6.49
C ILE C 237 14.57 19.16 -7.46
N ALA C 238 15.29 18.30 -8.18
CA ALA C 238 16.33 18.76 -9.10
C ALA C 238 15.74 19.59 -10.23
N PHE C 239 14.58 19.19 -10.76
CA PHE C 239 13.93 19.95 -11.82
C PHE C 239 13.26 21.21 -11.33
N GLY C 240 13.32 21.51 -10.03
CA GLY C 240 12.73 22.72 -9.49
C GLY C 240 11.24 22.64 -9.26
N GLU C 241 10.65 21.45 -9.26
CA GLU C 241 9.21 21.30 -9.04
C GLU C 241 8.88 21.27 -7.56
N VAL C 242 9.44 22.21 -6.79
CA VAL C 242 9.22 22.26 -5.36
C VAL C 242 9.21 23.70 -4.86
N GLU C 246 11.62 30.30 -8.62
CA GLU C 246 11.59 29.76 -9.97
C GLU C 246 12.97 29.25 -10.39
N VAL C 247 13.02 28.55 -11.52
CA VAL C 247 14.25 27.97 -12.05
C VAL C 247 14.62 28.72 -13.32
N ASP C 248 15.91 28.98 -13.49
CA ASP C 248 16.45 29.58 -14.71
C ASP C 248 17.20 28.49 -15.48
N TRP C 249 16.54 27.92 -16.49
CA TRP C 249 17.16 26.89 -17.31
C TRP C 249 18.22 27.49 -18.22
N ARG C 250 19.44 26.96 -18.13
CA ARG C 250 20.58 27.42 -18.90
C ARG C 250 21.30 26.25 -19.55
N CYS C 251 21.96 26.54 -20.68
CA CYS C 251 22.96 25.66 -21.27
C CYS C 251 24.19 26.50 -21.58
N ILE C 252 25.26 25.84 -21.99
CA ILE C 252 26.55 26.48 -22.17
C ILE C 252 26.76 26.71 -23.67
N ASP C 253 27.02 27.96 -24.05
CA ASP C 253 27.25 28.30 -25.45
C ASP C 253 28.49 27.55 -25.95
N GLY C 254 28.31 26.77 -27.01
CA GLY C 254 29.37 25.95 -27.55
C GLY C 254 29.35 24.51 -27.09
N GLY C 255 28.51 24.18 -26.11
CA GLY C 255 28.41 22.84 -25.59
C GLY C 255 28.97 22.73 -24.18
N SER C 256 28.51 21.70 -23.46
CA SER C 256 28.94 21.52 -22.09
C SER C 256 30.45 21.31 -21.97
N HIS C 257 31.11 20.90 -23.06
CA HIS C 257 32.56 20.69 -23.01
C HIS C 257 33.30 21.96 -22.59
N VAL C 258 32.71 23.13 -22.86
CA VAL C 258 33.39 24.38 -22.52
C VAL C 258 33.70 24.45 -21.04
N LEU C 259 32.85 23.86 -20.20
CA LEU C 259 33.08 23.92 -18.76
C LEU C 259 34.34 23.18 -18.35
N PRO C 260 34.50 21.88 -18.62
CA PRO C 260 35.75 21.22 -18.23
C PRO C 260 36.97 21.74 -18.98
N ASP C 261 36.82 22.12 -20.25
CA ASP C 261 37.95 22.69 -20.98
C ASP C 261 38.45 23.96 -20.31
N THR C 262 37.53 24.80 -19.82
CA THR C 262 37.95 26.03 -19.15
C THR C 262 38.67 25.73 -17.85
N ILE C 263 38.18 24.77 -17.08
CA ILE C 263 38.85 24.38 -15.85
C ILE C 263 40.26 23.85 -16.17
N ALA C 264 40.36 23.00 -17.18
CA ALA C 264 41.66 22.44 -17.55
C ALA C 264 42.64 23.54 -17.92
N ALA C 265 42.20 24.49 -18.75
CA ALA C 265 43.09 25.59 -19.16
C ALA C 265 43.51 26.42 -17.95
N PHE C 266 42.60 26.61 -16.99
CA PHE C 266 42.95 27.33 -15.78
C PHE C 266 43.99 26.56 -14.98
N LEU C 267 43.77 25.26 -14.78
CA LEU C 267 44.72 24.42 -14.07
C LEU C 267 46.01 24.23 -14.85
N HIS C 268 45.92 24.22 -16.18
CA HIS C 268 47.08 23.88 -17.01
C HIS C 268 48.19 24.91 -16.86
N LYS C 269 47.84 26.19 -16.82
CA LYS C 269 48.82 27.27 -16.81
C LYS C 269 49.51 27.44 -15.46
N LYS C 270 49.26 26.55 -14.50
CA LYS C 270 49.90 26.63 -13.19
C LYS C 270 51.12 25.70 -13.16
N ASN C 273 52.05 21.11 -15.14
CA ASN C 273 50.86 20.37 -15.52
C ASN C 273 50.59 19.24 -14.52
N ALA C 274 49.34 19.11 -14.11
CA ALA C 274 48.93 18.12 -13.11
C ALA C 274 48.03 17.04 -13.70
N PHE C 275 48.12 16.79 -15.01
CA PHE C 275 47.32 15.77 -15.67
C PHE C 275 48.20 14.60 -16.08
N VAL C 276 47.75 13.39 -15.79
CA VAL C 276 48.37 12.15 -16.26
C VAL C 276 47.33 11.47 -17.14
N MET C 277 47.44 11.65 -18.45
CA MET C 277 46.44 11.17 -19.39
C MET C 277 46.79 9.77 -19.89
N ASN C 278 45.79 9.10 -20.46
CA ASN C 278 45.97 7.79 -21.08
C ASN C 278 46.58 6.79 -20.09
N ALA C 279 46.09 6.81 -18.85
CA ALA C 279 46.60 5.96 -17.79
C ALA C 279 45.41 5.41 -17.02
N SER C 280 44.97 4.21 -17.38
CA SER C 280 43.83 3.58 -16.73
CA SER C 280 43.83 3.58 -16.73
C SER C 280 44.24 3.00 -15.39
N VAL C 281 43.49 3.35 -14.34
CA VAL C 281 43.77 2.83 -13.01
C VAL C 281 43.36 1.37 -12.94
N THR C 282 44.28 0.53 -12.44
CA THR C 282 44.01 -0.88 -12.27
C THR C 282 44.11 -1.37 -10.82
N ALA C 283 44.72 -0.59 -9.93
CA ALA C 283 44.82 -1.00 -8.52
C ALA C 283 44.90 0.24 -7.65
N ILE C 284 44.30 0.16 -6.47
CA ILE C 284 44.34 1.22 -5.47
C ILE C 284 44.49 0.57 -4.10
N GLY C 285 45.50 0.98 -3.35
CA GLY C 285 45.69 0.41 -2.02
C GLY C 285 46.86 1.07 -1.32
N LEU C 286 46.91 0.85 -0.01
CA LEU C 286 48.02 1.33 0.80
C LEU C 286 49.29 0.55 0.44
N GLU C 287 50.42 1.26 0.42
CA GLU C 287 51.69 0.58 0.18
C GLU C 287 51.92 -0.50 1.23
N ASN C 288 51.66 -0.18 2.50
CA ASN C 288 51.76 -1.14 3.60
C ASN C 288 50.55 -0.92 4.50
N PRO C 289 49.51 -1.77 4.39
CA PRO C 289 48.30 -1.54 5.20
C PRO C 289 48.53 -1.62 6.70
N ASN C 290 49.72 -2.03 7.14
CA ASN C 290 50.02 -2.18 8.55
C ASN C 290 50.81 -1.00 9.12
N LYS C 291 51.10 0.02 8.31
CA LYS C 291 51.83 1.19 8.74
C LYS C 291 50.88 2.39 8.78
N GLU C 292 50.89 3.11 9.91
CA GLU C 292 49.96 4.22 10.08
C GLU C 292 50.25 5.34 9.10
N ASP C 293 51.53 5.57 8.78
CA ASP C 293 51.93 6.62 7.85
C ASP C 293 52.09 6.10 6.42
N SER C 294 51.52 4.94 6.11
CA SER C 294 51.70 4.38 4.78
C SER C 294 51.08 5.30 3.74
N PRO C 295 51.77 5.60 2.64
CA PRO C 295 51.13 6.33 1.54
C PRO C 295 50.18 5.43 0.78
N MET C 296 49.38 6.06 -0.07
CA MET C 296 48.54 5.34 -1.01
C MET C 296 49.32 5.10 -2.30
N VAL C 297 49.02 3.97 -2.95
CA VAL C 297 49.62 3.61 -4.23
C VAL C 297 48.50 3.44 -5.24
N VAL C 298 48.63 4.09 -6.38
CA VAL C 298 47.71 3.96 -7.50
C VAL C 298 48.49 3.40 -8.67
N VAL C 299 48.05 2.25 -9.19
CA VAL C 299 48.63 1.67 -10.38
C VAL C 299 47.81 2.15 -11.57
N ALA C 300 48.43 2.95 -12.43
CA ALA C 300 47.77 3.49 -13.62
C ALA C 300 48.73 3.37 -14.79
N GLY C 301 48.22 2.84 -15.91
CA GLY C 301 49.09 2.63 -17.06
C GLY C 301 50.29 1.75 -16.77
N GLY C 302 50.16 0.80 -15.84
CA GLY C 302 51.23 -0.09 -15.49
C GLY C 302 52.31 0.51 -14.61
N GLN C 303 52.16 1.76 -14.18
CA GLN C 303 53.13 2.42 -13.32
C GLN C 303 52.51 2.70 -11.95
N LYS C 304 53.35 2.65 -10.93
CA LYS C 304 52.93 2.95 -9.56
C LYS C 304 53.15 4.42 -9.25
N ARG C 305 52.15 5.03 -8.62
CA ARG C 305 52.21 6.42 -8.20
C ARG C 305 51.80 6.52 -6.75
N LYS C 306 52.54 7.30 -5.97
CA LYS C 306 52.33 7.41 -4.54
C LYS C 306 51.65 8.73 -4.20
N TYR C 307 50.72 8.67 -3.25
CA TYR C 307 49.99 9.85 -2.82
C TYR C 307 49.73 9.73 -1.32
N SER C 308 49.48 10.88 -0.69
CA SER C 308 49.08 10.87 0.70
C SER C 308 47.62 10.43 0.83
N HIS C 309 46.74 11.00 0.01
CA HIS C 309 45.34 10.62 -0.05
C HIS C 309 44.93 10.50 -1.50
N VAL C 310 43.85 9.76 -1.73
CA VAL C 310 43.31 9.56 -3.08
C VAL C 310 41.82 9.90 -3.05
N ILE C 311 41.40 10.76 -3.97
CA ILE C 311 39.99 11.06 -4.20
C ILE C 311 39.61 10.38 -5.51
N SER C 312 38.73 9.39 -5.43
CA SER C 312 38.27 8.66 -6.61
C SER C 312 36.94 9.24 -7.08
N THR C 313 36.89 9.58 -8.37
CA THR C 313 35.63 9.95 -9.02
C THR C 313 35.21 8.89 -10.02
N LEU C 314 35.80 7.70 -9.95
CA LEU C 314 35.43 6.64 -10.88
C LEU C 314 34.03 6.12 -10.56
N PRO C 315 33.22 5.84 -11.57
CA PRO C 315 31.91 5.23 -11.30
C PRO C 315 32.06 3.95 -10.50
N LEU C 316 31.05 3.66 -9.68
CA LEU C 316 31.09 2.47 -8.85
C LEU C 316 31.34 1.19 -9.65
N PRO C 317 30.69 0.98 -10.80
CA PRO C 317 30.99 -0.25 -11.57
C PRO C 317 32.44 -0.32 -12.03
N VAL C 318 33.07 0.81 -12.29
CA VAL C 318 34.48 0.81 -12.68
C VAL C 318 35.36 0.39 -11.51
N LEU C 319 35.05 0.87 -10.31
CA LEU C 319 35.81 0.44 -9.15
C LEU C 319 35.75 -1.06 -8.96
N ARG C 320 34.68 -1.71 -9.41
CA ARG C 320 34.57 -3.16 -9.33
C ARG C 320 35.53 -3.87 -10.27
N THR C 321 36.12 -3.16 -11.24
CA THR C 321 37.16 -3.72 -12.09
C THR C 321 38.57 -3.35 -11.61
N VAL C 322 38.68 -2.60 -10.52
CA VAL C 322 39.96 -2.18 -9.98
C VAL C 322 40.30 -3.05 -8.79
N ASP C 323 41.57 -3.42 -8.67
CA ASP C 323 42.05 -4.20 -7.54
C ASP C 323 42.12 -3.31 -6.31
N LEU C 324 41.16 -3.48 -5.41
CA LEU C 324 41.07 -2.67 -4.20
C LEU C 324 41.62 -3.41 -2.98
N LYS C 325 42.34 -4.51 -3.18
CA LYS C 325 43.08 -5.12 -2.10
C LYS C 325 44.08 -4.10 -1.55
N ASN C 326 44.19 -4.05 -0.23
CA ASN C 326 45.02 -3.12 0.54
C ASN C 326 44.34 -1.77 0.68
N SER C 327 43.17 -1.55 0.10
CA SER C 327 42.34 -0.40 0.43
C SER C 327 41.41 -0.68 1.60
N LYS C 328 41.27 -1.95 1.99
CA LYS C 328 40.58 -2.34 3.22
C LYS C 328 39.19 -1.72 3.31
N LEU C 329 38.41 -1.89 2.26
CA LEU C 329 36.99 -1.56 2.32
C LEU C 329 36.31 -2.48 3.34
N ASP C 330 35.40 -1.91 4.12
CA ASP C 330 34.64 -2.76 5.03
C ASP C 330 33.58 -3.53 4.24
N ILE C 331 32.97 -4.51 4.92
CA ILE C 331 32.10 -5.44 4.22
C ILE C 331 30.90 -4.74 3.61
N VAL C 332 30.46 -3.63 4.20
CA VAL C 332 29.33 -2.90 3.64
C VAL C 332 29.76 -2.12 2.39
N GLN C 333 30.94 -1.49 2.45
CA GLN C 333 31.41 -0.73 1.30
C GLN C 333 31.58 -1.62 0.08
N SER C 334 32.17 -2.80 0.25
CA SER C 334 32.41 -3.67 -0.89
C SER C 334 31.10 -4.16 -1.50
N ASN C 335 30.10 -4.43 -0.66
CA ASN C 335 28.78 -4.78 -1.19
C ASN C 335 28.12 -3.59 -1.86
N ALA C 336 28.35 -2.38 -1.34
CA ALA C 336 27.74 -1.19 -1.92
C ALA C 336 28.23 -0.96 -3.35
N LEU C 337 29.52 -1.22 -3.61
CA LEU C 337 30.02 -1.06 -4.97
C LEU C 337 29.26 -1.93 -5.96
N ARG C 338 28.81 -3.11 -5.52
CA ARG C 338 28.12 -4.04 -6.41
C ARG C 338 26.63 -3.72 -6.52
N LYS C 339 25.97 -3.41 -5.40
CA LYS C 339 24.52 -3.35 -5.36
C LYS C 339 23.95 -1.98 -5.70
N LEU C 340 24.63 -0.89 -5.33
CA LEU C 340 24.12 0.44 -5.64
C LEU C 340 23.92 0.57 -7.15
N GLN C 341 22.67 0.76 -7.56
CA GLN C 341 22.27 0.51 -8.94
C GLN C 341 22.55 1.71 -9.84
N TYR C 342 22.97 1.41 -11.07
CA TYR C 342 23.13 2.40 -12.13
C TYR C 342 22.02 2.24 -13.15
N GLY C 343 21.81 3.31 -13.93
CA GLY C 343 20.81 3.31 -14.97
C GLY C 343 21.39 3.62 -16.33
N PRO C 344 20.74 3.16 -17.38
CA PRO C 344 21.26 3.37 -18.74
C PRO C 344 20.67 4.62 -19.38
N SER C 345 21.28 5.00 -20.50
CA SER C 345 20.78 6.09 -21.32
C SER C 345 21.47 6.06 -22.68
N ILE C 346 20.73 6.43 -23.71
CA ILE C 346 21.26 6.59 -25.06
C ILE C 346 20.81 7.94 -25.59
N LYS C 347 21.60 8.49 -26.52
CA LYS C 347 21.21 9.66 -27.27
C LYS C 347 21.55 9.45 -28.73
N ILE C 348 20.72 10.01 -29.61
CA ILE C 348 20.96 9.97 -31.05
C ILE C 348 20.85 11.39 -31.57
N GLY C 349 21.95 11.92 -32.09
CA GLY C 349 21.98 13.24 -32.71
C GLY C 349 22.04 13.11 -34.21
N ILE C 350 21.30 13.98 -34.90
CA ILE C 350 21.21 13.97 -36.35
C ILE C 350 21.43 15.38 -36.85
N LEU C 351 22.41 15.54 -37.75
CA LEU C 351 22.61 16.79 -38.48
C LEU C 351 21.71 16.79 -39.70
N PHE C 352 20.85 17.81 -39.81
CA PHE C 352 20.00 18.00 -40.97
C PHE C 352 20.53 19.14 -41.82
N LYS C 353 19.96 19.29 -43.01
CA LYS C 353 20.34 20.37 -43.90
C LYS C 353 19.74 21.71 -43.48
N GLU C 354 18.74 21.70 -42.61
CA GLU C 354 18.05 22.91 -42.20
C GLU C 354 17.32 22.62 -40.89
N PRO C 355 16.97 23.65 -40.13
CA PRO C 355 16.17 23.42 -38.91
C PRO C 355 14.69 23.28 -39.23
N TRP C 356 14.33 22.16 -39.85
CA TRP C 356 12.97 21.98 -40.34
C TRP C 356 11.94 22.10 -39.22
N TRP C 357 12.30 21.72 -38.00
CA TRP C 357 11.38 21.85 -36.88
C TRP C 357 11.01 23.30 -36.61
N THR C 358 11.84 24.25 -37.05
CA THR C 358 11.58 25.67 -36.86
C THR C 358 10.96 26.32 -38.09
N THR C 359 11.39 25.95 -39.30
CA THR C 359 10.98 26.62 -40.52
C THR C 359 10.04 25.79 -41.39
N GLY C 360 9.90 24.50 -41.13
CA GLY C 360 9.18 23.61 -42.01
C GLY C 360 7.69 23.50 -41.66
N GLN C 361 7.02 22.61 -42.39
CA GLN C 361 5.60 22.36 -42.20
C GLN C 361 5.33 20.88 -42.44
N ASP C 362 4.22 20.40 -41.87
CA ASP C 362 3.90 18.99 -41.95
C ASP C 362 3.26 18.66 -43.30
N LYS C 363 2.84 17.41 -43.46
CA LYS C 363 2.29 16.97 -44.74
C LYS C 363 1.02 17.72 -45.12
N ASN C 364 0.32 18.30 -44.15
CA ASN C 364 -0.91 19.05 -44.40
C ASN C 364 -0.67 20.55 -44.45
N GLY C 365 0.59 20.99 -44.45
CA GLY C 365 0.92 22.39 -44.57
C GLY C 365 0.99 23.16 -43.27
N GLU C 366 0.77 22.51 -42.13
CA GLU C 366 0.83 23.19 -40.84
CA GLU C 366 0.83 23.19 -40.84
C GLU C 366 2.28 23.31 -40.38
N LYS C 367 2.68 24.51 -39.98
CA LYS C 367 4.05 24.75 -39.56
C LYS C 367 4.32 24.16 -38.19
N PHE C 368 5.48 23.53 -38.04
CA PHE C 368 5.88 23.00 -36.75
C PHE C 368 6.08 24.13 -35.74
N ASP C 369 6.82 25.16 -36.15
CA ASP C 369 7.02 26.37 -35.35
C ASP C 369 7.56 26.03 -33.96
N LEU C 370 8.56 25.17 -33.93
CA LEU C 370 9.22 24.74 -32.70
C LEU C 370 10.56 25.44 -32.57
N VAL C 371 10.81 26.00 -31.39
CA VAL C 371 12.09 26.64 -31.08
C VAL C 371 12.51 26.13 -29.70
N GLY C 372 13.56 25.31 -29.67
CA GLY C 372 13.87 24.67 -28.42
C GLY C 372 12.73 23.74 -28.04
N GLY C 373 12.68 23.43 -26.75
CA GLY C 373 11.64 22.57 -26.22
C GLY C 373 11.87 21.11 -26.56
N GLN C 374 10.82 20.32 -26.33
CA GLN C 374 10.90 18.87 -26.47
C GLN C 374 9.58 18.32 -26.95
N SER C 375 9.65 17.18 -27.64
CA SER C 375 8.48 16.39 -27.99
C SER C 375 8.60 15.01 -27.36
N TYR C 376 7.45 14.39 -27.10
CA TYR C 376 7.40 13.13 -26.39
C TYR C 376 6.51 12.14 -27.13
N THR C 377 6.84 10.86 -27.01
CA THR C 377 6.09 9.81 -27.68
C THR C 377 6.35 8.50 -26.96
N ASP C 378 5.42 7.57 -27.11
CA ASP C 378 5.63 6.21 -26.65
C ASP C 378 6.35 5.36 -27.70
N LEU C 379 6.68 5.95 -28.85
CA LEU C 379 7.52 5.28 -29.84
C LEU C 379 8.95 5.12 -29.32
N PRO C 380 9.71 4.21 -29.92
CA PRO C 380 11.05 3.90 -29.39
C PRO C 380 11.95 5.11 -29.12
N ILE C 381 11.84 6.20 -29.89
CA ILE C 381 12.73 7.34 -29.63
C ILE C 381 12.34 8.06 -28.34
N ARG C 382 11.09 7.94 -27.90
CA ARG C 382 10.60 8.45 -26.62
C ARG C 382 10.63 9.98 -26.51
N THR C 383 11.81 10.59 -26.66
CA THR C 383 11.94 12.02 -26.42
C THR C 383 12.80 12.66 -27.50
N VAL C 384 12.32 13.79 -28.03
CA VAL C 384 13.03 14.59 -29.03
C VAL C 384 13.36 15.93 -28.39
N VAL C 385 14.60 16.38 -28.56
CA VAL C 385 15.06 17.63 -27.96
C VAL C 385 15.58 18.53 -29.06
N TYR C 386 14.92 19.67 -29.24
CA TYR C 386 15.34 20.66 -30.23
C TYR C 386 16.33 21.64 -29.61
N PRO C 387 17.38 22.02 -30.33
CA PRO C 387 18.44 22.81 -29.71
C PRO C 387 17.96 24.21 -29.31
N SER C 388 18.40 24.64 -28.13
CA SER C 388 18.18 26.02 -27.68
C SER C 388 19.35 26.92 -28.04
N TYR C 389 20.53 26.35 -28.25
CA TYR C 389 21.71 27.15 -28.58
C TYR C 389 21.66 27.57 -30.05
N GLY C 390 22.07 28.81 -30.30
CA GLY C 390 22.14 29.33 -31.66
C GLY C 390 20.84 29.82 -32.24
N VAL C 391 19.73 29.73 -31.50
CA VAL C 391 18.43 30.04 -32.07
C VAL C 391 18.35 31.51 -32.48
N ASN C 392 18.99 32.39 -31.71
CA ASN C 392 18.97 33.83 -31.98
C ASN C 392 20.25 34.30 -32.65
N THR C 393 20.78 33.53 -33.59
CA THR C 393 21.99 33.88 -34.32
C THR C 393 21.73 33.81 -35.82
N ASN C 394 22.74 34.18 -36.61
CA ASN C 394 22.63 34.15 -38.06
C ASN C 394 22.67 32.74 -38.61
N ALA C 395 23.19 31.77 -37.86
CA ALA C 395 23.32 30.39 -38.29
C ALA C 395 22.76 29.48 -37.20
N PRO C 396 21.44 29.36 -37.11
CA PRO C 396 20.86 28.46 -36.10
C PRO C 396 21.33 27.03 -36.30
N SER C 397 21.26 26.26 -35.22
CA SER C 397 21.70 24.88 -35.28
C SER C 397 20.80 24.07 -36.21
N ASN C 398 21.43 23.24 -37.03
CA ASN C 398 20.74 22.26 -37.85
C ASN C 398 20.78 20.87 -37.23
N THR C 399 21.18 20.77 -35.97
CA THR C 399 21.42 19.49 -35.31
C THR C 399 20.28 19.20 -34.33
N LEU C 400 19.72 18.00 -34.42
CA LEU C 400 18.60 17.57 -33.59
C LEU C 400 19.06 16.42 -32.72
N ILE C 401 18.58 16.40 -31.48
CA ILE C 401 18.64 15.20 -30.66
C ILE C 401 17.38 14.40 -30.98
N ALA C 402 17.51 13.45 -31.91
CA ALA C 402 16.36 12.70 -32.40
C ALA C 402 15.85 11.68 -31.38
N SER C 403 16.68 11.26 -30.43
CA SER C 403 16.24 10.31 -29.42
C SER C 403 17.07 10.50 -28.16
N TYR C 404 16.39 10.49 -27.01
CA TYR C 404 17.02 10.53 -25.71
C TYR C 404 16.19 9.63 -24.81
N CYS C 405 16.75 8.48 -24.43
CA CYS C 405 16.00 7.43 -23.73
C CYS C 405 16.62 7.12 -22.38
N TRP C 406 15.79 6.61 -21.48
CA TRP C 406 16.19 6.12 -20.17
C TRP C 406 15.72 4.67 -20.01
N THR C 407 16.19 4.04 -18.93
CA THR C 407 15.73 2.73 -18.48
C THR C 407 15.47 1.76 -19.63
N ASN C 408 14.30 1.09 -19.64
CA ASN C 408 14.07 0.04 -20.62
C ASN C 408 14.17 0.57 -22.05
N ASP C 409 13.74 1.82 -22.27
CA ASP C 409 13.81 2.37 -23.62
C ASP C 409 15.25 2.48 -24.09
N ALA C 410 16.17 2.82 -23.18
CA ALA C 410 17.58 2.92 -23.54
C ALA C 410 18.20 1.54 -23.71
N GLU C 411 17.82 0.59 -22.86
CA GLU C 411 18.38 -0.76 -22.96
C GLU C 411 18.06 -1.39 -24.30
N ARG C 412 16.79 -1.30 -24.73
CA ARG C 412 16.40 -1.89 -26.00
C ARG C 412 17.07 -1.18 -27.17
N MET C 413 17.03 0.15 -27.18
CA MET C 413 17.65 0.90 -28.27
C MET C 413 19.15 0.64 -28.35
N GLY C 414 19.79 0.37 -27.21
CA GLY C 414 21.23 0.21 -27.19
C GLY C 414 21.73 -0.93 -28.07
N SER C 415 20.89 -1.94 -28.30
CA SER C 415 21.31 -3.06 -29.14
C SER C 415 21.54 -2.64 -30.59
N LEU C 416 20.97 -1.53 -31.03
CA LEU C 416 21.16 -1.03 -32.38
C LEU C 416 22.27 0.01 -32.47
N ILE C 417 22.94 0.33 -31.36
CA ILE C 417 23.96 1.37 -31.31
C ILE C 417 25.32 0.71 -31.12
N GLY C 418 26.32 1.24 -31.81
CA GLY C 418 27.69 0.78 -31.65
C GLY C 418 27.93 -0.65 -32.10
N THR C 419 27.16 -1.14 -33.07
CA THR C 419 27.41 -2.48 -33.59
C THR C 419 28.58 -2.52 -34.54
N GLY C 420 28.94 -1.39 -35.13
CA GLY C 420 29.96 -1.34 -36.16
C GLY C 420 29.52 -1.88 -37.50
N ALA C 421 28.27 -2.26 -37.66
CA ALA C 421 27.75 -2.85 -38.89
C ALA C 421 26.87 -1.84 -39.61
N ALA C 422 27.15 -1.60 -40.89
CA ALA C 422 26.37 -0.65 -41.67
C ALA C 422 24.91 -1.04 -41.72
N THR C 423 24.61 -2.35 -41.72
CA THR C 423 23.21 -2.78 -41.82
C THR C 423 22.40 -2.30 -40.62
N TYR C 424 22.96 -2.36 -39.42
CA TYR C 424 22.25 -1.91 -38.23
C TYR C 424 22.27 -0.40 -38.10
N GLU C 425 23.36 0.25 -38.54
CA GLU C 425 23.37 1.71 -38.59
CA GLU C 425 23.37 1.71 -38.58
C GLU C 425 22.25 2.23 -39.48
N GLU C 426 21.99 1.54 -40.61
CA GLU C 426 20.91 1.93 -41.49
C GLU C 426 19.55 1.63 -40.87
N GLN C 427 19.41 0.46 -40.23
CA GLN C 427 18.17 0.15 -39.54
C GLN C 427 17.86 1.20 -38.47
N LEU C 428 18.87 1.59 -37.70
CA LEU C 428 18.68 2.60 -36.67
C LEU C 428 18.19 3.91 -37.27
N GLU C 429 18.83 4.36 -38.35
CA GLU C 429 18.43 5.61 -38.98
C GLU C 429 16.99 5.55 -39.48
N HIS C 430 16.63 4.46 -40.14
CA HIS C 430 15.27 4.34 -40.67
C HIS C 430 14.25 4.33 -39.54
N LEU C 431 14.58 3.64 -38.45
CA LEU C 431 13.69 3.61 -37.29
C LEU C 431 13.52 5.01 -36.71
N VAL C 432 14.62 5.73 -36.53
CA VAL C 432 14.54 7.07 -35.93
C VAL C 432 13.75 8.02 -36.82
N LEU C 433 14.04 8.01 -38.13
CA LEU C 433 13.33 8.91 -39.04
C LEU C 433 11.84 8.57 -39.11
N SER C 434 11.51 7.28 -39.14
CA SER C 434 10.10 6.88 -39.17
C SER C 434 9.39 7.36 -37.91
N ASN C 435 10.01 7.16 -36.74
CA ASN C 435 9.42 7.66 -35.50
C ASN C 435 9.24 9.17 -35.55
N LEU C 436 10.28 9.88 -36.01
CA LEU C 436 10.17 11.33 -36.12
C LEU C 436 9.04 11.73 -37.05
N ALA C 437 8.90 11.02 -38.18
CA ALA C 437 7.83 11.35 -39.13
C ALA C 437 6.47 11.16 -38.50
N ALA C 438 6.30 10.10 -37.73
CA ALA C 438 5.01 9.86 -37.07
C ALA C 438 4.75 10.90 -35.99
N VAL C 439 5.78 11.32 -35.27
CA VAL C 439 5.60 12.30 -34.20
C VAL C 439 5.17 13.65 -34.78
N HIS C 440 5.83 14.09 -35.85
CA HIS C 440 5.59 15.41 -36.42
C HIS C 440 4.58 15.39 -37.56
N ASN C 441 4.10 14.22 -37.97
CA ASN C 441 3.12 14.10 -39.06
C ASN C 441 3.72 14.51 -40.40
N THR C 442 4.89 13.96 -40.71
CA THR C 442 5.53 14.16 -42.01
C THR C 442 5.71 12.81 -42.70
N ASP C 443 6.15 12.87 -43.95
CA ASP C 443 6.56 11.66 -44.65
C ASP C 443 7.99 11.30 -44.25
N TYR C 444 8.31 10.01 -44.38
CA TYR C 444 9.67 9.58 -44.14
C TYR C 444 10.64 10.29 -45.07
N GLN C 445 10.29 10.42 -46.35
CA GLN C 445 11.21 10.99 -47.32
C GLN C 445 11.47 12.47 -47.05
N TYR C 446 10.49 13.17 -46.46
CA TYR C 446 10.70 14.57 -46.09
C TYR C 446 11.91 14.73 -45.18
N LEU C 447 12.09 13.81 -44.24
CA LEU C 447 13.21 13.87 -43.32
C LEU C 447 14.47 13.23 -43.89
N LYS C 448 14.33 12.13 -44.64
CA LYS C 448 15.49 11.52 -45.27
C LYS C 448 16.17 12.48 -46.24
N ASP C 449 15.38 13.22 -47.02
CA ASP C 449 15.95 14.19 -47.94
C ASP C 449 16.77 15.26 -47.23
N ARG C 450 16.50 15.51 -45.96
CA ARG C 450 17.17 16.57 -45.21
C ARG C 450 18.25 16.04 -44.27
N LEU C 451 18.44 14.73 -44.19
CA LEU C 451 19.44 14.17 -43.29
C LEU C 451 20.84 14.29 -43.88
N VAL C 452 21.81 14.59 -43.02
CA VAL C 452 23.21 14.71 -43.41
C VAL C 452 24.08 13.68 -42.71
N ASP C 453 24.02 13.61 -41.39
CA ASP C 453 24.84 12.68 -40.62
CA ASP C 453 24.82 12.65 -40.64
C ASP C 453 24.10 12.26 -39.37
N VAL C 454 24.51 11.12 -38.82
CA VAL C 454 23.93 10.57 -37.60
C VAL C 454 25.07 10.21 -36.65
N HIS C 455 24.87 10.52 -35.37
CA HIS C 455 25.78 10.12 -34.31
C HIS C 455 24.95 9.58 -33.17
N SER C 456 25.35 8.42 -32.64
CA SER C 456 24.60 7.75 -31.59
C SER C 456 25.57 7.30 -30.50
N TRP C 457 25.05 7.19 -29.28
CA TRP C 457 25.88 6.87 -28.13
C TRP C 457 25.05 6.11 -27.10
N ASP C 458 25.64 5.06 -26.55
CA ASP C 458 25.01 4.23 -25.52
C ASP C 458 25.93 4.23 -24.31
N TRP C 459 25.55 4.98 -23.27
CA TRP C 459 26.35 5.07 -22.07
C TRP C 459 26.39 3.75 -21.28
N ASN C 460 25.49 2.82 -21.56
CA ASN C 460 25.53 1.51 -20.93
C ASN C 460 26.40 0.51 -21.72
N HIS C 461 27.11 0.98 -22.74
CA HIS C 461 28.09 0.17 -23.44
CA HIS C 461 28.08 0.18 -23.47
C HIS C 461 29.34 1.03 -23.67
N ASN C 462 29.91 1.50 -22.57
CA ASN C 462 31.07 2.36 -22.55
C ASN C 462 31.92 1.99 -21.33
N PRO C 463 33.09 1.38 -21.54
CA PRO C 463 33.88 0.93 -20.38
C PRO C 463 34.20 2.02 -19.39
N LEU C 464 34.17 3.29 -19.79
CA LEU C 464 34.55 4.37 -18.90
C LEU C 464 33.42 4.80 -17.99
N THR C 465 32.19 4.42 -18.28
CA THR C 465 31.04 4.76 -17.44
C THR C 465 30.27 3.53 -16.96
N MET C 466 30.13 2.51 -17.81
CA MET C 466 29.44 1.27 -17.44
C MET C 466 28.02 1.59 -16.93
N GLY C 467 27.31 2.38 -17.73
CA GLY C 467 26.03 2.92 -17.34
C GLY C 467 26.01 4.43 -17.50
N ALA C 468 24.82 5.02 -17.60
CA ALA C 468 24.73 6.46 -17.77
C ALA C 468 25.04 7.19 -16.46
N PHE C 469 24.50 6.71 -15.35
CA PHE C 469 24.66 7.37 -14.07
C PHE C 469 23.98 6.52 -13.01
N ALA C 470 24.25 6.85 -11.75
CA ALA C 470 23.56 6.18 -10.65
C ALA C 470 22.06 6.38 -10.77
N PHE C 471 21.31 5.29 -10.53
CA PHE C 471 19.85 5.32 -10.51
C PHE C 471 19.43 4.24 -9.52
N PHE C 472 19.44 4.61 -8.24
CA PHE C 472 19.34 3.62 -7.16
C PHE C 472 18.00 2.90 -7.18
N GLY C 473 18.04 1.61 -6.84
CA GLY C 473 16.84 0.85 -6.60
C GLY C 473 16.36 1.05 -5.17
N PRO C 474 15.19 0.48 -4.88
CA PRO C 474 14.66 0.57 -3.52
C PRO C 474 15.65 0.02 -2.50
N GLY C 475 15.83 0.74 -1.40
CA GLY C 475 16.68 0.32 -0.32
C GLY C 475 18.13 0.74 -0.45
N ASP C 476 18.59 1.10 -1.64
CA ASP C 476 19.99 1.45 -1.83
C ASP C 476 20.38 2.64 -0.94
N PHE C 477 19.58 3.71 -0.96
CA PHE C 477 19.93 4.88 -0.18
C PHE C 477 19.94 4.59 1.32
N GLN C 478 18.94 3.85 1.81
CA GLN C 478 18.81 3.68 3.25
C GLN C 478 19.85 2.72 3.81
N ASP C 479 20.32 1.77 3.00
CA ASP C 479 21.12 0.66 3.50
C ASP C 479 22.60 0.73 3.12
N LEU C 480 22.92 1.16 1.89
CA LEU C 480 24.28 1.05 1.38
C LEU C 480 24.94 2.37 1.05
N TYR C 481 24.16 3.43 0.85
CA TYR C 481 24.73 4.71 0.42
C TYR C 481 25.72 5.27 1.44
N THR C 482 25.38 5.21 2.73
CA THR C 482 26.22 5.86 3.73
C THR C 482 27.60 5.22 3.83
N SER C 483 27.70 3.92 3.57
CA SER C 483 28.97 3.23 3.75
C SER C 483 30.06 3.86 2.90
N LEU C 484 29.74 4.27 1.67
CA LEU C 484 30.73 4.87 0.79
C LEU C 484 30.97 6.34 1.07
N ASN C 485 30.17 6.96 1.93
CA ASN C 485 30.48 8.30 2.41
C ASN C 485 31.53 8.29 3.51
N ARG C 486 31.80 7.12 4.08
CA ARG C 486 32.98 6.94 4.93
C ARG C 486 34.20 6.67 4.04
N PRO C 487 35.38 7.09 4.46
CA PRO C 487 36.59 6.76 3.70
C PRO C 487 36.97 5.31 3.87
N ALA C 488 37.92 4.88 3.04
CA ALA C 488 38.56 3.59 3.14
C ALA C 488 40.06 3.78 3.28
N ALA C 489 40.80 2.66 3.34
CA ALA C 489 42.25 2.67 3.34
C ALA C 489 42.80 3.56 4.47
N ASN C 490 42.41 3.22 5.69
CA ASN C 490 42.85 3.95 6.88
C ASN C 490 42.56 5.44 6.74
N GLY C 491 41.44 5.76 6.11
CA GLY C 491 41.02 7.14 5.93
C GLY C 491 41.67 7.87 4.79
N LYS C 492 42.42 7.18 3.92
CA LYS C 492 43.17 7.82 2.86
C LYS C 492 42.56 7.62 1.48
N LEU C 493 41.48 6.84 1.37
CA LEU C 493 40.75 6.68 0.12
C LEU C 493 39.36 7.27 0.28
N HIS C 494 39.01 8.24 -0.55
CA HIS C 494 37.74 8.95 -0.48
C HIS C 494 36.96 8.68 -1.76
N PHE C 495 35.75 8.16 -1.62
CA PHE C 495 34.90 7.87 -2.77
C PHE C 495 34.12 9.11 -3.15
N ALA C 496 34.16 9.46 -4.44
CA ALA C 496 33.48 10.64 -4.94
C ALA C 496 32.91 10.30 -6.31
N GLY C 497 32.39 11.32 -6.99
CA GLY C 497 31.62 11.12 -8.20
C GLY C 497 30.12 11.27 -7.93
N GLU C 498 29.37 11.51 -9.00
CA GLU C 498 27.95 11.84 -8.85
C GLU C 498 27.18 10.77 -8.09
N ALA C 499 27.65 9.52 -8.11
CA ALA C 499 26.95 8.47 -7.37
C ALA C 499 26.93 8.76 -5.87
N LEU C 500 27.96 9.43 -5.36
CA LEU C 500 28.03 9.78 -3.95
C LEU C 500 27.37 11.14 -3.71
N SER C 501 26.07 11.19 -3.99
CA SER C 501 25.28 12.40 -3.80
C SER C 501 23.80 12.03 -3.84
N VAL C 502 22.97 12.99 -3.49
CA VAL C 502 21.52 12.87 -3.66
C VAL C 502 21.05 13.62 -4.89
N ARG C 503 21.97 13.99 -5.78
CA ARG C 503 21.63 14.59 -7.06
C ARG C 503 22.22 13.72 -8.17
N HIS C 504 21.84 12.44 -8.19
CA HIS C 504 22.31 11.55 -9.23
C HIS C 504 21.93 12.08 -10.61
N ALA C 505 22.80 11.84 -11.58
CA ALA C 505 22.58 12.23 -12.97
C ALA C 505 22.60 13.74 -13.15
N TRP C 506 23.29 14.45 -12.26
CA TRP C 506 23.45 15.90 -12.37
C TRP C 506 24.91 16.27 -12.11
N VAL C 507 25.35 17.37 -12.73
CA VAL C 507 26.68 17.88 -12.46
C VAL C 507 26.82 18.24 -10.98
N VAL C 508 25.78 18.87 -10.41
CA VAL C 508 25.86 19.28 -9.01
C VAL C 508 26.12 18.08 -8.12
N GLY C 509 25.59 16.91 -8.47
CA GLY C 509 25.87 15.72 -7.70
C GLY C 509 27.36 15.41 -7.65
N ALA C 510 28.04 15.54 -8.78
CA ALA C 510 29.49 15.35 -8.80
C ALA C 510 30.20 16.43 -7.99
N LEU C 511 29.74 17.67 -8.10
CA LEU C 511 30.37 18.75 -7.34
C LEU C 511 30.18 18.54 -5.84
N ASP C 512 28.98 18.13 -5.44
CA ASP C 512 28.73 17.84 -4.02
C ASP C 512 29.67 16.76 -3.51
N SER C 513 29.87 15.70 -4.30
CA SER C 513 30.74 14.61 -3.87
C SER C 513 32.17 15.10 -3.68
N ALA C 514 32.61 16.02 -4.54
CA ALA C 514 33.95 16.56 -4.40
C ALA C 514 34.08 17.44 -3.17
N TRP C 515 33.05 18.22 -2.87
CA TRP C 515 33.05 19.03 -1.65
C TRP C 515 33.22 18.13 -0.43
N ARG C 516 32.45 17.04 -0.36
CA ARG C 516 32.53 16.16 0.81
C ARG C 516 33.88 15.45 0.86
N ALA C 517 34.40 15.03 -0.29
CA ALA C 517 35.69 14.33 -0.30
C ALA C 517 36.81 15.25 0.17
N VAL C 518 36.84 16.48 -0.35
CA VAL C 518 37.87 17.43 0.07
C VAL C 518 37.67 17.82 1.53
N TYR C 519 36.41 17.95 1.95
CA TYR C 519 36.14 18.28 3.35
C TYR C 519 36.77 17.24 4.28
N ASN C 520 36.51 15.96 4.01
CA ASN C 520 37.07 14.91 4.87
C ASN C 520 38.59 14.93 4.81
N TYR C 521 39.17 15.18 3.63
CA TYR C 521 40.62 15.23 3.52
C TYR C 521 41.21 16.33 4.40
N LEU C 522 40.66 17.54 4.29
CA LEU C 522 41.15 18.64 5.11
C LEU C 522 40.92 18.36 6.59
N TYR C 523 39.78 17.76 6.92
CA TYR C 523 39.45 17.48 8.32
C TYR C 523 40.54 16.66 9.00
N VAL C 524 41.11 15.69 8.28
CA VAL C 524 42.06 14.78 8.89
C VAL C 524 43.52 15.17 8.66
N THR C 525 43.81 16.05 7.69
CA THR C 525 45.18 16.41 7.36
C THR C 525 45.54 17.85 7.73
N ASP C 526 44.62 18.79 7.56
CA ASP C 526 44.95 20.19 7.81
C ASP C 526 43.68 20.99 8.09
N PRO C 527 43.05 20.78 9.25
CA PRO C 527 41.79 21.49 9.52
C PRO C 527 41.91 23.00 9.56
N ALA C 528 43.13 23.53 9.65
CA ALA C 528 43.31 24.99 9.64
C ALA C 528 42.86 25.61 8.32
N LYS C 529 42.72 24.81 7.27
CA LYS C 529 42.26 25.29 5.97
C LYS C 529 40.74 25.30 5.83
N LEU C 530 40.02 24.81 6.84
CA LEU C 530 38.56 24.72 6.73
C LEU C 530 37.89 26.08 6.59
N PRO C 531 38.24 27.12 7.35
CA PRO C 531 37.56 28.41 7.16
C PRO C 531 37.65 28.94 5.74
N LYS C 532 38.85 28.89 5.13
CA LYS C 532 38.99 29.32 3.75
C LYS C 532 38.21 28.41 2.81
N PHE C 533 38.24 27.10 3.07
CA PHE C 533 37.44 26.15 2.29
C PHE C 533 35.96 26.50 2.35
N PHE C 534 35.44 26.74 3.56
CA PHE C 534 34.04 27.14 3.70
C PHE C 534 33.77 28.45 2.96
N GLU C 535 34.69 29.41 3.08
CA GLU C 535 34.46 30.73 2.50
C GLU C 535 34.37 30.67 0.99
N LEU C 536 35.21 29.85 0.35
CA LEU C 536 35.27 29.79 -1.10
C LEU C 536 34.28 28.80 -1.70
N TRP C 537 33.98 27.70 -1.00
CA TRP C 537 33.24 26.60 -1.60
C TRP C 537 32.00 26.20 -0.80
N GLY C 538 31.66 26.93 0.26
CA GLY C 538 30.42 26.70 0.98
C GLY C 538 30.64 26.05 2.33
N LYS C 539 29.80 26.44 3.30
CA LYS C 539 29.86 25.85 4.63
C LYS C 539 29.33 24.43 4.65
N ASN C 540 28.50 24.05 3.67
CA ASN C 540 27.92 22.72 3.62
C ASN C 540 27.90 22.25 2.17
N ALA C 541 27.69 20.95 1.99
CA ALA C 541 27.57 20.41 0.64
C ALA C 541 26.25 20.84 -0.01
N GLU C 542 25.14 20.65 0.70
CA GLU C 542 23.81 20.85 0.13
C GLU C 542 23.01 21.95 0.83
N TRP C 543 23.10 22.05 2.15
CA TRP C 543 22.35 23.06 2.89
C TRP C 543 22.54 24.44 2.27
N PHE C 544 21.43 25.15 2.08
CA PHE C 544 21.45 26.43 1.37
C PHE C 544 22.24 27.48 2.16
N GLU C 545 22.82 28.43 1.41
CA GLU C 545 23.44 29.60 2.01
C GLU C 545 23.43 30.72 0.98
N GLN C 546 23.65 31.94 1.45
CA GLN C 546 23.59 33.11 0.60
C GLN C 546 24.85 33.23 -0.26
N PRO C 547 24.76 33.91 -1.41
CA PRO C 547 25.94 34.10 -2.26
C PRO C 547 27.02 34.95 -1.60
N GLY D 11 -6.13 -19.55 -50.54
CA GLY D 11 -5.42 -20.67 -49.95
C GLY D 11 -4.74 -20.31 -48.65
N GLU D 12 -4.39 -21.32 -47.87
CA GLU D 12 -3.74 -21.14 -46.57
C GLU D 12 -2.23 -21.25 -46.73
N ARG D 13 -1.50 -20.29 -46.17
CA ARG D 13 -0.05 -20.36 -46.08
C ARG D 13 0.35 -19.53 -44.87
N VAL D 14 0.98 -20.16 -43.90
CA VAL D 14 1.31 -19.50 -42.64
C VAL D 14 2.73 -18.96 -42.74
N GLY D 15 2.89 -17.67 -42.48
CA GLY D 15 4.21 -17.07 -42.38
C GLY D 15 4.72 -17.12 -40.97
N ILE D 16 5.77 -17.90 -40.72
CA ILE D 16 6.39 -18.01 -39.41
C ILE D 16 7.61 -17.09 -39.42
N LEU D 17 7.62 -16.13 -38.50
CA LEU D 17 8.69 -15.14 -38.42
C LEU D 17 9.68 -15.57 -37.35
N GLY D 18 10.90 -15.88 -37.78
CA GLY D 18 11.95 -16.28 -36.86
C GLY D 18 12.18 -17.78 -36.85
N ALA D 19 13.41 -18.20 -37.18
CA ALA D 19 13.77 -19.61 -37.18
C ALA D 19 14.42 -20.04 -35.87
N GLY D 20 14.03 -19.45 -34.75
CA GLY D 20 14.40 -19.97 -33.45
C GLY D 20 13.60 -21.22 -33.14
N ILE D 21 13.76 -21.69 -31.90
CA ILE D 21 13.11 -22.94 -31.51
C ILE D 21 11.59 -22.78 -31.51
N GLY D 22 11.10 -21.57 -31.25
CA GLY D 22 9.67 -21.35 -31.29
C GLY D 22 9.09 -21.45 -32.69
N GLY D 23 9.79 -20.87 -33.67
CA GLY D 23 9.32 -20.96 -35.05
C GLY D 23 9.52 -22.35 -35.62
N LEU D 24 10.63 -23.00 -35.28
CA LEU D 24 10.85 -24.36 -35.74
C LEU D 24 9.81 -25.31 -35.17
N TYR D 25 9.45 -25.12 -33.89
CA TYR D 25 8.40 -25.94 -33.27
C TYR D 25 7.06 -25.69 -33.95
N SER D 26 6.71 -24.41 -34.17
CA SER D 26 5.51 -24.09 -34.91
C SER D 26 5.48 -24.80 -36.26
N ALA D 27 6.63 -24.84 -36.94
CA ALA D 27 6.69 -25.49 -38.25
C ALA D 27 6.47 -26.98 -38.13
N LEU D 28 7.04 -27.62 -37.10
CA LEU D 28 6.80 -29.04 -36.89
C LEU D 28 5.32 -29.35 -36.73
N ILE D 29 4.63 -28.55 -35.90
CA ILE D 29 3.20 -28.77 -35.68
C ILE D 29 2.44 -28.64 -36.99
N LEU D 30 2.63 -27.51 -37.70
CA LEU D 30 1.91 -27.29 -38.94
C LEU D 30 2.22 -28.39 -39.96
N GLN D 31 3.49 -28.83 -40.02
CA GLN D 31 3.85 -29.91 -40.94
C GLN D 31 3.08 -31.18 -40.61
N SER D 32 2.96 -31.51 -39.32
CA SER D 32 2.24 -32.71 -38.92
C SER D 32 0.75 -32.61 -39.22
N LEU D 33 0.24 -31.39 -39.43
CA LEU D 33 -1.17 -31.17 -39.74
C LEU D 33 -1.40 -30.80 -41.20
N ASP D 34 -0.38 -30.89 -42.04
CA ASP D 34 -0.51 -30.62 -43.47
C ASP D 34 -0.99 -29.20 -43.74
N VAL D 35 -0.43 -28.25 -43.01
CA VAL D 35 -0.72 -26.83 -43.19
C VAL D 35 0.50 -26.19 -43.86
N PRO D 36 0.36 -25.60 -45.05
CA PRO D 36 1.53 -24.96 -45.69
C PRO D 36 2.07 -23.82 -44.85
N PHE D 37 3.40 -23.65 -44.89
CA PHE D 37 4.04 -22.60 -44.11
C PHE D 37 5.36 -22.22 -44.77
N GLU D 38 5.84 -21.03 -44.40
CA GLU D 38 7.18 -20.57 -44.70
C GLU D 38 7.78 -19.98 -43.43
N ILE D 39 9.08 -20.19 -43.23
CA ILE D 39 9.81 -19.62 -42.10
C ILE D 39 10.71 -18.52 -42.65
N ILE D 40 10.52 -17.31 -42.14
CA ILE D 40 11.35 -16.15 -42.52
C ILE D 40 12.33 -15.88 -41.38
N GLU D 41 13.61 -15.84 -41.72
CA GLU D 41 14.67 -15.69 -40.73
C GLU D 41 15.59 -14.56 -41.18
N ALA D 42 15.89 -13.64 -40.25
CA ALA D 42 16.70 -12.49 -40.59
C ALA D 42 18.15 -12.88 -40.85
N SER D 43 18.68 -13.84 -40.10
CA SER D 43 20.09 -14.20 -40.16
C SER D 43 20.31 -15.33 -41.15
N ASN D 44 21.53 -15.86 -41.18
CA ASN D 44 21.89 -16.98 -42.03
C ASN D 44 21.90 -18.30 -41.28
N ARG D 45 21.34 -18.35 -40.06
CA ARG D 45 21.39 -19.54 -39.23
C ARG D 45 20.03 -19.75 -38.57
N VAL D 46 19.79 -20.99 -38.17
CA VAL D 46 18.61 -21.35 -37.39
C VAL D 46 19.05 -21.61 -35.96
N GLY D 47 18.08 -21.57 -35.04
CA GLY D 47 18.30 -21.85 -33.64
C GLY D 47 18.13 -20.64 -32.74
N GLY D 48 18.41 -19.44 -33.26
CA GLY D 48 18.21 -18.24 -32.47
C GLY D 48 19.05 -18.27 -31.21
N ARG D 49 18.39 -18.18 -30.05
CA ARG D 49 19.09 -18.16 -28.78
C ARG D 49 19.57 -19.53 -28.33
N LEU D 50 19.38 -20.56 -29.16
CA LEU D 50 20.16 -21.79 -29.06
C LEU D 50 21.38 -21.58 -29.96
N PHE D 51 22.51 -21.27 -29.33
CA PHE D 51 23.69 -20.78 -30.03
C PHE D 51 24.91 -21.44 -29.41
N THR D 52 25.52 -22.37 -30.15
CA THR D 52 26.70 -23.10 -29.71
C THR D 52 27.92 -22.53 -30.41
N HIS D 53 28.88 -22.04 -29.62
CA HIS D 53 30.14 -21.54 -30.16
C HIS D 53 31.21 -22.61 -30.07
N LYS D 54 31.82 -22.92 -31.22
CA LYS D 54 32.92 -23.87 -31.29
C LYS D 54 34.24 -23.11 -31.39
N PHE D 55 35.18 -23.45 -30.50
CA PHE D 55 36.52 -22.87 -30.58
C PHE D 55 37.30 -23.56 -31.68
N PRO D 56 37.81 -22.83 -32.68
CA PRO D 56 38.45 -23.51 -33.82
C PRO D 56 39.67 -24.33 -33.45
N ASN D 57 40.47 -23.90 -32.47
CA ASN D 57 41.71 -24.59 -32.12
C ASN D 57 41.51 -25.70 -31.11
N GLY D 58 40.27 -26.03 -30.76
CA GLY D 58 40.00 -27.01 -29.73
C GLY D 58 39.56 -28.35 -30.30
N GLY D 59 39.22 -29.26 -29.38
CA GLY D 59 38.80 -30.60 -29.73
C GLY D 59 37.30 -30.75 -29.86
N LYS D 60 36.86 -32.01 -29.81
CA LYS D 60 35.47 -32.34 -30.09
C LYS D 60 34.52 -31.63 -29.13
N TYR D 61 34.86 -31.58 -27.85
CA TYR D 61 33.99 -31.00 -26.84
C TYR D 61 34.43 -29.61 -26.39
N ASP D 62 35.27 -28.94 -27.19
CA ASP D 62 35.68 -27.58 -26.89
C ASP D 62 34.72 -26.57 -27.54
N TYR D 63 33.47 -26.65 -27.08
CA TYR D 63 32.42 -25.70 -27.42
C TYR D 63 31.76 -25.26 -26.12
N TYR D 64 30.94 -24.22 -26.21
CA TYR D 64 30.07 -23.87 -25.10
C TYR D 64 28.82 -23.22 -25.67
N ASP D 65 27.73 -23.33 -24.94
CA ASP D 65 26.45 -22.79 -25.37
C ASP D 65 26.31 -21.36 -24.88
N VAL D 66 26.23 -20.43 -25.83
CA VAL D 66 26.10 -19.02 -25.49
C VAL D 66 24.71 -18.74 -24.94
N GLY D 67 23.73 -19.54 -25.33
CA GLY D 67 22.38 -19.43 -24.81
C GLY D 67 21.98 -20.65 -24.00
N ALA D 68 20.98 -21.38 -24.49
CA ALA D 68 20.44 -22.51 -23.74
C ALA D 68 21.48 -23.63 -23.63
N MET D 69 21.55 -24.24 -22.44
CA MET D 69 22.58 -25.24 -22.17
C MET D 69 22.13 -26.36 -21.22
N ARG D 70 21.04 -26.17 -20.48
CA ARG D 70 20.63 -27.15 -19.48
C ARG D 70 19.12 -27.26 -19.40
N TYR D 71 18.63 -28.49 -19.29
CA TYR D 71 17.20 -28.77 -19.38
C TYR D 71 16.75 -29.63 -18.21
N PRO D 72 16.00 -29.07 -17.24
CA PRO D 72 15.49 -29.89 -16.12
C PRO D 72 14.24 -30.68 -16.50
N LEU D 73 14.46 -31.84 -17.09
CA LEU D 73 13.39 -32.63 -17.64
C LEU D 73 12.84 -33.58 -16.60
N PRO D 74 11.61 -34.07 -16.78
CA PRO D 74 11.10 -35.14 -15.93
C PRO D 74 11.85 -36.44 -16.21
N LYS D 75 11.65 -37.41 -15.31
CA LYS D 75 12.20 -38.74 -15.55
C LYS D 75 11.63 -39.35 -16.82
N SER D 76 12.43 -40.20 -17.46
CA SER D 76 12.04 -40.85 -18.70
C SER D 76 12.58 -42.28 -18.72
N ASP D 77 11.95 -43.12 -19.53
CA ASP D 77 12.41 -44.48 -19.72
C ASP D 77 13.37 -44.53 -20.91
N ASP D 78 13.88 -45.74 -21.20
CA ASP D 78 14.86 -45.88 -22.27
C ASP D 78 14.29 -45.57 -23.65
N LYS D 79 12.97 -45.67 -23.83
CA LYS D 79 12.35 -45.40 -25.12
C LYS D 79 11.94 -43.94 -25.29
N GLY D 80 12.25 -43.08 -24.32
CA GLY D 80 11.95 -41.67 -24.43
C GLY D 80 10.58 -41.23 -23.96
N ASN D 81 9.85 -42.08 -23.24
CA ASN D 81 8.59 -41.68 -22.63
C ASN D 81 8.86 -40.92 -21.34
N TYR D 82 8.34 -39.71 -21.24
CA TYR D 82 8.57 -38.83 -20.10
C TYR D 82 7.37 -38.82 -19.16
N GLN D 83 7.65 -38.70 -17.87
CA GLN D 83 6.59 -38.49 -16.89
C GLN D 83 6.05 -37.08 -17.03
N PRO D 84 4.84 -36.82 -16.52
CA PRO D 84 4.32 -35.45 -16.52
C PRO D 84 5.25 -34.52 -15.76
N GLY D 85 5.34 -33.29 -16.23
CA GLY D 85 6.21 -32.31 -15.60
C GLY D 85 6.23 -31.02 -16.38
N VAL D 86 6.87 -30.02 -15.77
CA VAL D 86 6.89 -28.67 -16.35
C VAL D 86 7.45 -28.71 -17.76
N MET D 87 8.47 -29.54 -18.00
CA MET D 87 9.16 -29.58 -19.28
C MET D 87 9.03 -30.93 -19.98
N GLN D 88 7.92 -31.63 -19.72
CA GLN D 88 7.63 -32.84 -20.48
C GLN D 88 7.60 -32.53 -21.98
N ARG D 89 7.08 -31.36 -22.35
CA ARG D 89 6.99 -31.01 -23.76
C ARG D 89 8.36 -30.97 -24.41
N VAL D 90 9.37 -30.49 -23.69
CA VAL D 90 10.72 -30.45 -24.24
C VAL D 90 11.24 -31.88 -24.44
N GLY D 91 11.07 -32.73 -23.42
CA GLY D 91 11.53 -34.10 -23.55
C GLY D 91 10.88 -34.82 -24.71
N GLN D 92 9.56 -34.73 -24.81
CA GLN D 92 8.85 -35.39 -25.89
C GLN D 92 9.31 -34.89 -27.26
N LEU D 93 9.71 -33.62 -27.35
CA LEU D 93 10.26 -33.12 -28.62
C LEU D 93 11.54 -33.87 -28.98
N PHE D 94 12.43 -34.03 -28.01
CA PHE D 94 13.65 -34.80 -28.24
C PHE D 94 13.32 -36.20 -28.75
N THR D 95 12.41 -36.89 -28.07
CA THR D 95 12.04 -38.24 -28.50
C THR D 95 11.42 -38.22 -29.89
N TYR D 96 10.55 -37.24 -30.16
CA TYR D 96 9.94 -37.13 -31.48
C TYR D 96 10.99 -37.00 -32.57
N LEU D 97 12.10 -36.33 -32.27
CA LEU D 97 13.17 -36.13 -33.23
C LEU D 97 14.21 -37.24 -33.21
N GLY D 98 14.00 -38.28 -32.40
CA GLY D 98 14.97 -39.35 -32.32
C GLY D 98 16.26 -38.99 -31.60
N MET D 99 16.19 -38.03 -30.67
CA MET D 99 17.37 -37.50 -30.00
C MET D 99 17.53 -38.02 -28.57
N HIS D 100 16.70 -38.97 -28.13
CA HIS D 100 16.73 -39.38 -26.74
C HIS D 100 18.12 -39.86 -26.31
N LYS D 101 18.79 -40.62 -27.17
CA LYS D 101 20.11 -41.14 -26.81
C LYS D 101 21.20 -40.08 -26.90
N GLN D 102 20.89 -38.91 -27.44
CA GLN D 102 21.83 -37.79 -27.46
C GLN D 102 21.72 -36.89 -26.25
N LEU D 103 20.74 -37.12 -25.37
CA LEU D 103 20.66 -36.38 -24.13
C LEU D 103 21.63 -36.99 -23.12
N ILE D 104 22.49 -36.16 -22.55
CA ILE D 104 23.51 -36.63 -21.63
C ILE D 104 23.32 -35.90 -20.30
N PRO D 105 23.89 -36.43 -19.22
CA PRO D 105 23.68 -35.80 -17.91
C PRO D 105 24.25 -34.39 -17.86
N TYR D 106 23.49 -33.48 -17.29
CA TYR D 106 23.96 -32.15 -16.92
C TYR D 106 24.07 -32.10 -15.41
N TYR D 107 25.28 -31.84 -14.92
CA TYR D 107 25.54 -31.84 -13.47
C TYR D 107 25.34 -30.43 -12.95
N PHE D 108 24.17 -30.18 -12.35
CA PHE D 108 23.91 -28.87 -11.76
C PHE D 108 24.87 -28.59 -10.62
N LYS D 109 25.13 -29.59 -9.79
CA LYS D 109 26.23 -29.57 -8.84
C LYS D 109 27.37 -30.45 -9.36
N SER D 110 28.56 -30.23 -8.82
CA SER D 110 29.71 -31.01 -9.24
C SER D 110 29.49 -32.49 -8.97
N ASN D 111 29.95 -33.33 -9.91
CA ASN D 111 29.85 -34.78 -9.75
C ASN D 111 30.98 -35.35 -8.91
N LYS D 112 31.97 -34.53 -8.52
CA LYS D 112 33.06 -34.97 -7.67
C LYS D 112 33.03 -34.09 -6.42
N SER D 113 34.07 -33.30 -6.16
CA SER D 113 34.05 -32.40 -5.01
C SER D 113 33.15 -31.19 -5.30
N PRO D 114 32.58 -30.59 -4.26
CA PRO D 114 31.62 -29.49 -4.49
C PRO D 114 32.29 -28.26 -5.07
N GLY D 115 31.49 -27.47 -5.79
CA GLY D 115 31.96 -26.21 -6.31
C GLY D 115 32.30 -25.23 -5.20
N PHE D 116 32.89 -24.10 -5.59
CA PHE D 116 33.37 -23.10 -4.66
C PHE D 116 32.33 -21.99 -4.47
N GLN D 117 32.39 -21.36 -3.29
CA GLN D 117 31.68 -20.12 -3.00
C GLN D 117 32.70 -19.10 -2.52
N TYR D 118 32.63 -17.89 -3.07
CA TYR D 118 33.56 -16.82 -2.69
C TYR D 118 32.77 -15.53 -2.52
N PHE D 119 32.44 -15.19 -1.28
CA PHE D 119 31.64 -14.02 -0.96
C PHE D 119 32.28 -13.27 0.19
N ASN D 120 32.36 -11.94 0.04
CA ASN D 120 32.92 -11.07 1.08
C ASN D 120 34.35 -11.46 1.43
N GLY D 121 35.11 -11.92 0.45
CA GLY D 121 36.48 -12.33 0.68
C GLY D 121 36.66 -13.65 1.39
N VAL D 122 35.57 -14.39 1.62
CA VAL D 122 35.62 -15.68 2.30
C VAL D 122 35.37 -16.77 1.27
N ARG D 123 36.25 -17.76 1.23
CA ARG D 123 36.17 -18.87 0.30
C ARG D 123 35.73 -20.13 1.03
N ALA D 124 34.88 -20.92 0.38
CA ALA D 124 34.40 -22.16 0.96
C ALA D 124 33.83 -23.03 -0.14
N ARG D 125 33.67 -24.32 0.18
CA ARG D 125 32.99 -25.26 -0.70
C ARG D 125 31.49 -25.25 -0.41
N ILE D 126 30.69 -25.45 -1.46
CA ILE D 126 29.26 -25.59 -1.28
C ILE D 126 28.99 -26.71 -0.30
N GLY D 127 28.18 -26.42 0.72
CA GLY D 127 27.80 -27.40 1.72
C GLY D 127 28.61 -27.35 3.01
N GLU D 128 29.68 -26.56 3.06
CA GLU D 128 30.49 -26.47 4.27
C GLU D 128 29.87 -25.56 5.33
N GLY D 129 28.77 -24.90 5.04
CA GLY D 129 28.07 -24.13 6.05
C GLY D 129 28.76 -22.85 6.48
N SER D 130 29.51 -22.22 5.59
CA SER D 130 30.14 -20.96 5.91
C SER D 130 29.10 -19.85 5.98
N SER D 131 29.37 -18.86 6.84
CA SER D 131 28.52 -17.68 6.93
C SER D 131 29.03 -16.53 6.08
N PHE D 132 30.23 -16.63 5.53
CA PHE D 132 30.79 -15.62 4.64
C PHE D 132 30.76 -14.23 5.29
N ASP D 133 31.11 -14.18 6.58
CA ASP D 133 31.21 -12.95 7.35
C ASP D 133 29.87 -12.22 7.45
N ALA D 134 28.75 -12.94 7.29
CA ALA D 134 27.45 -12.30 7.38
C ALA D 134 27.25 -11.57 8.72
N PRO D 135 27.74 -12.05 9.86
CA PRO D 135 27.58 -11.28 11.09
C PRO D 135 28.12 -9.87 11.01
N ALA D 136 29.22 -9.66 10.26
CA ALA D 136 29.74 -8.31 10.08
C ALA D 136 28.81 -7.43 9.25
N LEU D 137 27.91 -8.03 8.46
CA LEU D 137 26.91 -7.27 7.74
C LEU D 137 25.69 -6.96 8.58
N GLY D 138 25.59 -7.51 9.79
CA GLY D 138 24.42 -7.33 10.63
C GLY D 138 23.36 -8.40 10.48
N ILE D 139 23.66 -9.52 9.81
CA ILE D 139 22.72 -10.62 9.70
C ILE D 139 22.81 -11.45 10.98
N ASN D 140 21.70 -11.51 11.72
CA ASN D 140 21.72 -12.18 13.02
C ASN D 140 21.87 -13.69 12.83
N SER D 141 22.29 -14.36 13.90
CA SER D 141 22.63 -15.77 13.83
C SER D 141 21.44 -16.64 13.48
N SER D 142 20.23 -16.23 13.86
CA SER D 142 19.05 -17.02 13.56
C SER D 142 18.84 -17.15 12.05
N LEU D 143 18.95 -16.03 11.33
CA LEU D 143 18.80 -16.08 9.87
C LEU D 143 19.91 -16.92 9.23
N ILE D 144 21.15 -16.77 9.72
CA ILE D 144 22.27 -17.53 9.16
C ILE D 144 22.06 -19.03 9.35
N ASP D 145 21.63 -19.43 10.56
CA ASP D 145 21.43 -20.85 10.82
C ASP D 145 20.35 -21.43 9.91
N ILE D 146 19.28 -20.68 9.68
CA ILE D 146 18.21 -21.17 8.81
C ILE D 146 18.70 -21.27 7.37
N GLY D 147 19.38 -20.24 6.90
CA GLY D 147 19.95 -20.26 5.56
C GLY D 147 19.07 -19.57 4.54
N VAL D 148 19.72 -19.06 3.48
CA VAL D 148 18.98 -18.33 2.44
C VAL D 148 17.97 -19.23 1.76
N THR D 149 18.35 -20.47 1.43
CA THR D 149 17.48 -21.34 0.64
C THR D 149 16.16 -21.60 1.37
N LYS D 150 16.23 -21.94 2.66
CA LYS D 150 14.99 -22.24 3.39
C LYS D 150 14.12 -20.99 3.51
N ILE D 151 14.74 -19.83 3.72
CA ILE D 151 13.97 -18.60 3.86
C ILE D 151 13.22 -18.30 2.56
N VAL D 152 13.92 -18.33 1.43
CA VAL D 152 13.29 -18.01 0.15
C VAL D 152 12.21 -19.04 -0.17
N ASN D 153 12.44 -20.30 0.18
CA ASN D 153 11.42 -21.33 -0.06
CA ASN D 153 11.43 -21.33 -0.05
C ASN D 153 10.20 -21.11 0.82
N ASP D 154 10.40 -20.62 2.05
CA ASP D 154 9.26 -20.36 2.93
C ASP D 154 8.39 -19.24 2.36
N ALA D 155 9.00 -18.24 1.73
CA ALA D 155 8.23 -17.16 1.14
C ALA D 155 7.62 -17.56 -0.20
N VAL D 156 8.37 -18.30 -1.02
CA VAL D 156 7.90 -18.65 -2.35
C VAL D 156 7.00 -19.88 -2.33
N GLY D 157 7.17 -20.76 -1.35
CA GLY D 157 6.52 -22.05 -1.32
C GLY D 157 5.02 -21.99 -1.58
N PRO D 158 4.29 -21.19 -0.79
CA PRO D 158 2.84 -21.14 -0.98
C PRO D 158 2.41 -20.81 -2.40
N PHE D 159 3.06 -19.83 -3.04
CA PHE D 159 2.71 -19.50 -4.42
C PHE D 159 3.06 -20.66 -5.36
N ALA D 160 4.25 -21.23 -5.20
CA ALA D 160 4.69 -22.29 -6.10
C ALA D 160 3.80 -23.52 -5.98
N GLN D 161 3.42 -23.87 -4.75
CA GLN D 161 2.57 -25.06 -4.57
C GLN D 161 1.22 -24.86 -5.23
N ALA D 162 0.65 -23.66 -5.14
CA ALA D 162 -0.64 -23.41 -5.77
C ALA D 162 -0.53 -23.49 -7.29
N LEU D 163 0.57 -22.98 -7.86
CA LEU D 163 0.75 -23.07 -9.31
C LEU D 163 1.03 -24.50 -9.74
N PHE D 164 1.76 -25.26 -8.93
CA PHE D 164 1.99 -26.66 -9.25
C PHE D 164 0.69 -27.45 -9.16
N ASP D 165 -0.18 -27.09 -8.22
CA ASP D 165 -1.50 -27.72 -8.16
C ASP D 165 -2.30 -27.43 -9.42
N ASP D 166 -2.20 -26.21 -9.95
CA ASP D 166 -2.86 -25.89 -11.22
C ASP D 166 -2.47 -26.89 -12.29
N LEU D 167 -1.16 -27.17 -12.40
CA LEU D 167 -0.69 -28.03 -13.48
C LEU D 167 -1.14 -29.48 -13.29
N GLN D 168 -1.15 -29.97 -12.06
CA GLN D 168 -1.54 -31.35 -11.82
C GLN D 168 -3.06 -31.53 -11.85
N LYS D 169 -3.80 -30.60 -11.26
CA LYS D 169 -5.24 -30.74 -11.11
C LYS D 169 -6.03 -30.04 -12.21
N HIS D 170 -5.35 -29.36 -13.14
CA HIS D 170 -6.01 -28.67 -14.24
C HIS D 170 -6.94 -27.57 -13.72
N THR D 171 -6.34 -26.60 -13.04
CA THR D 171 -7.07 -25.45 -12.52
C THR D 171 -6.27 -24.19 -12.84
N THR D 172 -6.91 -23.04 -12.62
CA THR D 172 -6.26 -21.74 -12.78
C THR D 172 -6.40 -20.88 -11.54
N THR D 173 -6.90 -21.44 -10.43
CA THR D 173 -7.05 -20.66 -9.20
C THR D 173 -5.68 -20.26 -8.64
N GLY D 174 -4.69 -21.14 -8.76
CA GLY D 174 -3.35 -20.79 -8.33
C GLY D 174 -2.82 -19.59 -9.10
N TRP D 175 -3.05 -19.55 -10.40
CA TRP D 175 -2.64 -18.39 -11.19
C TRP D 175 -3.44 -17.15 -10.79
N ASP D 176 -4.74 -17.31 -10.52
CA ASP D 176 -5.53 -16.19 -10.05
C ASP D 176 -4.94 -15.60 -8.77
N ASP D 177 -4.51 -16.46 -7.85
CA ASP D 177 -3.92 -15.96 -6.61
CA ASP D 177 -3.92 -15.96 -6.61
C ASP D 177 -2.58 -15.29 -6.85
N MET D 178 -1.76 -15.85 -7.75
CA MET D 178 -0.49 -15.22 -8.08
C MET D 178 -0.70 -13.83 -8.65
N MET D 179 -1.71 -13.66 -9.51
CA MET D 179 -1.93 -12.37 -10.16
C MET D 179 -2.42 -11.30 -9.20
N LYS D 180 -3.20 -11.67 -8.18
CA LYS D 180 -3.57 -10.68 -7.17
C LYS D 180 -2.35 -10.19 -6.39
N ASN D 181 -1.24 -10.93 -6.43
CA ASN D 181 0.00 -10.54 -5.77
C ASN D 181 1.06 -10.10 -6.77
N ASP D 182 0.71 -9.93 -8.05
CA ASP D 182 1.69 -9.65 -9.08
C ASP D 182 2.24 -8.23 -9.00
N ALA D 183 1.57 -7.35 -8.26
CA ALA D 183 2.09 -6.00 -8.06
C ALA D 183 3.34 -5.99 -7.17
N TYR D 184 3.63 -7.10 -6.50
CA TYR D 184 4.85 -7.19 -5.70
C TYR D 184 6.06 -7.49 -6.56
N SER D 185 7.17 -6.81 -6.27
CA SER D 185 8.47 -7.37 -6.57
C SER D 185 8.85 -8.36 -5.47
N THR D 186 9.86 -9.17 -5.72
CA THR D 186 10.36 -10.05 -4.66
C THR D 186 10.77 -9.24 -3.45
N ARG D 187 11.41 -8.09 -3.68
CA ARG D 187 11.85 -7.22 -2.58
C ARG D 187 10.66 -6.68 -1.81
N SER D 188 9.68 -6.10 -2.50
CA SER D 188 8.57 -5.48 -1.80
C SER D 188 7.72 -6.51 -1.07
N TYR D 189 7.68 -7.76 -1.54
CA TYR D 189 6.99 -8.80 -0.80
C TYR D 189 7.70 -9.09 0.53
N PHE D 190 9.02 -9.16 0.51
CA PHE D 190 9.76 -9.36 1.75
C PHE D 190 9.65 -8.16 2.66
N SER D 191 9.61 -6.95 2.09
CA SER D 191 9.65 -5.74 2.88
C SER D 191 8.30 -5.43 3.55
N PHE D 192 7.18 -5.79 2.91
CA PHE D 192 5.89 -5.30 3.35
C PHE D 192 4.84 -6.36 3.63
N LYS D 193 5.11 -7.64 3.34
CA LYS D 193 4.07 -8.66 3.51
C LYS D 193 4.59 -9.92 4.19
N TYR D 194 5.71 -10.44 3.73
CA TYR D 194 6.19 -11.73 4.22
C TYR D 194 6.41 -11.71 5.72
N LEU D 195 5.98 -12.79 6.38
CA LEU D 195 6.30 -13.04 7.78
C LEU D 195 6.86 -14.45 7.91
N PRO D 196 7.96 -14.65 8.64
CA PRO D 196 8.56 -15.99 8.70
C PRO D 196 7.68 -16.99 9.43
N SER D 197 7.81 -18.25 9.05
CA SER D 197 7.13 -19.31 9.75
C SER D 197 7.54 -19.28 11.23
N PRO D 198 6.60 -19.41 12.17
CA PRO D 198 6.99 -19.39 13.59
C PRO D 198 8.03 -20.44 13.94
N SER D 199 8.09 -21.56 13.21
CA SER D 199 9.07 -22.60 13.52
C SER D 199 10.50 -22.14 13.25
N PHE D 200 10.69 -21.08 12.47
CA PHE D 200 12.03 -20.54 12.25
C PHE D 200 12.60 -19.86 13.49
N GLY D 201 11.75 -19.47 14.44
CA GLY D 201 12.25 -18.76 15.59
C GLY D 201 12.78 -17.37 15.30
N LEU D 202 12.36 -16.77 14.19
CA LEU D 202 12.77 -15.43 13.82
C LEU D 202 11.81 -14.41 14.37
N PRO D 203 12.22 -13.14 14.46
CA PRO D 203 11.29 -12.10 14.88
C PRO D 203 10.09 -12.02 13.94
N SER D 204 8.91 -11.78 14.52
CA SER D 204 7.66 -11.67 13.76
C SER D 204 7.60 -10.31 13.09
N GLU D 205 8.44 -10.13 12.07
CA GLU D 205 8.52 -8.86 11.37
C GLU D 205 8.92 -9.09 9.92
N HIS D 206 8.61 -8.09 9.08
CA HIS D 206 9.08 -8.10 7.70
C HIS D 206 10.59 -7.86 7.66
N PHE D 207 11.24 -8.47 6.68
CA PHE D 207 12.69 -8.34 6.55
C PHE D 207 13.12 -6.92 6.16
N SER D 208 14.27 -6.52 6.69
CA SER D 208 14.91 -5.26 6.34
C SER D 208 15.63 -5.38 4.99
N THR D 209 15.99 -4.21 4.44
CA THR D 209 16.74 -4.18 3.18
C THR D 209 18.07 -4.91 3.32
N ARG D 210 18.76 -4.76 4.45
CA ARG D 210 20.02 -5.46 4.65
C ARG D 210 19.83 -6.97 4.52
N VAL D 211 18.77 -7.51 5.12
CA VAL D 211 18.51 -8.94 5.03
C VAL D 211 18.07 -9.32 3.62
N ILE D 212 17.22 -8.49 3.00
CA ILE D 212 16.71 -8.82 1.67
C ILE D 212 17.85 -8.87 0.67
N ASN D 213 18.77 -7.91 0.74
CA ASN D 213 19.90 -7.91 -0.18
C ASN D 213 20.84 -9.07 0.08
N TRP D 214 20.94 -9.50 1.35
CA TRP D 214 21.69 -10.72 1.66
C TRP D 214 21.06 -11.93 0.99
N LEU D 215 19.73 -12.03 1.04
CA LEU D 215 19.03 -13.10 0.33
C LEU D 215 19.33 -13.07 -1.16
N GLU D 216 19.20 -11.88 -1.77
CA GLU D 216 19.41 -11.78 -3.21
C GLU D 216 20.84 -12.13 -3.59
N THR D 217 21.80 -11.78 -2.73
CA THR D 217 23.21 -12.04 -3.04
C THR D 217 23.46 -13.52 -3.28
N PHE D 218 22.90 -14.39 -2.44
CA PHE D 218 23.16 -15.82 -2.54
C PHE D 218 22.11 -16.57 -3.35
N ASP D 219 20.92 -16.00 -3.52
CA ASP D 219 19.83 -16.69 -4.19
C ASP D 219 19.84 -16.48 -5.70
N LYS D 220 20.04 -15.24 -6.15
CA LYS D 220 19.94 -14.94 -7.57
C LYS D 220 21.08 -14.03 -8.02
N SER D 221 20.73 -12.86 -8.56
CA SER D 221 21.72 -11.95 -9.14
C SER D 221 21.41 -10.55 -8.68
N THR D 222 22.37 -9.65 -8.87
CA THR D 222 22.22 -8.28 -8.40
C THR D 222 21.08 -7.59 -9.13
N GLY D 223 20.02 -7.24 -8.40
CA GLY D 223 18.86 -6.59 -8.98
C GLY D 223 17.71 -7.52 -9.30
N TRP D 224 17.89 -8.83 -9.15
CA TRP D 224 16.82 -9.78 -9.43
C TRP D 224 15.56 -9.45 -8.63
N TYR D 225 15.72 -9.13 -7.34
CA TYR D 225 14.56 -8.98 -6.46
C TYR D 225 13.75 -7.72 -6.76
N ASP D 226 14.24 -6.80 -7.58
CA ASP D 226 13.44 -5.66 -7.98
C ASP D 226 12.50 -5.98 -9.13
N ARG D 227 12.60 -7.16 -9.71
CA ARG D 227 11.68 -7.60 -10.74
C ARG D 227 10.47 -8.26 -10.09
N GLY D 228 9.56 -8.76 -10.92
CA GLY D 228 8.30 -9.26 -10.40
C GLY D 228 8.49 -10.48 -9.51
N LEU D 229 7.77 -10.48 -8.38
CA LEU D 229 7.71 -11.67 -7.54
C LEU D 229 7.27 -12.89 -8.34
N THR D 230 6.36 -12.69 -9.29
CA THR D 230 5.85 -13.82 -10.06
C THR D 230 6.97 -14.55 -10.77
N GLU D 231 7.96 -13.83 -11.31
CA GLU D 231 9.06 -14.49 -12.00
C GLU D 231 9.88 -15.33 -11.04
N THR D 232 10.07 -14.86 -9.80
CA THR D 232 10.77 -15.67 -8.81
C THR D 232 10.02 -16.96 -8.54
N VAL D 233 8.69 -16.89 -8.42
CA VAL D 233 7.90 -18.09 -8.18
C VAL D 233 7.95 -19.01 -9.39
N LEU D 234 7.75 -18.46 -10.59
CA LEU D 234 7.78 -19.27 -11.80
C LEU D 234 9.15 -19.89 -12.01
N GLU D 235 10.22 -19.21 -11.57
CA GLU D 235 11.55 -19.75 -11.72
C GLU D 235 11.77 -20.93 -10.79
N ALA D 236 11.22 -20.88 -9.58
CA ALA D 236 11.33 -22.01 -8.67
C ALA D 236 10.62 -23.24 -9.23
N ILE D 237 9.50 -23.03 -9.92
CA ILE D 237 8.80 -24.14 -10.55
C ILE D 237 9.61 -24.71 -11.69
N ALA D 238 10.22 -23.85 -12.51
CA ALA D 238 10.99 -24.33 -13.65
C ALA D 238 12.18 -25.16 -13.22
N PHE D 239 12.86 -24.74 -12.16
CA PHE D 239 14.01 -25.47 -11.65
C PHE D 239 13.64 -26.74 -10.89
N GLY D 240 12.35 -27.04 -10.77
CA GLY D 240 11.94 -28.26 -10.09
C GLY D 240 11.96 -28.19 -8.58
N GLU D 241 12.04 -26.99 -8.01
CA GLU D 241 12.10 -26.83 -6.56
C GLU D 241 10.70 -26.87 -5.96
N VAL D 242 9.90 -27.86 -6.36
CA VAL D 242 8.53 -27.98 -5.89
C VAL D 242 8.18 -29.47 -5.76
N GLY D 245 8.08 -36.00 -7.88
CA GLY D 245 8.42 -35.36 -9.14
C GLY D 245 9.87 -34.90 -9.17
N GLU D 246 10.78 -35.83 -9.43
CA GLU D 246 12.19 -35.51 -9.48
C GLU D 246 12.56 -34.86 -10.81
N VAL D 247 13.76 -34.29 -10.86
CA VAL D 247 14.26 -33.61 -12.04
C VAL D 247 15.43 -34.40 -12.61
N ASP D 248 15.45 -34.54 -13.93
CA ASP D 248 16.58 -35.14 -14.65
C ASP D 248 17.25 -34.03 -15.44
N TRP D 249 18.34 -33.48 -14.90
CA TRP D 249 19.06 -32.43 -15.61
C TRP D 249 19.81 -33.03 -16.80
N ARG D 250 19.54 -32.51 -18.00
CA ARG D 250 20.14 -33.04 -19.20
C ARG D 250 20.71 -31.90 -20.03
N CYS D 251 21.74 -32.21 -20.82
CA CYS D 251 22.20 -31.34 -21.89
C CYS D 251 22.35 -32.18 -23.15
N ILE D 252 22.59 -31.51 -24.27
CA ILE D 252 22.58 -32.14 -25.58
C ILE D 252 24.02 -32.38 -26.03
N ASP D 253 24.34 -33.63 -26.35
CA ASP D 253 25.69 -33.95 -26.81
C ASP D 253 26.00 -33.20 -28.10
N GLY D 254 27.07 -32.42 -28.08
CA GLY D 254 27.44 -31.58 -29.19
C GLY D 254 26.98 -30.14 -29.11
N GLY D 255 26.12 -29.83 -28.14
CA GLY D 255 25.62 -28.48 -27.96
C GLY D 255 24.15 -28.36 -28.34
N SER D 256 23.51 -27.33 -27.78
CA SER D 256 22.10 -27.12 -28.04
C SER D 256 21.79 -26.89 -29.51
N HIS D 257 22.79 -26.48 -30.30
CA HIS D 257 22.56 -26.26 -31.73
C HIS D 257 22.03 -27.51 -32.41
N VAL D 258 22.35 -28.69 -31.86
CA VAL D 258 21.91 -29.94 -32.48
C VAL D 258 20.39 -30.01 -32.57
N LEU D 259 19.68 -29.40 -31.61
CA LEU D 259 18.22 -29.47 -31.62
C LEU D 259 17.64 -28.74 -32.82
N PRO D 260 17.89 -27.44 -33.01
CA PRO D 260 17.34 -26.77 -34.19
C PRO D 260 17.90 -27.31 -35.50
N ASP D 261 19.17 -27.73 -35.51
CA ASP D 261 19.72 -28.32 -36.74
C ASP D 261 18.95 -29.58 -37.12
N THR D 262 18.60 -30.41 -36.14
CA THR D 262 17.86 -31.64 -36.43
C THR D 262 16.46 -31.33 -36.94
N ILE D 263 15.78 -30.36 -36.32
CA ILE D 263 14.44 -29.98 -36.78
C ILE D 263 14.50 -29.47 -38.21
N ALA D 264 15.47 -28.61 -38.50
CA ALA D 264 15.60 -28.07 -39.86
C ALA D 264 15.78 -29.20 -40.87
N ALA D 265 16.68 -30.14 -40.57
CA ALA D 265 16.88 -31.28 -41.47
C ALA D 265 15.63 -32.14 -41.53
N PHE D 266 14.91 -32.26 -40.41
CA PHE D 266 13.67 -33.04 -40.40
C PHE D 266 12.62 -32.40 -41.29
N LEU D 267 12.45 -31.08 -41.18
CA LEU D 267 11.45 -30.40 -41.99
C LEU D 267 11.79 -30.48 -43.47
N HIS D 268 13.07 -30.49 -43.81
CA HIS D 268 13.47 -30.48 -45.21
C HIS D 268 13.12 -31.80 -45.89
N LYS D 269 13.43 -32.93 -45.23
CA LYS D 269 13.20 -34.23 -45.85
C LYS D 269 11.75 -34.70 -45.78
N LYS D 270 10.85 -33.92 -45.19
CA LYS D 270 9.43 -34.27 -45.14
C LYS D 270 8.61 -33.54 -46.19
N GLY D 271 8.95 -32.29 -46.48
CA GLY D 271 8.20 -31.52 -47.47
C GLY D 271 9.04 -30.52 -48.22
N GLY D 272 10.36 -30.66 -48.14
CA GLY D 272 11.26 -29.72 -48.78
C GLY D 272 11.60 -28.55 -47.90
N ASN D 273 12.30 -27.59 -48.49
CA ASN D 273 12.78 -26.41 -47.78
C ASN D 273 11.71 -25.33 -47.83
N ALA D 274 11.25 -24.90 -46.65
CA ALA D 274 10.35 -23.76 -46.51
C ALA D 274 11.01 -22.67 -45.69
N PHE D 275 12.29 -22.42 -45.93
CA PHE D 275 13.08 -21.42 -45.23
C PHE D 275 13.38 -20.26 -46.16
N VAL D 276 13.16 -19.04 -45.67
CA VAL D 276 13.58 -17.82 -46.35
C VAL D 276 14.61 -17.17 -45.42
N MET D 277 15.89 -17.40 -45.70
CA MET D 277 16.96 -16.94 -44.85
C MET D 277 17.43 -15.56 -45.25
N ASN D 278 18.15 -14.90 -44.33
CA ASN D 278 18.75 -13.60 -44.59
C ASN D 278 17.71 -12.60 -45.09
N ALA D 279 16.56 -12.58 -44.43
CA ALA D 279 15.45 -11.71 -44.80
C ALA D 279 14.88 -11.12 -43.51
N SER D 280 15.36 -9.93 -43.15
CA SER D 280 14.92 -9.27 -41.93
CA SER D 280 14.92 -9.26 -41.93
C SER D 280 13.56 -8.62 -42.15
N VAL D 281 12.61 -8.94 -41.29
CA VAL D 281 11.26 -8.39 -41.39
C VAL D 281 11.28 -6.93 -40.96
N THR D 282 10.70 -6.07 -41.79
CA THR D 282 10.59 -4.65 -41.49
C THR D 282 9.16 -4.15 -41.38
N ALA D 283 8.17 -4.90 -41.86
CA ALA D 283 6.78 -4.49 -41.79
C ALA D 283 5.88 -5.72 -41.77
N ILE D 284 4.80 -5.62 -41.01
CA ILE D 284 3.78 -6.67 -40.93
C ILE D 284 2.41 -5.98 -40.88
N GLY D 285 1.52 -6.38 -41.78
CA GLY D 285 0.19 -5.81 -41.78
C GLY D 285 -0.66 -6.45 -42.85
N LEU D 286 -1.97 -6.22 -42.72
CA LEU D 286 -2.92 -6.69 -43.72
C LEU D 286 -2.74 -5.93 -45.03
N GLU D 287 -2.87 -6.66 -46.15
CA GLU D 287 -2.82 -6.01 -47.45
C GLU D 287 -3.87 -4.91 -47.56
N ASN D 288 -5.10 -5.21 -47.12
CA ASN D 288 -6.18 -4.22 -47.10
C ASN D 288 -6.91 -4.39 -45.77
N PRO D 289 -6.63 -3.54 -44.77
CA PRO D 289 -7.23 -3.74 -43.45
C PRO D 289 -8.75 -3.65 -43.41
N ASN D 290 -9.39 -3.23 -44.49
CA ASN D 290 -10.84 -3.07 -44.51
C ASN D 290 -11.57 -4.22 -45.19
N LYS D 291 -10.85 -5.24 -45.66
CA LYS D 291 -11.46 -6.42 -46.26
C LYS D 291 -11.28 -7.61 -45.33
N GLU D 292 -12.38 -8.32 -45.07
CA GLU D 292 -12.33 -9.44 -44.13
C GLU D 292 -11.43 -10.56 -44.62
N ASP D 293 -11.37 -10.77 -45.93
CA ASP D 293 -10.55 -11.83 -46.51
C ASP D 293 -9.16 -11.34 -46.91
N SER D 294 -8.72 -10.20 -46.40
CA SER D 294 -7.42 -9.66 -46.78
C SER D 294 -6.32 -10.60 -46.30
N PRO D 295 -5.34 -10.93 -47.15
CA PRO D 295 -4.18 -11.68 -46.67
C PRO D 295 -3.26 -10.79 -45.84
N MET D 296 -2.32 -11.44 -45.16
CA MET D 296 -1.26 -10.75 -44.46
C MET D 296 -0.07 -10.50 -45.39
N VAL D 297 0.61 -9.38 -45.16
CA VAL D 297 1.80 -9.03 -45.92
C VAL D 297 2.97 -8.87 -44.94
N VAL D 298 4.08 -9.53 -45.25
CA VAL D 298 5.31 -9.41 -44.48
C VAL D 298 6.37 -8.86 -45.43
N VAL D 299 6.96 -7.72 -45.07
CA VAL D 299 8.06 -7.15 -45.83
C VAL D 299 9.36 -7.62 -45.19
N ALA D 300 10.13 -8.42 -45.93
CA ALA D 300 11.39 -8.95 -45.44
C ALA D 300 12.41 -8.83 -46.57
N GLY D 301 13.57 -8.27 -46.25
CA GLY D 301 14.57 -8.03 -47.26
C GLY D 301 14.08 -7.18 -48.41
N GLY D 302 13.15 -6.26 -48.15
CA GLY D 302 12.62 -5.40 -49.18
C GLY D 302 11.62 -6.04 -50.10
N GLN D 303 11.24 -7.30 -49.87
CA GLN D 303 10.29 -8.01 -50.70
C GLN D 303 9.01 -8.28 -49.93
N LYS D 304 7.88 -8.09 -50.61
CA LYS D 304 6.57 -8.35 -50.02
C LYS D 304 6.22 -9.82 -50.22
N ARG D 305 5.92 -10.51 -49.13
CA ARG D 305 5.47 -11.89 -49.15
CA ARG D 305 5.46 -11.90 -49.16
C ARG D 305 4.08 -11.97 -48.54
N LYS D 306 3.17 -12.66 -49.22
CA LYS D 306 1.78 -12.74 -48.81
C LYS D 306 1.51 -14.05 -48.07
N TYR D 307 0.69 -13.96 -47.03
CA TYR D 307 0.31 -15.13 -46.24
C TYR D 307 -1.14 -14.95 -45.79
N SER D 308 -1.78 -16.08 -45.46
CA SER D 308 -3.10 -16.03 -44.87
C SER D 308 -3.04 -15.61 -43.41
N HIS D 309 -2.13 -16.23 -42.65
CA HIS D 309 -1.90 -15.91 -41.26
C HIS D 309 -0.41 -15.82 -41.01
N VAL D 310 -0.04 -15.10 -39.95
CA VAL D 310 1.35 -14.92 -39.57
C VAL D 310 1.51 -15.32 -38.11
N ILE D 311 2.47 -16.19 -37.84
CA ILE D 311 2.88 -16.52 -36.48
C ILE D 311 4.24 -15.86 -36.25
N SER D 312 4.27 -14.89 -35.35
CA SER D 312 5.50 -14.16 -35.03
C SER D 312 6.13 -14.76 -33.78
N THR D 313 7.41 -15.12 -33.89
CA THR D 313 8.22 -15.48 -32.73
C THR D 313 9.29 -14.44 -32.44
N LEU D 314 9.19 -13.26 -33.03
CA LEU D 314 10.19 -12.23 -32.79
C LEU D 314 10.07 -11.71 -31.36
N PRO D 315 11.20 -11.45 -30.68
CA PRO D 315 11.12 -10.84 -29.36
C PRO D 315 10.33 -9.55 -29.40
N LEU D 316 9.68 -9.23 -28.28
CA LEU D 316 8.84 -8.03 -28.22
C LEU D 316 9.62 -6.76 -28.57
N PRO D 317 10.82 -6.52 -28.08
CA PRO D 317 11.54 -5.30 -28.49
C PRO D 317 11.81 -5.24 -29.98
N VAL D 318 11.98 -6.40 -30.64
CA VAL D 318 12.18 -6.40 -32.08
C VAL D 318 10.91 -5.97 -32.80
N LEU D 319 9.75 -6.44 -32.33
CA LEU D 319 8.50 -6.01 -32.94
C LEU D 319 8.35 -4.49 -32.88
N ARG D 320 8.96 -3.85 -31.88
CA ARG D 320 8.92 -2.40 -31.77
C ARG D 320 9.76 -1.73 -32.86
N THR D 321 10.63 -2.48 -33.54
CA THR D 321 11.37 -1.96 -34.69
C THR D 321 10.69 -2.31 -36.01
N VAL D 322 9.56 -3.00 -35.98
CA VAL D 322 8.83 -3.40 -37.17
C VAL D 322 7.64 -2.48 -37.36
N ASP D 323 7.37 -2.12 -38.62
CA ASP D 323 6.20 -1.30 -38.94
C ASP D 323 4.97 -2.18 -38.85
N LEU D 324 4.20 -2.02 -37.77
CA LEU D 324 3.00 -2.81 -37.54
C LEU D 324 1.72 -2.05 -37.89
N LYS D 325 1.83 -0.94 -38.61
CA LYS D 325 0.64 -0.32 -39.17
C LYS D 325 -0.05 -1.30 -40.10
N ASN D 326 -1.38 -1.38 -40.00
CA ASN D 326 -2.25 -2.31 -40.71
C ASN D 326 -2.29 -3.67 -40.03
N SER D 327 -1.56 -3.87 -38.93
CA SER D 327 -1.78 -5.04 -38.09
C SER D 327 -2.83 -4.81 -37.00
N LYS D 328 -3.25 -3.57 -36.81
CA LYS D 328 -4.39 -3.24 -35.95
C LYS D 328 -4.25 -3.84 -34.55
N LEU D 329 -3.09 -3.61 -33.94
CA LEU D 329 -2.96 -3.92 -32.52
C LEU D 329 -3.89 -3.03 -31.71
N ASP D 330 -4.53 -3.61 -30.70
CA ASP D 330 -5.34 -2.78 -29.81
C ASP D 330 -4.43 -2.02 -28.86
N ILE D 331 -5.02 -1.04 -28.15
CA ILE D 331 -4.22 -0.11 -27.37
C ILE D 331 -3.44 -0.82 -26.27
N VAL D 332 -3.95 -1.94 -25.77
CA VAL D 332 -3.23 -2.67 -24.73
C VAL D 332 -2.06 -3.43 -25.33
N GLN D 333 -2.26 -4.05 -26.50
CA GLN D 333 -1.19 -4.80 -27.13
C GLN D 333 0.00 -3.90 -27.45
N SER D 334 -0.25 -2.72 -28.01
CA SER D 334 0.85 -1.84 -28.38
C SER D 334 1.60 -1.35 -27.14
N ASN D 335 0.89 -1.09 -26.05
CA ASN D 335 1.57 -0.77 -24.81
C ASN D 335 2.32 -1.97 -24.25
N ALA D 336 1.78 -3.18 -24.44
CA ALA D 336 2.42 -4.38 -23.92
C ALA D 336 3.77 -4.61 -24.60
N LEU D 337 3.85 -4.35 -25.91
CA LEU D 337 5.12 -4.51 -26.62
C LEU D 337 6.22 -3.67 -26.00
N ARG D 338 5.87 -2.48 -25.50
CA ARG D 338 6.86 -1.57 -24.92
C ARG D 338 7.16 -1.90 -23.46
N LYS D 339 6.13 -2.19 -22.68
CA LYS D 339 6.27 -2.24 -21.23
C LYS D 339 6.69 -3.61 -20.71
N LEU D 340 6.23 -4.69 -21.33
CA LEU D 340 6.61 -6.03 -20.87
C LEU D 340 8.12 -6.15 -20.87
N GLN D 341 8.70 -6.36 -19.69
CA GLN D 341 10.12 -6.12 -19.48
C GLN D 341 10.97 -7.32 -19.86
N TYR D 342 12.12 -7.04 -20.44
CA TYR D 342 13.15 -8.01 -20.75
C TYR D 342 14.31 -7.87 -19.79
N GLY D 343 15.10 -8.93 -19.70
CA GLY D 343 16.26 -8.94 -18.83
C GLY D 343 17.54 -9.23 -19.60
N PRO D 344 18.68 -8.77 -19.07
CA PRO D 344 19.95 -8.98 -19.76
C PRO D 344 20.67 -10.24 -19.31
N SER D 345 21.70 -10.60 -20.07
CA SER D 345 22.59 -11.70 -19.70
C SER D 345 23.83 -11.65 -20.57
N ILE D 346 24.97 -12.02 -19.98
CA ILE D 346 26.22 -12.19 -20.70
C ILE D 346 26.80 -13.54 -20.33
N LYS D 347 27.58 -14.10 -21.25
CA LYS D 347 28.38 -15.28 -20.99
C LYS D 347 29.78 -15.05 -21.55
N ILE D 348 30.77 -15.62 -20.87
CA ILE D 348 32.16 -15.58 -21.31
C ILE D 348 32.70 -17.00 -21.27
N GLY D 349 33.06 -17.53 -22.44
CA GLY D 349 33.67 -18.84 -22.55
C GLY D 349 35.16 -18.71 -22.81
N ILE D 350 35.95 -19.59 -22.18
CA ILE D 350 37.39 -19.58 -22.30
C ILE D 350 37.87 -20.98 -22.63
N LEU D 351 38.61 -21.12 -23.72
CA LEU D 351 39.30 -22.36 -24.05
C LEU D 351 40.65 -22.37 -23.32
N PHE D 352 40.86 -23.38 -22.49
CA PHE D 352 42.12 -23.57 -21.80
C PHE D 352 42.88 -24.73 -22.43
N LYS D 353 44.14 -24.87 -22.02
CA LYS D 353 44.97 -25.98 -22.50
C LYS D 353 44.63 -27.31 -21.84
N GLU D 354 43.88 -27.29 -20.73
CA GLU D 354 43.57 -28.49 -19.99
C GLU D 354 42.36 -28.21 -19.11
N PRO D 355 41.65 -29.25 -18.66
CA PRO D 355 40.55 -29.01 -17.70
C PRO D 355 41.10 -28.89 -16.28
N TRP D 356 41.75 -27.77 -16.01
CA TRP D 356 42.46 -27.59 -14.75
C TRP D 356 41.52 -27.71 -13.56
N TRP D 357 40.25 -27.34 -13.73
CA TRP D 357 39.29 -27.49 -12.64
C TRP D 357 39.09 -28.95 -12.25
N THR D 358 39.40 -29.88 -13.16
CA THR D 358 39.29 -31.31 -12.89
C THR D 358 40.61 -31.95 -12.48
N THR D 359 41.72 -31.56 -13.09
CA THR D 359 43.00 -32.20 -12.86
C THR D 359 43.99 -31.35 -12.08
N GLY D 360 43.71 -30.07 -11.88
CA GLY D 360 44.67 -29.16 -11.28
C GLY D 360 44.56 -29.08 -9.78
N GLN D 361 45.36 -28.17 -9.21
CA GLN D 361 45.41 -27.94 -7.77
C GLN D 361 45.64 -26.45 -7.52
N ASP D 362 45.23 -26.00 -6.34
CA ASP D 362 45.32 -24.58 -6.00
C ASP D 362 46.73 -24.24 -5.52
N LYS D 363 46.92 -23.00 -5.08
CA LYS D 363 48.24 -22.53 -4.69
C LYS D 363 48.81 -23.28 -3.50
N ASN D 364 47.97 -23.93 -2.69
CA ASN D 364 48.41 -24.68 -1.53
C ASN D 364 48.47 -26.18 -1.81
N GLY D 365 48.30 -26.60 -3.06
CA GLY D 365 48.41 -28.00 -3.43
C GLY D 365 47.15 -28.82 -3.31
N GLU D 366 46.02 -28.20 -2.97
CA GLU D 366 44.75 -28.92 -2.85
C GLU D 366 44.07 -29.01 -4.22
N LYS D 367 43.58 -30.20 -4.54
CA LYS D 367 42.96 -30.44 -5.84
C LYS D 367 41.55 -29.88 -5.88
N PHE D 368 41.22 -29.24 -7.00
CA PHE D 368 39.87 -28.72 -7.19
C PHE D 368 38.86 -29.86 -7.27
N ASP D 369 39.16 -30.88 -8.09
CA ASP D 369 38.32 -32.08 -8.20
C ASP D 369 36.88 -31.71 -8.56
N LEU D 370 36.73 -30.83 -9.54
CA LEU D 370 35.44 -30.39 -10.02
C LEU D 370 35.12 -31.06 -11.35
N VAL D 371 33.92 -31.63 -11.45
CA VAL D 371 33.42 -32.22 -12.69
C VAL D 371 32.00 -31.71 -12.88
N GLY D 372 31.80 -30.87 -13.88
CA GLY D 372 30.52 -30.22 -14.00
C GLY D 372 30.29 -29.31 -12.79
N GLY D 373 29.01 -29.01 -12.55
CA GLY D 373 28.66 -28.17 -11.43
C GLY D 373 28.98 -26.71 -11.69
N GLN D 374 28.93 -25.93 -10.61
CA GLN D 374 29.06 -24.49 -10.70
C GLN D 374 29.74 -23.94 -9.45
N SER D 375 30.39 -22.79 -9.62
CA SER D 375 30.91 -22.00 -8.51
C SER D 375 30.26 -20.63 -8.54
N TYR D 376 30.16 -20.01 -7.35
CA TYR D 376 29.46 -18.75 -7.18
C TYR D 376 30.32 -17.76 -6.41
N THR D 377 30.15 -16.48 -6.71
CA THR D 377 30.92 -15.42 -6.07
C THR D 377 30.18 -14.11 -6.22
N ASP D 378 30.48 -13.17 -5.31
CA ASP D 378 30.01 -11.81 -5.48
C ASP D 378 30.95 -10.98 -6.34
N LEU D 379 32.05 -11.57 -6.82
CA LEU D 379 32.91 -10.90 -7.78
C LEU D 379 32.19 -10.74 -9.12
N PRO D 380 32.67 -9.85 -9.97
CA PRO D 380 31.94 -9.54 -11.22
C PRO D 380 31.53 -10.76 -12.05
N ILE D 381 32.30 -11.84 -12.06
CA ILE D 381 31.93 -12.98 -12.88
C ILE D 381 30.69 -13.70 -12.33
N ARG D 382 30.43 -13.57 -11.04
CA ARG D 382 29.23 -14.08 -10.37
C ARG D 382 29.11 -15.60 -10.38
N THR D 383 29.09 -16.22 -11.56
CA THR D 383 28.85 -17.66 -11.67
C THR D 383 29.79 -18.28 -12.68
N VAL D 384 30.40 -19.41 -12.31
CA VAL D 384 31.27 -20.20 -13.17
C VAL D 384 30.60 -21.54 -13.39
N VAL D 385 30.57 -22.00 -14.64
CA VAL D 385 29.91 -23.25 -15.00
C VAL D 385 30.92 -24.17 -15.67
N TYR D 386 31.20 -25.30 -15.05
CA TYR D 386 32.13 -26.28 -15.58
C TYR D 386 31.39 -27.26 -16.50
N PRO D 387 31.98 -27.64 -17.62
CA PRO D 387 31.22 -28.42 -18.61
C PRO D 387 30.89 -29.82 -18.10
N SER D 388 29.65 -30.24 -18.39
CA SER D 388 29.23 -31.62 -18.13
C SER D 388 29.41 -32.51 -19.34
N TYR D 389 29.46 -31.91 -20.54
CA TYR D 389 29.62 -32.67 -21.77
C TYR D 389 31.08 -33.09 -21.94
N GLY D 390 31.26 -34.28 -22.50
CA GLY D 390 32.57 -34.82 -22.79
C GLY D 390 33.25 -35.50 -21.62
N VAL D 391 32.65 -35.48 -20.44
CA VAL D 391 33.28 -36.12 -19.28
C VAL D 391 33.30 -37.63 -19.53
N ASN D 392 34.36 -38.29 -19.06
CA ASN D 392 34.53 -39.72 -19.24
C ASN D 392 34.62 -40.10 -20.72
N THR D 393 35.31 -39.27 -21.50
CA THR D 393 35.55 -39.53 -22.91
C THR D 393 37.06 -39.42 -23.15
N ASN D 394 37.49 -39.71 -24.39
CA ASN D 394 38.90 -39.63 -24.70
C ASN D 394 39.39 -38.20 -24.82
N ALA D 395 38.49 -37.25 -25.07
CA ALA D 395 38.85 -35.83 -25.24
C ALA D 395 37.89 -34.99 -24.41
N PRO D 396 38.07 -34.96 -23.08
CA PRO D 396 37.22 -34.10 -22.25
C PRO D 396 37.36 -32.64 -22.66
N SER D 397 36.31 -31.87 -22.35
CA SER D 397 36.30 -30.46 -22.71
C SER D 397 37.37 -29.69 -21.95
N ASN D 398 38.07 -28.82 -22.66
CA ASN D 398 38.97 -27.84 -22.07
C ASN D 398 38.34 -26.45 -22.00
N THR D 399 37.03 -26.36 -22.23
CA THR D 399 36.33 -25.09 -22.35
C THR D 399 35.51 -24.83 -21.09
N LEU D 400 35.67 -23.63 -20.53
CA LEU D 400 34.98 -23.22 -19.32
C LEU D 400 34.06 -22.05 -19.63
N ILE D 401 32.89 -22.02 -18.99
CA ILE D 401 32.07 -20.82 -18.94
C ILE D 401 32.59 -20.03 -17.74
N ALA D 402 33.51 -19.10 -18.01
CA ALA D 402 34.16 -18.37 -16.93
C ALA D 402 33.24 -17.33 -16.29
N SER D 403 32.20 -16.90 -16.97
CA SER D 403 31.27 -15.93 -16.41
C SER D 403 29.89 -16.12 -17.04
N TYR D 404 28.87 -16.10 -16.20
CA TYR D 404 27.47 -16.16 -16.63
C TYR D 404 26.69 -15.25 -15.68
N CYS D 405 26.23 -14.11 -16.19
CA CYS D 405 25.64 -13.06 -15.36
C CYS D 405 24.21 -12.75 -15.79
N TRP D 406 23.44 -12.24 -14.82
CA TRP D 406 22.09 -11.74 -15.02
C TRP D 406 22.00 -10.30 -14.53
N THR D 407 20.86 -9.67 -14.81
CA THR D 407 20.48 -8.36 -14.27
C THR D 407 21.66 -7.39 -14.19
N ASN D 408 21.83 -6.69 -13.05
CA ASN D 408 22.84 -5.63 -12.99
C ASN D 408 24.23 -6.15 -13.30
N ASP D 409 24.54 -7.38 -12.90
CA ASP D 409 25.87 -7.93 -13.14
C ASP D 409 26.15 -8.05 -14.63
N ALA D 410 25.13 -8.42 -15.42
CA ALA D 410 25.29 -8.51 -16.86
C ALA D 410 25.36 -7.13 -17.50
N GLU D 411 24.57 -6.18 -17.00
CA GLU D 411 24.58 -4.83 -17.56
C GLU D 411 25.95 -4.20 -17.43
N ARG D 412 26.55 -4.29 -16.25
CA ARG D 412 27.87 -3.70 -16.04
C ARG D 412 28.92 -4.41 -16.86
N MET D 413 28.93 -5.74 -16.83
CA MET D 413 29.91 -6.50 -17.60
C MET D 413 29.77 -6.25 -19.10
N GLY D 414 28.56 -5.97 -19.56
CA GLY D 414 28.33 -5.80 -20.98
C GLY D 414 29.14 -4.68 -21.61
N SER D 415 29.49 -3.65 -20.82
CA SER D 415 30.26 -2.54 -21.36
C SER D 415 31.66 -2.95 -21.77
N LEU D 416 32.18 -4.06 -21.26
CA LEU D 416 33.50 -4.56 -21.63
C LEU D 416 33.44 -5.60 -22.73
N ILE D 417 32.25 -5.93 -23.24
CA ILE D 417 32.06 -6.97 -24.24
C ILE D 417 31.67 -6.34 -25.56
N GLY D 418 32.18 -6.89 -26.66
CA GLY D 418 31.80 -6.42 -27.97
C GLY D 418 32.21 -5.00 -28.28
N THR D 419 33.31 -4.53 -27.68
CA THR D 419 33.81 -3.19 -27.98
C THR D 419 34.56 -3.13 -29.31
N GLY D 420 35.06 -4.25 -29.79
CA GLY D 420 35.90 -4.26 -30.96
C GLY D 420 37.31 -3.74 -30.74
N ALA D 421 37.67 -3.40 -29.50
CA ALA D 421 38.98 -2.86 -29.17
C ALA D 421 39.78 -3.90 -28.40
N ALA D 422 41.00 -4.18 -28.89
CA ALA D 422 41.87 -5.14 -28.22
C ALA D 422 42.16 -4.72 -26.78
N THR D 423 42.22 -3.42 -26.51
CA THR D 423 42.54 -2.96 -25.17
C THR D 423 41.48 -3.41 -24.16
N TYR D 424 40.21 -3.37 -24.56
CA TYR D 424 39.14 -3.78 -23.65
C TYR D 424 38.98 -5.29 -23.63
N GLU D 425 39.28 -5.98 -24.72
CA GLU D 425 39.34 -7.44 -24.67
C GLU D 425 40.39 -7.91 -23.68
N GLU D 426 41.55 -7.25 -23.66
CA GLU D 426 42.59 -7.60 -22.69
C GLU D 426 42.15 -7.28 -21.27
N GLN D 427 41.54 -6.11 -21.06
CA GLN D 427 41.03 -5.77 -19.74
C GLN D 427 39.99 -6.79 -19.29
N LEU D 428 39.08 -7.18 -20.19
CA LEU D 428 38.08 -8.18 -19.85
C LEU D 428 38.74 -9.49 -19.44
N GLU D 429 39.71 -9.95 -20.24
CA GLU D 429 40.38 -11.21 -19.94
C GLU D 429 41.06 -11.16 -18.58
N HIS D 430 41.77 -10.06 -18.29
CA HIS D 430 42.47 -9.95 -17.02
C HIS D 430 41.49 -9.93 -15.84
N LEU D 431 40.36 -9.23 -16.00
CA LEU D 431 39.35 -9.21 -14.96
C LEU D 431 38.81 -10.61 -14.69
N VAL D 432 38.47 -11.33 -15.76
CA VAL D 432 37.89 -12.66 -15.60
C VAL D 432 38.90 -13.60 -14.93
N LEU D 433 40.14 -13.60 -15.41
CA LEU D 433 41.16 -14.49 -14.84
C LEU D 433 41.44 -14.15 -13.39
N SER D 434 41.52 -12.85 -13.06
CA SER D 434 41.73 -12.46 -11.67
C SER D 434 40.59 -12.95 -10.79
N ASN D 435 39.34 -12.76 -11.24
CA ASN D 435 38.19 -13.27 -10.49
C ASN D 435 38.28 -14.79 -10.33
N LEU D 436 38.59 -15.49 -11.42
CA LEU D 436 38.72 -16.95 -11.35
C LEU D 436 39.80 -17.35 -10.36
N ALA D 437 40.94 -16.66 -10.39
CA ALA D 437 42.02 -17.00 -9.47
C ALA D 437 41.61 -16.81 -8.02
N ALA D 438 40.87 -15.73 -7.74
CA ALA D 438 40.43 -15.49 -6.38
C ALA D 438 39.39 -16.52 -5.94
N VAL D 439 38.52 -16.93 -6.85
CA VAL D 439 37.49 -17.90 -6.51
C VAL D 439 38.10 -19.25 -6.19
N HIS D 440 39.06 -19.70 -7.02
CA HIS D 440 39.65 -21.03 -6.88
C HIS D 440 40.92 -21.04 -6.05
N ASN D 441 41.41 -19.88 -5.62
CA ASN D 441 42.62 -19.78 -4.80
C ASN D 441 43.87 -20.18 -5.59
N THR D 442 44.01 -19.60 -6.78
CA THR D 442 45.20 -19.76 -7.60
C THR D 442 45.84 -18.40 -7.85
N ASP D 443 47.01 -18.43 -8.46
CA ASP D 443 47.63 -17.22 -8.95
C ASP D 443 47.05 -16.84 -10.31
N TYR D 444 47.13 -15.56 -10.65
CA TYR D 444 46.70 -15.13 -11.97
C TYR D 444 47.47 -15.85 -13.06
N GLN D 445 48.79 -16.02 -12.86
CA GLN D 445 49.62 -16.61 -13.91
C GLN D 445 49.30 -18.08 -14.13
N TYR D 446 48.84 -18.78 -13.09
CA TYR D 446 48.47 -20.18 -13.26
C TYR D 446 47.40 -20.34 -14.34
N LEU D 447 46.44 -19.42 -14.38
CA LEU D 447 45.37 -19.47 -15.38
C LEU D 447 45.77 -18.84 -16.70
N LYS D 448 46.53 -17.74 -16.65
CA LYS D 448 46.97 -17.09 -17.88
C LYS D 448 47.85 -18.04 -18.71
N ASP D 449 48.75 -18.78 -18.06
CA ASP D 449 49.58 -19.73 -18.78
C ASP D 449 48.76 -20.81 -19.48
N ARG D 450 47.54 -21.07 -19.01
CA ARG D 450 46.71 -22.13 -19.58
C ARG D 450 45.63 -21.60 -20.50
N LEU D 451 45.53 -20.29 -20.68
CA LEU D 451 44.49 -19.72 -21.53
C LEU D 451 44.90 -19.85 -22.99
N VAL D 452 43.91 -20.15 -23.84
CA VAL D 452 44.12 -20.31 -25.27
C VAL D 452 43.29 -19.29 -26.06
N ASP D 453 42.00 -19.18 -25.75
CA ASP D 453 41.10 -18.34 -26.52
C ASP D 453 39.93 -17.93 -25.65
N VAL D 454 39.35 -16.76 -25.97
CA VAL D 454 38.23 -16.21 -25.21
C VAL D 454 37.11 -15.84 -26.19
N HIS D 455 35.88 -16.14 -25.80
CA HIS D 455 34.70 -15.74 -26.55
C HIS D 455 33.68 -15.20 -25.56
N SER D 456 33.09 -14.04 -25.85
CA SER D 456 32.15 -13.39 -24.96
C SER D 456 30.94 -12.91 -25.76
N TRP D 457 29.81 -12.80 -25.06
CA TRP D 457 28.55 -12.46 -25.72
C TRP D 457 27.65 -11.71 -24.76
N ASP D 458 27.03 -10.66 -25.27
CA ASP D 458 26.11 -9.81 -24.51
C ASP D 458 24.77 -9.82 -25.23
N TRP D 459 23.81 -10.56 -24.70
CA TRP D 459 22.50 -10.65 -25.35
C TRP D 459 21.71 -9.35 -25.28
N ASN D 460 22.11 -8.41 -24.42
CA ASN D 460 21.50 -7.09 -24.38
C ASN D 460 22.17 -6.10 -25.33
N HIS D 461 23.07 -6.58 -26.18
CA HIS D 461 23.71 -5.78 -27.22
CA HIS D 461 23.66 -5.76 -27.23
C HIS D 461 23.74 -6.61 -28.50
N ASN D 462 22.56 -7.04 -28.94
CA ASN D 462 22.36 -7.92 -30.09
C ASN D 462 21.03 -7.57 -30.74
N PRO D 463 21.05 -6.99 -31.95
CA PRO D 463 19.79 -6.58 -32.59
C PRO D 463 18.77 -7.69 -32.75
N LEU D 464 19.20 -8.96 -32.77
CA LEU D 464 18.26 -10.05 -33.03
C LEU D 464 17.50 -10.48 -31.78
N THR D 465 17.95 -10.09 -30.59
CA THR D 465 17.27 -10.42 -29.34
C THR D 465 16.91 -9.20 -28.52
N MET D 466 17.76 -8.17 -28.51
CA MET D 466 17.49 -6.93 -27.77
C MET D 466 17.17 -7.24 -26.31
N GLY D 467 18.05 -8.02 -25.69
CA GLY D 467 17.83 -8.53 -24.36
C GLY D 467 18.01 -10.04 -24.35
N ALA D 468 18.27 -10.62 -23.19
CA ALA D 468 18.45 -12.06 -23.13
C ALA D 468 17.12 -12.79 -23.26
N PHE D 469 16.09 -12.31 -22.57
CA PHE D 469 14.80 -12.98 -22.55
C PHE D 469 13.84 -12.11 -21.72
N ALA D 470 12.56 -12.45 -21.81
CA ALA D 470 11.57 -11.79 -20.96
C ALA D 470 11.92 -11.99 -19.50
N PHE D 471 11.82 -10.92 -18.73
CA PHE D 471 12.03 -10.96 -17.27
C PHE D 471 11.11 -9.86 -16.72
N PHE D 472 9.85 -10.23 -16.55
CA PHE D 472 8.80 -9.25 -16.29
C PHE D 472 9.02 -8.54 -14.96
N GLY D 473 8.69 -7.26 -14.95
CA GLY D 473 8.61 -6.51 -13.71
C GLY D 473 7.26 -6.70 -13.05
N PRO D 474 7.12 -6.15 -11.85
CA PRO D 474 5.84 -6.24 -11.15
C PRO D 474 4.72 -5.66 -12.00
N GLY D 475 3.58 -6.37 -12.03
CA GLY D 475 2.40 -5.92 -12.72
C GLY D 475 2.31 -6.33 -14.17
N ASP D 476 3.43 -6.72 -14.79
CA ASP D 476 3.42 -7.10 -16.20
C ASP D 476 2.46 -8.26 -16.46
N PHE D 477 2.56 -9.33 -15.66
CA PHE D 477 1.72 -10.50 -15.89
C PHE D 477 0.25 -10.19 -15.70
N GLN D 478 -0.10 -9.46 -14.63
CA GLN D 478 -1.51 -9.27 -14.30
C GLN D 478 -2.19 -8.29 -15.26
N ASP D 479 -1.44 -7.37 -15.85
CA ASP D 479 -2.04 -6.26 -16.58
C ASP D 479 -1.88 -6.34 -18.09
N LEU D 480 -0.71 -6.77 -18.60
CA LEU D 480 -0.40 -6.69 -20.02
C LEU D 480 -0.19 -8.01 -20.71
N TYR D 481 0.12 -9.09 -19.97
CA TYR D 481 0.46 -10.36 -20.59
C TYR D 481 -0.70 -10.88 -21.45
N THR D 482 -1.93 -10.80 -20.95
CA THR D 482 -3.05 -11.42 -21.67
C THR D 482 -3.31 -10.75 -23.00
N SER D 483 -3.02 -9.45 -23.12
CA SER D 483 -3.34 -8.74 -24.36
C SER D 483 -2.66 -9.37 -25.56
N LEU D 484 -1.41 -9.83 -25.39
CA LEU D 484 -0.69 -10.43 -26.50
C LEU D 484 -1.07 -11.89 -26.73
N ASN D 485 -1.86 -12.48 -25.84
CA ASN D 485 -2.44 -13.79 -26.11
C ASN D 485 -3.64 -13.70 -27.04
N ARG D 486 -4.20 -12.52 -27.23
CA ARG D 486 -5.17 -12.30 -28.29
C ARG D 486 -4.44 -12.02 -29.60
N PRO D 487 -4.99 -12.44 -30.73
CA PRO D 487 -4.38 -12.12 -32.02
C PRO D 487 -4.63 -10.66 -32.39
N ALA D 488 -3.93 -10.22 -33.43
CA ALA D 488 -4.17 -8.93 -34.05
C ALA D 488 -4.49 -9.15 -35.53
N ALA D 489 -4.74 -8.05 -36.23
CA ALA D 489 -4.96 -8.07 -37.68
C ALA D 489 -6.08 -9.03 -38.07
N ASN D 490 -7.27 -8.77 -37.53
CA ASN D 490 -8.45 -9.59 -37.81
C ASN D 490 -8.23 -11.06 -37.48
N GLY D 491 -7.46 -11.32 -36.42
CA GLY D 491 -7.19 -12.69 -36.05
C GLY D 491 -6.13 -13.36 -36.89
N LYS D 492 -5.39 -12.61 -37.70
CA LYS D 492 -4.42 -13.19 -38.63
C LYS D 492 -2.98 -12.96 -38.21
N LEU D 493 -2.74 -12.22 -37.12
CA LEU D 493 -1.39 -12.06 -36.56
C LEU D 493 -1.39 -12.68 -35.17
N HIS D 494 -0.54 -13.68 -34.96
CA HIS D 494 -0.46 -14.40 -33.71
C HIS D 494 0.93 -14.19 -33.10
N PHE D 495 0.96 -13.68 -31.88
CA PHE D 495 2.21 -13.40 -31.19
C PHE D 495 2.68 -14.66 -30.47
N ALA D 496 3.97 -15.00 -30.66
CA ALA D 496 4.57 -16.17 -30.04
C ALA D 496 6.00 -15.83 -29.65
N GLY D 497 6.74 -16.85 -29.24
CA GLY D 497 8.04 -16.66 -28.63
C GLY D 497 7.99 -16.82 -27.12
N GLU D 498 9.15 -17.07 -26.53
CA GLU D 498 9.22 -17.42 -25.12
C GLU D 498 8.60 -16.34 -24.22
N ALA D 499 8.55 -15.09 -24.68
CA ALA D 499 7.92 -14.05 -23.86
C ALA D 499 6.44 -14.36 -23.65
N LEU D 500 5.80 -15.02 -24.61
CA LEU D 500 4.38 -15.37 -24.49
C LEU D 500 4.23 -16.74 -23.81
N SER D 501 4.69 -16.78 -22.56
CA SER D 501 4.61 -17.99 -21.76
C SER D 501 4.85 -17.61 -20.31
N VAL D 502 4.63 -18.58 -19.43
CA VAL D 502 4.97 -18.46 -18.03
C VAL D 502 6.26 -19.22 -17.72
N ARG D 503 7.03 -19.57 -18.74
CA ARG D 503 8.35 -20.16 -18.57
C ARG D 503 9.39 -19.32 -19.28
N HIS D 504 9.45 -18.03 -18.94
CA HIS D 504 10.44 -17.15 -19.55
C HIS D 504 11.84 -17.68 -19.33
N ALA D 505 12.71 -17.44 -20.31
CA ALA D 505 14.11 -17.85 -20.28
C ALA D 505 14.27 -19.36 -20.33
N TRP D 506 13.30 -20.07 -20.88
CA TRP D 506 13.37 -21.51 -21.06
C TRP D 506 12.91 -21.88 -22.46
N VAL D 507 13.47 -22.97 -22.98
CA VAL D 507 13.02 -23.49 -24.27
C VAL D 507 11.55 -23.83 -24.22
N VAL D 508 11.10 -24.45 -23.11
CA VAL D 508 9.70 -24.84 -23.01
C VAL D 508 8.78 -23.64 -23.17
N GLY D 509 9.22 -22.46 -22.69
CA GLY D 509 8.41 -21.27 -22.87
C GLY D 509 8.15 -20.95 -24.33
N ALA D 510 9.18 -21.08 -25.17
CA ALA D 510 8.98 -20.88 -26.60
C ALA D 510 8.09 -21.96 -27.19
N LEU D 511 8.24 -23.21 -26.73
CA LEU D 511 7.38 -24.27 -27.24
C LEU D 511 5.93 -24.04 -26.84
N ASP D 512 5.70 -23.61 -25.60
CA ASP D 512 4.33 -23.31 -25.17
C ASP D 512 3.72 -22.22 -26.04
N SER D 513 4.49 -21.17 -26.35
CA SER D 513 3.97 -20.08 -27.17
C SER D 513 3.60 -20.55 -28.56
N ALA D 514 4.39 -21.46 -29.12
CA ALA D 514 4.07 -21.99 -30.45
C ALA D 514 2.81 -22.84 -30.41
N TRP D 515 2.64 -23.62 -29.35
CA TRP D 515 1.41 -24.39 -29.19
C TRP D 515 0.20 -23.48 -29.18
N ARG D 516 0.25 -22.39 -28.41
CA ARG D 516 -0.89 -21.48 -28.33
C ARG D 516 -1.12 -20.77 -29.66
N ALA D 517 -0.05 -20.36 -30.34
CA ALA D 517 -0.20 -19.67 -31.62
C ALA D 517 -0.85 -20.57 -32.65
N VAL D 518 -0.38 -21.81 -32.76
CA VAL D 518 -0.97 -22.75 -33.71
C VAL D 518 -2.39 -23.09 -33.27
N TYR D 519 -2.64 -23.18 -31.97
CA TYR D 519 -4.00 -23.43 -31.50
C TYR D 519 -4.94 -22.33 -31.97
N ASN D 520 -4.58 -21.07 -31.73
CA ASN D 520 -5.43 -19.97 -32.14
C ASN D 520 -5.61 -19.94 -33.65
N TYR D 521 -4.54 -20.28 -34.39
CA TYR D 521 -4.65 -20.33 -35.85
C TYR D 521 -5.67 -21.38 -36.29
N LEU D 522 -5.55 -22.60 -35.75
CA LEU D 522 -6.52 -23.64 -36.09
C LEU D 522 -7.92 -23.25 -35.63
N TYR D 523 -8.01 -22.62 -34.46
CA TYR D 523 -9.30 -22.22 -33.92
C TYR D 523 -10.09 -21.36 -34.89
N VAL D 524 -9.41 -20.44 -35.59
CA VAL D 524 -10.11 -19.50 -36.44
C VAL D 524 -10.16 -19.91 -37.92
N THR D 525 -9.31 -20.84 -38.36
CA THR D 525 -9.26 -21.23 -39.76
C THR D 525 -9.74 -22.65 -40.02
N ASP D 526 -9.48 -23.58 -39.12
CA ASP D 526 -9.84 -24.98 -39.37
C ASP D 526 -9.99 -25.73 -38.06
N PRO D 527 -11.03 -25.44 -37.28
CA PRO D 527 -11.17 -26.09 -35.97
C PRO D 527 -11.35 -27.61 -36.06
N ALA D 528 -11.68 -28.14 -37.23
CA ALA D 528 -11.80 -29.59 -37.37
C ALA D 528 -10.48 -30.31 -37.14
N LYS D 529 -9.35 -29.60 -37.22
CA LYS D 529 -8.05 -30.17 -36.97
C LYS D 529 -7.64 -30.13 -35.50
N LEU D 530 -8.46 -29.53 -34.64
CA LEU D 530 -8.08 -29.44 -33.22
C LEU D 530 -7.92 -30.80 -32.57
N PRO D 531 -8.80 -31.78 -32.79
CA PRO D 531 -8.60 -33.09 -32.14
C PRO D 531 -7.26 -33.72 -32.48
N LYS D 532 -6.86 -33.71 -33.76
CA LYS D 532 -5.56 -34.26 -34.12
C LYS D 532 -4.44 -33.42 -33.53
N PHE D 533 -4.60 -32.10 -33.52
CA PHE D 533 -3.62 -31.23 -32.86
C PHE D 533 -3.47 -31.61 -31.39
N PHE D 534 -4.59 -31.79 -30.69
CA PHE D 534 -4.54 -32.22 -29.30
C PHE D 534 -3.85 -33.57 -29.17
N GLU D 535 -4.17 -34.51 -30.07
CA GLU D 535 -3.64 -35.86 -29.95
C GLU D 535 -2.12 -35.88 -30.10
N LEU D 536 -1.59 -35.08 -31.02
CA LEU D 536 -0.17 -35.10 -31.33
C LEU D 536 0.66 -34.18 -30.44
N TRP D 537 0.08 -33.06 -29.99
CA TRP D 537 0.86 -32.02 -29.33
C TRP D 537 0.31 -31.59 -27.98
N GLY D 538 -0.69 -32.27 -27.45
CA GLY D 538 -1.16 -32.01 -26.10
C GLY D 538 -2.51 -31.30 -26.07
N LYS D 539 -3.32 -31.66 -25.08
CA LYS D 539 -4.62 -31.01 -24.93
C LYS D 539 -4.49 -29.57 -24.44
N ASN D 540 -3.39 -29.25 -23.77
CA ASN D 540 -3.16 -27.93 -23.21
C ASN D 540 -1.69 -27.56 -23.38
N ALA D 541 -1.39 -26.27 -23.18
CA ALA D 541 -0.01 -25.83 -23.23
C ALA D 541 0.77 -26.31 -22.01
N GLU D 542 0.22 -26.11 -20.81
CA GLU D 542 0.94 -26.37 -19.57
C GLU D 542 0.35 -27.47 -18.72
N TRP D 543 -0.98 -27.57 -18.63
CA TRP D 543 -1.61 -28.59 -17.80
C TRP D 543 -1.02 -29.96 -18.09
N PHE D 544 -0.68 -30.69 -17.03
CA PHE D 544 0.02 -31.96 -17.17
C PHE D 544 -0.86 -33.00 -17.86
N GLU D 545 -0.21 -33.91 -18.58
CA GLU D 545 -0.89 -35.06 -19.15
C GLU D 545 0.11 -36.19 -19.40
#